data_1TD7
# 
_entry.id   1TD7 
# 
_audit_conform.dict_name       mmcif_pdbx.dic 
_audit_conform.dict_version    5.397 
_audit_conform.dict_location   http://mmcif.pdb.org/dictionaries/ascii/mmcif_pdbx.dic 
# 
loop_
_database_2.database_id 
_database_2.database_code 
_database_2.pdbx_database_accession 
_database_2.pdbx_DOI 
PDB   1TD7         pdb_00001td7 10.2210/pdb1td7/pdb 
RCSB  RCSB022555   ?            ?                   
WWPDB D_1000022555 ?            ?                   
# 
loop_
_pdbx_audit_revision_history.ordinal 
_pdbx_audit_revision_history.data_content_type 
_pdbx_audit_revision_history.major_revision 
_pdbx_audit_revision_history.minor_revision 
_pdbx_audit_revision_history.revision_date 
1 'Structure model' 1 0 2004-06-08 
2 'Structure model' 1 1 2008-04-30 
3 'Structure model' 1 2 2011-07-13 
4 'Structure model' 1 3 2023-10-25 
5 'Structure model' 1 4 2024-10-23 
# 
_pdbx_audit_revision_details.ordinal             1 
_pdbx_audit_revision_details.revision_ordinal    1 
_pdbx_audit_revision_details.data_content_type   'Structure model' 
_pdbx_audit_revision_details.provider            repository 
_pdbx_audit_revision_details.type                'Initial release' 
_pdbx_audit_revision_details.description         ? 
_pdbx_audit_revision_details.details             ? 
# 
loop_
_pdbx_audit_revision_group.ordinal 
_pdbx_audit_revision_group.revision_ordinal 
_pdbx_audit_revision_group.data_content_type 
_pdbx_audit_revision_group.group 
1 2 'Structure model' 'Version format compliance' 
2 3 'Structure model' 'Version format compliance' 
3 4 'Structure model' 'Data collection'           
4 4 'Structure model' 'Database references'       
5 4 'Structure model' 'Derived calculations'      
6 4 'Structure model' 'Refinement description'    
7 5 'Structure model' 'Structure summary'         
# 
loop_
_pdbx_audit_revision_category.ordinal 
_pdbx_audit_revision_category.revision_ordinal 
_pdbx_audit_revision_category.data_content_type 
_pdbx_audit_revision_category.category 
1  4 'Structure model' chem_comp_atom                
2  4 'Structure model' chem_comp_bond                
3  4 'Structure model' database_2                    
4  4 'Structure model' diffrn_source                 
5  4 'Structure model' pdbx_initial_refinement_model 
6  4 'Structure model' pdbx_struct_conn_angle        
7  4 'Structure model' struct_conn                   
8  4 'Structure model' struct_site                   
9  5 'Structure model' pdbx_entry_details            
10 5 'Structure model' pdbx_modification_feature     
# 
loop_
_pdbx_audit_revision_item.ordinal 
_pdbx_audit_revision_item.revision_ordinal 
_pdbx_audit_revision_item.data_content_type 
_pdbx_audit_revision_item.item 
1  4 'Structure model' '_database_2.pdbx_DOI'                        
2  4 'Structure model' '_database_2.pdbx_database_accession'         
3  4 'Structure model' '_diffrn_source.pdbx_synchrotron_site'        
4  4 'Structure model' '_pdbx_struct_conn_angle.ptnr1_auth_comp_id'  
5  4 'Structure model' '_pdbx_struct_conn_angle.ptnr1_auth_seq_id'   
6  4 'Structure model' '_pdbx_struct_conn_angle.ptnr1_label_atom_id' 
7  4 'Structure model' '_pdbx_struct_conn_angle.ptnr1_label_comp_id' 
8  4 'Structure model' '_pdbx_struct_conn_angle.ptnr1_label_seq_id'  
9  4 'Structure model' '_pdbx_struct_conn_angle.ptnr3_auth_comp_id'  
10 4 'Structure model' '_pdbx_struct_conn_angle.ptnr3_auth_seq_id'   
11 4 'Structure model' '_pdbx_struct_conn_angle.ptnr3_label_atom_id' 
12 4 'Structure model' '_pdbx_struct_conn_angle.ptnr3_label_comp_id' 
13 4 'Structure model' '_pdbx_struct_conn_angle.ptnr3_label_seq_id'  
14 4 'Structure model' '_pdbx_struct_conn_angle.value'               
15 4 'Structure model' '_struct_conn.pdbx_dist_value'                
16 4 'Structure model' '_struct_conn.ptnr1_auth_comp_id'             
17 4 'Structure model' '_struct_conn.ptnr1_auth_seq_id'              
18 4 'Structure model' '_struct_conn.ptnr1_label_asym_id'            
19 4 'Structure model' '_struct_conn.ptnr1_label_atom_id'            
20 4 'Structure model' '_struct_conn.ptnr1_label_comp_id'            
21 4 'Structure model' '_struct_conn.ptnr1_label_seq_id'             
22 4 'Structure model' '_struct_conn.ptnr2_auth_comp_id'             
23 4 'Structure model' '_struct_conn.ptnr2_auth_seq_id'              
24 4 'Structure model' '_struct_conn.ptnr2_label_asym_id'            
25 4 'Structure model' '_struct_conn.ptnr2_label_atom_id'            
26 4 'Structure model' '_struct_conn.ptnr2_label_comp_id'            
27 4 'Structure model' '_struct_conn.ptnr2_label_seq_id'             
28 4 'Structure model' '_struct_site.pdbx_auth_asym_id'              
29 4 'Structure model' '_struct_site.pdbx_auth_comp_id'              
30 4 'Structure model' '_struct_site.pdbx_auth_seq_id'               
# 
_pdbx_database_status.status_code                     REL 
_pdbx_database_status.entry_id                        1TD7 
_pdbx_database_status.recvd_initial_deposition_date   2004-05-21 
_pdbx_database_status.deposit_site                    RCSB 
_pdbx_database_status.process_site                    PDBJ 
_pdbx_database_status.status_code_sf                  ? 
_pdbx_database_status.status_code_mr                  ? 
_pdbx_database_status.SG_entry                        ? 
_pdbx_database_status.pdb_format_compatible           Y 
_pdbx_database_status.status_code_cs                  ? 
_pdbx_database_status.status_code_nmr_data            ? 
_pdbx_database_status.methods_development_category    ? 
# 
_pdbx_database_related.db_name        PDB 
_pdbx_database_related.db_id          1MF4 
_pdbx_database_related.details        
;Structure-based design of potent and selective inhibitors of phospholipase A2: Crystal structure of the complex formed between phospholipase A2 from Naja naja sagittifera and a design peptide inhibitor at 1.9 A resolution
;
_pdbx_database_related.content_type   unspecified 
# 
loop_
_audit_author.name 
_audit_author.pdbx_ordinal 
'Jabeen, T.'   1 
'Singh, N.'    2 
'Singh, R.K.'  3 
'Sharma, S.'   4 
'Perbandt, M.' 5 
'Betzel, C.'   6 
'Singh, T.P.'  7 
# 
_citation.id                        primary 
_citation.title                     
;Non-steroidal anti-inflammatory drugs as potent inhibitors of phospholipase A2: structure of the complex of phospholipase A2 with niflumic acid at 2.5 Angstroms resolution.
;
_citation.journal_abbrev            'Acta Crystallogr.,Sect.D' 
_citation.journal_volume            61 
_citation.page_first                1579 
_citation.page_last                 1586 
_citation.year                      2005 
_citation.journal_id_ASTM           ABCRE6 
_citation.country                   DK 
_citation.journal_id_ISSN           0907-4449 
_citation.journal_id_CSD            0766 
_citation.book_publisher            ? 
_citation.pdbx_database_id_PubMed   16301791 
_citation.pdbx_database_id_DOI      10.1107/S0907444905029604 
# 
loop_
_citation_author.citation_id 
_citation_author.name 
_citation_author.ordinal 
_citation_author.identifier_ORCID 
primary 'Jabeen, T.'      1 ? 
primary 'Singh, N.'       2 ? 
primary 'Singh, R.K.'     3 ? 
primary 'Sharma, S.'      4 ? 
primary 'Somvanshi, R.K.' 5 ? 
primary 'Dey, S.'         6 ? 
primary 'Singh, T.P.'     7 ? 
# 
loop_
_entity.id 
_entity.type 
_entity.src_method 
_entity.pdbx_description 
_entity.formula_weight 
_entity.pdbx_number_of_molecules 
_entity.pdbx_ec 
_entity.pdbx_mutation 
_entity.pdbx_fragment 
_entity.details 
1 polymer     nat 'Phospholipase A2 isoform 3'                         13183.592 1   3.1.1.4 ? ? ? 
2 non-polymer syn 'CALCIUM ION'                                        40.078    1   ?       ? ? ? 
3 non-polymer syn '2-{[3-(TRIFLUOROMETHYL)PHENYL]AMINO}NICOTINIC ACID' 282.218   1   ?       ? ? ? 
4 water       nat water                                                18.015    101 ?       ? ? ? 
# 
_entity_name_com.entity_id   1 
_entity_name_com.name        'Phospholipase A2, Phosphatidylcholine 2-acylhydrolase' 
# 
_entity_poly.entity_id                      1 
_entity_poly.type                           'polypeptide(L)' 
_entity_poly.nstd_linkage                   no 
_entity_poly.nstd_monomer                   no 
_entity_poly.pdbx_seq_one_letter_code       
;NLYQFKNMIQCTVPSRSWQDFADYGCYCGKGGSGTPVDDLDRCCQVHDNCYNEAENISGCRPYFKTYSYECTQGTLTCKG
DNNACAASVCDCDRLAAICFAGAPYNDANYNIDLKARCN
;
_entity_poly.pdbx_seq_one_letter_code_can   
;NLYQFKNMIQCTVPSRSWQDFADYGCYCGKGGSGTPVDDLDRCCQVHDNCYNEAENISGCRPYFKTYSYECTQGTLTCKG
DNNACAASVCDCDRLAAICFAGAPYNDANYNIDLKARCN
;
_entity_poly.pdbx_strand_id                 A 
_entity_poly.pdbx_target_identifier         ? 
# 
loop_
_pdbx_entity_nonpoly.entity_id 
_pdbx_entity_nonpoly.name 
_pdbx_entity_nonpoly.comp_id 
2 'CALCIUM ION'                                        CA  
3 '2-{[3-(TRIFLUOROMETHYL)PHENYL]AMINO}NICOTINIC ACID' NFL 
4 water                                                HOH 
# 
loop_
_entity_poly_seq.entity_id 
_entity_poly_seq.num 
_entity_poly_seq.mon_id 
_entity_poly_seq.hetero 
1 1   ASN n 
1 2   LEU n 
1 3   TYR n 
1 4   GLN n 
1 5   PHE n 
1 6   LYS n 
1 7   ASN n 
1 8   MET n 
1 9   ILE n 
1 10  GLN n 
1 11  CYS n 
1 12  THR n 
1 13  VAL n 
1 14  PRO n 
1 15  SER n 
1 16  ARG n 
1 17  SER n 
1 18  TRP n 
1 19  GLN n 
1 20  ASP n 
1 21  PHE n 
1 22  ALA n 
1 23  ASP n 
1 24  TYR n 
1 25  GLY n 
1 26  CYS n 
1 27  TYR n 
1 28  CYS n 
1 29  GLY n 
1 30  LYS n 
1 31  GLY n 
1 32  GLY n 
1 33  SER n 
1 34  GLY n 
1 35  THR n 
1 36  PRO n 
1 37  VAL n 
1 38  ASP n 
1 39  ASP n 
1 40  LEU n 
1 41  ASP n 
1 42  ARG n 
1 43  CYS n 
1 44  CYS n 
1 45  GLN n 
1 46  VAL n 
1 47  HIS n 
1 48  ASP n 
1 49  ASN n 
1 50  CYS n 
1 51  TYR n 
1 52  ASN n 
1 53  GLU n 
1 54  ALA n 
1 55  GLU n 
1 56  ASN n 
1 57  ILE n 
1 58  SER n 
1 59  GLY n 
1 60  CYS n 
1 61  ARG n 
1 62  PRO n 
1 63  TYR n 
1 64  PHE n 
1 65  LYS n 
1 66  THR n 
1 67  TYR n 
1 68  SER n 
1 69  TYR n 
1 70  GLU n 
1 71  CYS n 
1 72  THR n 
1 73  GLN n 
1 74  GLY n 
1 75  THR n 
1 76  LEU n 
1 77  THR n 
1 78  CYS n 
1 79  LYS n 
1 80  GLY n 
1 81  ASP n 
1 82  ASN n 
1 83  ASN n 
1 84  ALA n 
1 85  CYS n 
1 86  ALA n 
1 87  ALA n 
1 88  SER n 
1 89  VAL n 
1 90  CYS n 
1 91  ASP n 
1 92  CYS n 
1 93  ASP n 
1 94  ARG n 
1 95  LEU n 
1 96  ALA n 
1 97  ALA n 
1 98  ILE n 
1 99  CYS n 
1 100 PHE n 
1 101 ALA n 
1 102 GLY n 
1 103 ALA n 
1 104 PRO n 
1 105 TYR n 
1 106 ASN n 
1 107 ASP n 
1 108 ALA n 
1 109 ASN n 
1 110 TYR n 
1 111 ASN n 
1 112 ILE n 
1 113 ASP n 
1 114 LEU n 
1 115 LYS n 
1 116 ALA n 
1 117 ARG n 
1 118 CYS n 
1 119 ASN n 
# 
_entity_src_nat.entity_id                  1 
_entity_src_nat.pdbx_src_id                1 
_entity_src_nat.pdbx_alt_source_flag       sample 
_entity_src_nat.pdbx_beg_seq_num           ? 
_entity_src_nat.pdbx_end_seq_num           ? 
_entity_src_nat.common_name                ? 
_entity_src_nat.pdbx_organism_scientific   'Naja sagittifera' 
_entity_src_nat.pdbx_ncbi_taxonomy_id      195058 
_entity_src_nat.genus                      Naja 
_entity_src_nat.species                    ? 
_entity_src_nat.strain                     ? 
_entity_src_nat.tissue                     ? 
_entity_src_nat.tissue_fraction            ? 
_entity_src_nat.pdbx_secretion             Venom 
_entity_src_nat.pdbx_fragment              ? 
_entity_src_nat.pdbx_variant               ? 
_entity_src_nat.pdbx_cell_line             ? 
_entity_src_nat.pdbx_atcc                  ? 
_entity_src_nat.pdbx_cellular_location     ? 
_entity_src_nat.pdbx_organ                 ? 
_entity_src_nat.pdbx_organelle             ? 
_entity_src_nat.pdbx_cell                  ? 
_entity_src_nat.pdbx_plasmid_name          ? 
_entity_src_nat.pdbx_plasmid_details       ? 
_entity_src_nat.details                    ? 
# 
loop_
_chem_comp.id 
_chem_comp.type 
_chem_comp.mon_nstd_flag 
_chem_comp.name 
_chem_comp.pdbx_synonyms 
_chem_comp.formula 
_chem_comp.formula_weight 
ALA 'L-peptide linking' y ALANINE                                              ? 'C3 H7 N O2'      89.093  
ARG 'L-peptide linking' y ARGININE                                             ? 'C6 H15 N4 O2 1'  175.209 
ASN 'L-peptide linking' y ASPARAGINE                                           ? 'C4 H8 N2 O3'     132.118 
ASP 'L-peptide linking' y 'ASPARTIC ACID'                                      ? 'C4 H7 N O4'      133.103 
CA  non-polymer         . 'CALCIUM ION'                                        ? 'Ca 2'            40.078  
CYS 'L-peptide linking' y CYSTEINE                                             ? 'C3 H7 N O2 S'    121.158 
GLN 'L-peptide linking' y GLUTAMINE                                            ? 'C5 H10 N2 O3'    146.144 
GLU 'L-peptide linking' y 'GLUTAMIC ACID'                                      ? 'C5 H9 N O4'      147.129 
GLY 'peptide linking'   y GLYCINE                                              ? 'C2 H5 N O2'      75.067  
HIS 'L-peptide linking' y HISTIDINE                                            ? 'C6 H10 N3 O2 1'  156.162 
HOH non-polymer         . WATER                                                ? 'H2 O'            18.015  
ILE 'L-peptide linking' y ISOLEUCINE                                           ? 'C6 H13 N O2'     131.173 
LEU 'L-peptide linking' y LEUCINE                                              ? 'C6 H13 N O2'     131.173 
LYS 'L-peptide linking' y LYSINE                                               ? 'C6 H15 N2 O2 1'  147.195 
MET 'L-peptide linking' y METHIONINE                                           ? 'C5 H11 N O2 S'   149.211 
NFL non-polymer         . '2-{[3-(TRIFLUOROMETHYL)PHENYL]AMINO}NICOTINIC ACID' 
'2-[(3-TRIFLUOROMETHYL)PHENYL]AMINO-3-PYRIDINE-CARBOXYLIC ACID' 'C13 H9 F3 N2 O2' 282.218 
PHE 'L-peptide linking' y PHENYLALANINE                                        ? 'C9 H11 N O2'     165.189 
PRO 'L-peptide linking' y PROLINE                                              ? 'C5 H9 N O2'      115.130 
SER 'L-peptide linking' y SERINE                                               ? 'C3 H7 N O3'      105.093 
THR 'L-peptide linking' y THREONINE                                            ? 'C4 H9 N O3'      119.119 
TRP 'L-peptide linking' y TRYPTOPHAN                                           ? 'C11 H12 N2 O2'   204.225 
TYR 'L-peptide linking' y TYROSINE                                             ? 'C9 H11 N O3'     181.189 
VAL 'L-peptide linking' y VALINE                                               ? 'C5 H11 N O2'     117.146 
# 
loop_
_pdbx_poly_seq_scheme.asym_id 
_pdbx_poly_seq_scheme.entity_id 
_pdbx_poly_seq_scheme.seq_id 
_pdbx_poly_seq_scheme.mon_id 
_pdbx_poly_seq_scheme.ndb_seq_num 
_pdbx_poly_seq_scheme.pdb_seq_num 
_pdbx_poly_seq_scheme.auth_seq_num 
_pdbx_poly_seq_scheme.pdb_mon_id 
_pdbx_poly_seq_scheme.auth_mon_id 
_pdbx_poly_seq_scheme.pdb_strand_id 
_pdbx_poly_seq_scheme.pdb_ins_code 
_pdbx_poly_seq_scheme.hetero 
A 1 1   ASN 1   1   1   ASN ASN A . n 
A 1 2   LEU 2   2   2   LEU LEU A . n 
A 1 3   TYR 3   3   3   TYR TYR A . n 
A 1 4   GLN 4   4   4   GLN GLN A . n 
A 1 5   PHE 5   5   5   PHE PHE A . n 
A 1 6   LYS 6   6   6   LYS LYS A . n 
A 1 7   ASN 7   7   7   ASN ASN A . n 
A 1 8   MET 8   8   8   MET MET A . n 
A 1 9   ILE 9   9   9   ILE ILE A . n 
A 1 10  GLN 10  10  10  GLN GLN A . n 
A 1 11  CYS 11  11  11  CYS CYS A . n 
A 1 12  THR 12  12  12  THR THR A . n 
A 1 13  VAL 13  13  13  VAL VAL A . n 
A 1 14  PRO 14  14  14  PRO PRO A . n 
A 1 15  SER 15  15  15  SER SER A . n 
A 1 16  ARG 16  17  17  ARG ARG A . n 
A 1 17  SER 17  18  18  SER SER A . n 
A 1 18  TRP 18  19  19  TRP TRP A . n 
A 1 19  GLN 19  20  20  GLN GLN A . n 
A 1 20  ASP 20  21  21  ASP ASP A . n 
A 1 21  PHE 21  22  22  PHE PHE A . n 
A 1 22  ALA 22  23  23  ALA ALA A . n 
A 1 23  ASP 23  24  24  ASP ASP A . n 
A 1 24  TYR 24  25  25  TYR TYR A . n 
A 1 25  GLY 25  26  26  GLY GLY A . n 
A 1 26  CYS 26  27  27  CYS CYS A . n 
A 1 27  TYR 27  28  28  TYR TYR A . n 
A 1 28  CYS 28  29  29  CYS CYS A . n 
A 1 29  GLY 29  30  30  GLY GLY A . n 
A 1 30  LYS 30  31  31  LYS LYS A . n 
A 1 31  GLY 31  32  32  GLY GLY A . n 
A 1 32  GLY 32  33  33  GLY GLY A . n 
A 1 33  SER 33  34  34  SER SER A . n 
A 1 34  GLY 34  35  35  GLY GLY A . n 
A 1 35  THR 35  36  36  THR THR A . n 
A 1 36  PRO 36  37  37  PRO PRO A . n 
A 1 37  VAL 37  38  38  VAL VAL A . n 
A 1 38  ASP 38  39  39  ASP ASP A . n 
A 1 39  ASP 39  40  40  ASP ASP A . n 
A 1 40  LEU 40  41  41  LEU LEU A . n 
A 1 41  ASP 41  42  42  ASP ASP A . n 
A 1 42  ARG 42  43  43  ARG ARG A . n 
A 1 43  CYS 43  44  44  CYS CYS A . n 
A 1 44  CYS 44  45  45  CYS CYS A . n 
A 1 45  GLN 45  46  46  GLN GLN A . n 
A 1 46  VAL 46  47  47  VAL VAL A . n 
A 1 47  HIS 47  48  48  HIS HIS A . n 
A 1 48  ASP 48  49  49  ASP ASP A . n 
A 1 49  ASN 49  50  50  ASN ASN A . n 
A 1 50  CYS 50  51  51  CYS CYS A . n 
A 1 51  TYR 51  52  52  TYR TYR A . n 
A 1 52  ASN 52  53  53  ASN ASN A . n 
A 1 53  GLU 53  54  54  GLU GLU A . n 
A 1 54  ALA 54  55  55  ALA ALA A . n 
A 1 55  GLU 55  56  56  GLU GLU A . n 
A 1 56  ASN 56  57  57  ASN ASN A . n 
A 1 57  ILE 57  58  58  ILE ILE A . n 
A 1 58  SER 58  59  59  SER SER A . n 
A 1 59  GLY 59  60  60  GLY GLY A . n 
A 1 60  CYS 60  61  61  CYS CYS A . n 
A 1 61  ARG 61  62  62  ARG ARG A . n 
A 1 62  PRO 62  63  63  PRO PRO A . n 
A 1 63  TYR 63  64  64  TYR TYR A . n 
A 1 64  PHE 64  65  65  PHE PHE A . n 
A 1 65  LYS 65  66  66  LYS LYS A . n 
A 1 66  THR 66  67  67  THR THR A . n 
A 1 67  TYR 67  68  68  TYR TYR A . n 
A 1 68  SER 68  69  69  SER SER A . n 
A 1 69  TYR 69  70  70  TYR TYR A . n 
A 1 70  GLU 70  71  71  GLU GLU A . n 
A 1 71  CYS 71  72  72  CYS CYS A . n 
A 1 72  THR 72  73  73  THR THR A . n 
A 1 73  GLN 73  74  74  GLN GLN A . n 
A 1 74  GLY 74  75  75  GLY GLY A . n 
A 1 75  THR 75  76  76  THR THR A . n 
A 1 76  LEU 76  77  77  LEU LEU A . n 
A 1 77  THR 77  78  78  THR THR A . n 
A 1 78  CYS 78  79  79  CYS CYS A . n 
A 1 79  LYS 79  80  80  LYS LYS A . n 
A 1 80  GLY 80  81  81  GLY GLY A . n 
A 1 81  ASP 81  82  82  ASP ASP A . n 
A 1 82  ASN 82  83  83  ASN ASN A . n 
A 1 83  ASN 83  84  84  ASN ASN A . n 
A 1 84  ALA 84  85  85  ALA ALA A . n 
A 1 85  CYS 85  86  86  CYS CYS A . n 
A 1 86  ALA 86  87  87  ALA ALA A . n 
A 1 87  ALA 87  88  88  ALA ALA A . n 
A 1 88  SER 88  89  89  SER SER A . n 
A 1 89  VAL 89  90  90  VAL VAL A . n 
A 1 90  CYS 90  91  91  CYS CYS A . n 
A 1 91  ASP 91  92  92  ASP ASP A . n 
A 1 92  CYS 92  93  93  CYS CYS A . n 
A 1 93  ASP 93  94  94  ASP ASP A . n 
A 1 94  ARG 94  95  95  ARG ARG A . n 
A 1 95  LEU 95  96  96  LEU LEU A . n 
A 1 96  ALA 96  97  97  ALA ALA A . n 
A 1 97  ALA 97  98  98  ALA ALA A . n 
A 1 98  ILE 98  99  99  ILE ILE A . n 
A 1 99  CYS 99  100 100 CYS CYS A . n 
A 1 100 PHE 100 101 101 PHE PHE A . n 
A 1 101 ALA 101 102 102 ALA ALA A . n 
A 1 102 GLY 102 103 103 GLY GLY A . n 
A 1 103 ALA 103 104 104 ALA ALA A . n 
A 1 104 PRO 104 105 105 PRO PRO A . n 
A 1 105 TYR 105 106 106 TYR TYR A . n 
A 1 106 ASN 106 107 107 ASN ASN A . n 
A 1 107 ASP 107 108 108 ASP ASP A . n 
A 1 108 ALA 108 109 109 ALA ALA A . n 
A 1 109 ASN 109 110 110 ASN ASN A . n 
A 1 110 TYR 110 111 111 TYR TYR A . n 
A 1 111 ASN 111 112 112 ASN ASN A . n 
A 1 112 ILE 112 113 113 ILE ILE A . n 
A 1 113 ASP 113 114 114 ASP ASP A . n 
A 1 114 LEU 114 115 115 LEU LEU A . n 
A 1 115 LYS 115 116 116 LYS LYS A . n 
A 1 116 ALA 116 117 117 ALA ALA A . n 
A 1 117 ARG 117 118 118 ARG ARG A . n 
A 1 118 CYS 118 119 119 CYS CYS A . n 
A 1 119 ASN 119 120 120 ASN ASN A . n 
# 
loop_
_pdbx_nonpoly_scheme.asym_id 
_pdbx_nonpoly_scheme.entity_id 
_pdbx_nonpoly_scheme.mon_id 
_pdbx_nonpoly_scheme.ndb_seq_num 
_pdbx_nonpoly_scheme.pdb_seq_num 
_pdbx_nonpoly_scheme.auth_seq_num 
_pdbx_nonpoly_scheme.pdb_mon_id 
_pdbx_nonpoly_scheme.auth_mon_id 
_pdbx_nonpoly_scheme.pdb_strand_id 
_pdbx_nonpoly_scheme.pdb_ins_code 
B 2 CA  1   1001 1001 CA  CA  A . 
C 3 NFL 1   2001 2001 NFL NFL A . 
D 4 HOH 1   2002 1    HOH HOH A . 
D 4 HOH 2   2003 2    HOH HOH A . 
D 4 HOH 3   2004 3    HOH HOH A . 
D 4 HOH 4   2005 4    HOH HOH A . 
D 4 HOH 5   2006 5    HOH HOH A . 
D 4 HOH 6   2007 6    HOH HOH A . 
D 4 HOH 7   2008 7    HOH HOH A . 
D 4 HOH 8   2009 8    HOH HOH A . 
D 4 HOH 9   2010 9    HOH HOH A . 
D 4 HOH 10  2011 10   HOH HOH A . 
D 4 HOH 11  2012 11   HOH HOH A . 
D 4 HOH 12  2013 12   HOH HOH A . 
D 4 HOH 13  2014 13   HOH HOH A . 
D 4 HOH 14  2015 14   HOH HOH A . 
D 4 HOH 15  2016 15   HOH HOH A . 
D 4 HOH 16  2017 16   HOH HOH A . 
D 4 HOH 17  2018 17   HOH HOH A . 
D 4 HOH 18  2019 18   HOH HOH A . 
D 4 HOH 19  2020 19   HOH HOH A . 
D 4 HOH 20  2021 20   HOH HOH A . 
D 4 HOH 21  2022 21   HOH HOH A . 
D 4 HOH 22  2023 22   HOH HOH A . 
D 4 HOH 23  2024 23   HOH HOH A . 
D 4 HOH 24  2025 24   HOH HOH A . 
D 4 HOH 25  2026 25   HOH HOH A . 
D 4 HOH 26  2027 26   HOH HOH A . 
D 4 HOH 27  2028 27   HOH HOH A . 
D 4 HOH 28  2029 28   HOH HOH A . 
D 4 HOH 29  2030 29   HOH HOH A . 
D 4 HOH 30  2031 30   HOH HOH A . 
D 4 HOH 31  2032 31   HOH HOH A . 
D 4 HOH 32  2033 32   HOH HOH A . 
D 4 HOH 33  2034 33   HOH HOH A . 
D 4 HOH 34  2035 34   HOH HOH A . 
D 4 HOH 35  2036 35   HOH HOH A . 
D 4 HOH 36  2037 36   HOH HOH A . 
D 4 HOH 37  2038 37   HOH HOH A . 
D 4 HOH 38  2039 38   HOH HOH A . 
D 4 HOH 39  2040 39   HOH HOH A . 
D 4 HOH 40  2041 40   HOH HOH A . 
D 4 HOH 41  2042 41   HOH HOH A . 
D 4 HOH 42  2043 42   HOH HOH A . 
D 4 HOH 43  2044 43   HOH HOH A . 
D 4 HOH 44  2045 44   HOH HOH A . 
D 4 HOH 45  2046 45   HOH HOH A . 
D 4 HOH 46  2047 46   HOH HOH A . 
D 4 HOH 47  2048 47   HOH HOH A . 
D 4 HOH 48  2049 48   HOH HOH A . 
D 4 HOH 49  2050 49   HOH HOH A . 
D 4 HOH 50  2051 50   HOH HOH A . 
D 4 HOH 51  2052 51   HOH HOH A . 
D 4 HOH 52  2053 52   HOH HOH A . 
D 4 HOH 53  2054 53   HOH HOH A . 
D 4 HOH 54  2055 54   HOH HOH A . 
D 4 HOH 55  2056 55   HOH HOH A . 
D 4 HOH 56  2057 56   HOH HOH A . 
D 4 HOH 57  2058 57   HOH HOH A . 
D 4 HOH 58  2059 58   HOH HOH A . 
D 4 HOH 59  2060 59   HOH HOH A . 
D 4 HOH 60  2061 60   HOH HOH A . 
D 4 HOH 61  2062 61   HOH HOH A . 
D 4 HOH 62  2063 62   HOH HOH A . 
D 4 HOH 63  2064 63   HOH HOH A . 
D 4 HOH 64  2065 64   HOH HOH A . 
D 4 HOH 65  2066 65   HOH HOH A . 
D 4 HOH 66  2067 66   HOH HOH A . 
D 4 HOH 67  2068 67   HOH HOH A . 
D 4 HOH 68  2069 68   HOH HOH A . 
D 4 HOH 69  2070 69   HOH HOH A . 
D 4 HOH 70  2071 70   HOH HOH A . 
D 4 HOH 71  2072 71   HOH HOH A . 
D 4 HOH 72  2073 72   HOH HOH A . 
D 4 HOH 73  2074 73   HOH HOH A . 
D 4 HOH 74  2075 74   HOH HOH A . 
D 4 HOH 75  2076 75   HOH HOH A . 
D 4 HOH 76  2077 76   HOH HOH A . 
D 4 HOH 77  2078 77   HOH HOH A . 
D 4 HOH 78  2079 78   HOH HOH A . 
D 4 HOH 79  2080 79   HOH HOH A . 
D 4 HOH 80  2081 80   HOH HOH A . 
D 4 HOH 81  2082 81   HOH HOH A . 
D 4 HOH 82  2083 82   HOH HOH A . 
D 4 HOH 83  2084 83   HOH HOH A . 
D 4 HOH 84  2085 84   HOH HOH A . 
D 4 HOH 85  2086 85   HOH HOH A . 
D 4 HOH 86  2087 86   HOH HOH A . 
D 4 HOH 87  2088 87   HOH HOH A . 
D 4 HOH 88  2089 88   HOH HOH A . 
D 4 HOH 89  2090 89   HOH HOH A . 
D 4 HOH 90  2091 90   HOH HOH A . 
D 4 HOH 91  2092 91   HOH HOH A . 
D 4 HOH 92  2093 92   HOH HOH A . 
D 4 HOH 93  2094 93   HOH HOH A . 
D 4 HOH 94  2095 94   HOH HOH A . 
D 4 HOH 95  2096 95   HOH HOH A . 
D 4 HOH 96  2097 96   HOH HOH A . 
D 4 HOH 97  2098 97   HOH HOH A . 
D 4 HOH 98  2099 98   HOH HOH A . 
D 4 HOH 99  2100 99   HOH HOH A . 
D 4 HOH 100 2101 100  HOH HOH A . 
D 4 HOH 101 2102 101  HOH HOH A . 
# 
loop_
_software.name 
_software.classification 
_software.version 
_software.citation_id 
_software.pdbx_ordinal 
REFMAC    refinement       5.0 ? 1 
DENZO     'data reduction' .   ? 2 
SCALEPACK 'data scaling'   .   ? 3 
AMoRE     phasing          .   ? 4 
# 
_cell.entry_id           1TD7 
_cell.length_a           42.356 
_cell.length_b           42.356 
_cell.length_c           64.958 
_cell.angle_alpha        90.00 
_cell.angle_beta         90.00 
_cell.angle_gamma        90.00 
_cell.Z_PDB              4 
_cell.pdbx_unique_axis   ? 
# 
_symmetry.entry_id                         1TD7 
_symmetry.space_group_name_H-M             'P 41' 
_symmetry.pdbx_full_space_group_name_H-M   ? 
_symmetry.cell_setting                     ? 
_symmetry.Int_Tables_number                76 
_symmetry.space_group_name_Hall            ? 
# 
_exptl.entry_id          1TD7 
_exptl.method            'X-RAY DIFFRACTION' 
_exptl.crystals_number   1 
# 
_exptl_crystal.id                    1 
_exptl_crystal.density_meas          ? 
_exptl_crystal.density_Matthews      2.1 
_exptl_crystal.density_percent_sol   41 
_exptl_crystal.description           ? 
_exptl_crystal.F_000                 ? 
_exptl_crystal.preparation           ? 
# 
_exptl_crystal_grow.crystal_id      1 
_exptl_crystal_grow.method          'VAPOR DIFFUSION, SITTING DROP' 
_exptl_crystal_grow.temp            293 
_exptl_crystal_grow.temp_details    ? 
_exptl_crystal_grow.pH              6.0 
_exptl_crystal_grow.pdbx_details    
'10mM Sodium Phosphate, 2mM CaCl2, 25% Ethanol, pH 6.0, VAPOR DIFFUSION, SITTING DROP, temperature 293K' 
_exptl_crystal_grow.pdbx_pH_range   . 
# 
_diffrn.id                     1 
_diffrn.ambient_temp           200 
_diffrn.ambient_temp_details   ? 
_diffrn.crystal_id             1 
# 
_diffrn_detector.diffrn_id              1 
_diffrn_detector.detector               CCD 
_diffrn_detector.type                   MARRESEARCH 
_diffrn_detector.pdbx_collection_date   2004-04-28 
_diffrn_detector.details                monochromator 
# 
_diffrn_radiation.diffrn_id                        1 
_diffrn_radiation.wavelength_id                    1 
_diffrn_radiation.pdbx_monochromatic_or_laue_m_l   M 
_diffrn_radiation.monochromator                    Mirror 
_diffrn_radiation.pdbx_diffrn_protocol             'SINGLE WAVELENGTH' 
_diffrn_radiation.pdbx_scattering_type             x-ray 
# 
_diffrn_radiation_wavelength.id           1 
_diffrn_radiation_wavelength.wavelength   0.80200 
_diffrn_radiation_wavelength.wt           1.0 
# 
_diffrn_source.diffrn_id                   1 
_diffrn_source.source                      SYNCHROTRON 
_diffrn_source.type                        'EMBL/DESY, HAMBURG BEAMLINE X11' 
_diffrn_source.pdbx_synchrotron_site       'EMBL/DESY, HAMBURG' 
_diffrn_source.pdbx_synchrotron_beamline   X11 
_diffrn_source.pdbx_wavelength             ? 
_diffrn_source.pdbx_wavelength_list        0.80200 
# 
_reflns.entry_id                     1TD7 
_reflns.observed_criterion_sigma_F   0 
_reflns.observed_criterion_sigma_I   0 
_reflns.d_resolution_high            2.5 
_reflns.d_resolution_low             20.0 
_reflns.number_all                   4004 
_reflns.number_obs                   4004 
_reflns.percent_possible_obs         99.7 
_reflns.pdbx_Rmerge_I_obs            ? 
_reflns.pdbx_Rsym_value              0.063 
_reflns.pdbx_netI_over_sigmaI        20.6 
_reflns.B_iso_Wilson_estimate        ? 
_reflns.pdbx_redundancy              ? 
_reflns.R_free_details               ? 
_reflns.limit_h_max                  ? 
_reflns.limit_h_min                  ? 
_reflns.limit_k_max                  ? 
_reflns.limit_k_min                  ? 
_reflns.limit_l_max                  ? 
_reflns.limit_l_min                  ? 
_reflns.observed_criterion_F_max     ? 
_reflns.observed_criterion_F_min     ? 
_reflns.pdbx_chi_squared             ? 
_reflns.pdbx_scaling_rejects         ? 
_reflns.pdbx_diffrn_id               1 
_reflns.pdbx_ordinal                 1 
# 
_reflns_shell.d_res_high             2.50 
_reflns_shell.d_res_low              2.59 
_reflns_shell.percent_possible_all   99.5 
_reflns_shell.Rmerge_I_obs           ? 
_reflns_shell.pdbx_Rsym_value        0.238 
_reflns_shell.meanI_over_sigI_obs    7.5 
_reflns_shell.pdbx_redundancy        ? 
_reflns_shell.percent_possible_obs   ? 
_reflns_shell.number_unique_all      4004 
_reflns_shell.number_measured_all    ? 
_reflns_shell.number_measured_obs    ? 
_reflns_shell.number_unique_obs      ? 
_reflns_shell.pdbx_chi_squared       ? 
_reflns_shell.pdbx_diffrn_id         ? 
_reflns_shell.pdbx_ordinal           1 
# 
_refine.entry_id                                 1TD7 
_refine.ls_number_reflns_obs                     4004 
_refine.ls_number_reflns_all                     4004 
_refine.pdbx_ls_sigma_I                          0 
_refine.pdbx_ls_sigma_F                          0 
_refine.pdbx_data_cutoff_high_absF               ? 
_refine.pdbx_data_cutoff_low_absF                ? 
_refine.pdbx_data_cutoff_high_rms_absF           ? 
_refine.ls_d_res_low                             20 
_refine.ls_d_res_high                            2.50 
_refine.ls_percent_reflns_obs                    99.73 
_refine.ls_R_factor_obs                          0.19481 
_refine.ls_R_factor_all                          0.211 
_refine.ls_R_factor_R_work                       0.19262 
_refine.ls_R_factor_R_free                       0.24203 
_refine.ls_R_factor_R_free_error                 ? 
_refine.ls_R_factor_R_free_error_details         ? 
_refine.ls_percent_reflns_R_free                 4.5 
_refine.ls_number_reflns_R_free                  179 
_refine.ls_number_parameters                     ? 
_refine.ls_number_restraints                     ? 
_refine.occupancy_min                            ? 
_refine.occupancy_max                            ? 
_refine.correlation_coeff_Fo_to_Fc               0.936 
_refine.correlation_coeff_Fo_to_Fc_free          0.913 
_refine.B_iso_mean                               27.425 
_refine.aniso_B[1][1]                            -0.46 
_refine.aniso_B[2][2]                            -0.46 
_refine.aniso_B[3][3]                            0.93 
_refine.aniso_B[1][2]                            0.00 
_refine.aniso_B[1][3]                            0.00 
_refine.aniso_B[2][3]                            0.00 
_refine.solvent_model_details                    'BABINET MODEL WITH MASK' 
_refine.solvent_model_param_ksol                 ? 
_refine.solvent_model_param_bsol                 ? 
_refine.pdbx_solvent_vdw_probe_radii             1.40 
_refine.pdbx_solvent_ion_probe_radii             0.80 
_refine.pdbx_solvent_shrinkage_radii             0.80 
_refine.pdbx_ls_cross_valid_method               THROUGHOUT 
_refine.details                                  'HYDROGENS HAVE BEEN ADDED IN THE RIDING POSITIONS' 
_refine.pdbx_starting_model                      1MF4 
_refine.pdbx_method_to_determine_struct          'MOLECULAR REPLACEMENT' 
_refine.pdbx_isotropic_thermal_model             Restrained 
_refine.pdbx_stereochemistry_target_values       'MAXIMUM LIKELIHOOD' 
_refine.pdbx_stereochem_target_val_spec_case     ? 
_refine.pdbx_R_Free_selection_details            RANDOM 
_refine.pdbx_overall_ESU_R                       ? 
_refine.pdbx_overall_ESU_R_Free                  0.321 
_refine.overall_SU_ML                            0.276 
_refine.overall_SU_B                             12.371 
_refine.ls_redundancy_reflns_obs                 ? 
_refine.B_iso_min                                ? 
_refine.B_iso_max                                ? 
_refine.overall_SU_R_Cruickshank_DPI             ? 
_refine.overall_SU_R_free                        ? 
_refine.ls_wR_factor_R_free                      ? 
_refine.ls_wR_factor_R_work                      ? 
_refine.overall_FOM_free_R_set                   ? 
_refine.overall_FOM_work_R_set                   ? 
_refine.pdbx_refine_id                           'X-RAY DIFFRACTION' 
_refine.pdbx_diffrn_id                           1 
_refine.pdbx_TLS_residual_ADP_flag               ? 
_refine.pdbx_overall_phase_error                 ? 
_refine.pdbx_overall_SU_R_free_Cruickshank_DPI   ? 
_refine.pdbx_overall_SU_R_Blow_DPI               ? 
_refine.pdbx_overall_SU_R_free_Blow_DPI          ? 
# 
_refine_hist.pdbx_refine_id                   'X-RAY DIFFRACTION' 
_refine_hist.cycle_id                         LAST 
_refine_hist.pdbx_number_atoms_protein        914 
_refine_hist.pdbx_number_atoms_nucleic_acid   0 
_refine_hist.pdbx_number_atoms_ligand         21 
_refine_hist.number_atoms_solvent             101 
_refine_hist.number_atoms_total               1036 
_refine_hist.d_res_high                       2.50 
_refine_hist.d_res_low                        20 
# 
loop_
_refine_ls_restr.type 
_refine_ls_restr.dev_ideal 
_refine_ls_restr.dev_ideal_target 
_refine_ls_restr.weight 
_refine_ls_restr.number 
_refine_ls_restr.pdbx_refine_id 
_refine_ls_restr.pdbx_restraint_function 
r_bond_refined_d         0.015  0.021  ? 960  'X-RAY DIFFRACTION' ? 
r_bond_other_d           0.001  0.020  ? 751  'X-RAY DIFFRACTION' ? 
r_angle_refined_deg      1.812  1.964  ? 1305 'X-RAY DIFFRACTION' ? 
r_angle_other_deg        0.932  3.000  ? 1761 'X-RAY DIFFRACTION' ? 
r_dihedral_angle_1_deg   2.382  3.000  ? 117  'X-RAY DIFFRACTION' ? 
r_dihedral_angle_3_deg   15.921 15.000 ? 145  'X-RAY DIFFRACTION' ? 
r_chiral_restr           0.100  0.200  ? 130  'X-RAY DIFFRACTION' ? 
r_gen_planes_refined     0.005  0.020  ? 1105 'X-RAY DIFFRACTION' ? 
r_gen_planes_other       0.003  0.020  ? 204  'X-RAY DIFFRACTION' ? 
r_nbd_refined            0.321  0.300  ? 297  'X-RAY DIFFRACTION' ? 
r_nbd_other              0.231  0.300  ? 804  'X-RAY DIFFRACTION' ? 
r_xyhbond_nbd_refined    0.172  0.500  ? 100  'X-RAY DIFFRACTION' ? 
r_xyhbond_nbd_other      0.041  0.500  ? 2    'X-RAY DIFFRACTION' ? 
r_symmetry_vdw_refined   0.289  0.300  ? 14   'X-RAY DIFFRACTION' ? 
r_symmetry_vdw_other     0.305  0.300  ? 39   'X-RAY DIFFRACTION' ? 
r_symmetry_hbond_refined 0.214  0.500  ? 4    'X-RAY DIFFRACTION' ? 
r_mcbond_it              0.769  1.500  ? 589  'X-RAY DIFFRACTION' ? 
r_mcangle_it             1.507  2.000  ? 935  'X-RAY DIFFRACTION' ? 
r_scbond_it              2.060  3.000  ? 371  'X-RAY DIFFRACTION' ? 
r_scangle_it             3.411  4.500  ? 370  'X-RAY DIFFRACTION' ? 
# 
_refine_ls_shell.pdbx_total_number_of_bins_used   20 
_refine_ls_shell.d_res_high                       2.50 
_refine_ls_shell.d_res_low                        2.59 
_refine_ls_shell.number_reflns_R_work             257 
_refine_ls_shell.R_factor_R_work                  0.211 
_refine_ls_shell.percent_reflns_obs               99.5 
_refine_ls_shell.R_factor_R_free                  0.233 
_refine_ls_shell.R_factor_R_free_error            0.232 
_refine_ls_shell.percent_reflns_R_free            ? 
_refine_ls_shell.number_reflns_R_free             13 
_refine_ls_shell.number_reflns_obs                386 
_refine_ls_shell.redundancy_reflns_obs            ? 
_refine_ls_shell.number_reflns_all                ? 
_refine_ls_shell.R_factor_all                     ? 
_refine_ls_shell.pdbx_refine_id                   'X-RAY DIFFRACTION' 
# 
_struct.entry_id                  1TD7 
_struct.title                     
;Interactions of a specific non-steroidal anti-inflammatory drug (NSAID) with group I phospholipase A2 (PLA2): Crystal structure of the complex formed between PLA2 and niflumic acid at 2.5 A resolution
;
_struct.pdbx_model_details        ? 
_struct.pdbx_CASP_flag            ? 
_struct.pdbx_model_type_details   ? 
# 
_struct_keywords.entry_id        1TD7 
_struct_keywords.pdbx_keywords   HYDROLASE 
_struct_keywords.text            'Phospholipase A2, Enzyme, Inhibitor, hydrolase' 
# 
loop_
_struct_asym.id 
_struct_asym.pdbx_blank_PDB_chainid_flag 
_struct_asym.pdbx_modified 
_struct_asym.entity_id 
_struct_asym.details 
A N N 1 ? 
B N N 2 ? 
C N N 3 ? 
D N N 4 ? 
# 
_struct_ref.id                         1 
_struct_ref.db_name                    UNP 
_struct_ref.db_code                    PA23_NAJSG 
_struct_ref.pdbx_db_accession          P60045 
_struct_ref.entity_id                  1 
_struct_ref.pdbx_seq_one_letter_code   
;NLYQFKNMIQCTVPSRSWQDFADYGCYCGKGGSGTPVDDLDRCCQVHDNCYNEAENISGCRPYFKTYSYECTQGTLTCKG
DNNACAASVCDCDRLAAICFAGAPYNDANYNIDLKARCN
;
_struct_ref.pdbx_align_begin           8 
_struct_ref.pdbx_db_isoform            ? 
# 
_struct_ref_seq.align_id                      1 
_struct_ref_seq.ref_id                        1 
_struct_ref_seq.pdbx_PDB_id_code              1TD7 
_struct_ref_seq.pdbx_strand_id                A 
_struct_ref_seq.seq_align_beg                 1 
_struct_ref_seq.pdbx_seq_align_beg_ins_code   ? 
_struct_ref_seq.seq_align_end                 119 
_struct_ref_seq.pdbx_seq_align_end_ins_code   ? 
_struct_ref_seq.pdbx_db_accession             P60045 
_struct_ref_seq.db_align_beg                  8 
_struct_ref_seq.pdbx_db_align_beg_ins_code    ? 
_struct_ref_seq.db_align_end                  126 
_struct_ref_seq.pdbx_db_align_end_ins_code    ? 
_struct_ref_seq.pdbx_auth_seq_align_beg       1 
_struct_ref_seq.pdbx_auth_seq_align_end       120 
# 
_pdbx_struct_assembly.id                   1 
_pdbx_struct_assembly.details              author_defined_assembly 
_pdbx_struct_assembly.method_details       ? 
_pdbx_struct_assembly.oligomeric_details   monomeric 
_pdbx_struct_assembly.oligomeric_count     1 
# 
_pdbx_struct_assembly_gen.assembly_id       1 
_pdbx_struct_assembly_gen.oper_expression   1 
_pdbx_struct_assembly_gen.asym_id_list      A,B,C,D 
# 
_pdbx_struct_oper_list.id                   1 
_pdbx_struct_oper_list.type                 'identity operation' 
_pdbx_struct_oper_list.name                 1_555 
_pdbx_struct_oper_list.symmetry_operation   x,y,z 
_pdbx_struct_oper_list.matrix[1][1]         1.0000000000 
_pdbx_struct_oper_list.matrix[1][2]         0.0000000000 
_pdbx_struct_oper_list.matrix[1][3]         0.0000000000 
_pdbx_struct_oper_list.vector[1]            0.0000000000 
_pdbx_struct_oper_list.matrix[2][1]         0.0000000000 
_pdbx_struct_oper_list.matrix[2][2]         1.0000000000 
_pdbx_struct_oper_list.matrix[2][3]         0.0000000000 
_pdbx_struct_oper_list.vector[2]            0.0000000000 
_pdbx_struct_oper_list.matrix[3][1]         0.0000000000 
_pdbx_struct_oper_list.matrix[3][2]         0.0000000000 
_pdbx_struct_oper_list.matrix[3][3]         1.0000000000 
_pdbx_struct_oper_list.vector[3]            0.0000000000 
# 
loop_
_struct_conf.conf_type_id 
_struct_conf.id 
_struct_conf.pdbx_PDB_helix_id 
_struct_conf.beg_label_comp_id 
_struct_conf.beg_label_asym_id 
_struct_conf.beg_label_seq_id 
_struct_conf.pdbx_beg_PDB_ins_code 
_struct_conf.end_label_comp_id 
_struct_conf.end_label_asym_id 
_struct_conf.end_label_seq_id 
_struct_conf.pdbx_end_PDB_ins_code 
_struct_conf.beg_auth_comp_id 
_struct_conf.beg_auth_asym_id 
_struct_conf.beg_auth_seq_id 
_struct_conf.end_auth_comp_id 
_struct_conf.end_auth_asym_id 
_struct_conf.end_auth_seq_id 
_struct_conf.pdbx_PDB_helix_class 
_struct_conf.details 
_struct_conf.pdbx_PDB_helix_length 
HELX_P HELX_P1 1 ASN A 1   ? VAL A 13  ? ASN A 1   VAL A 13  1 ? 13 
HELX_P HELX_P2 2 SER A 17  ? ALA A 22  ? SER A 18  ALA A 23  5 ? 6  
HELX_P HELX_P3 3 ASP A 38  ? ASN A 56  ? ASP A 39  ASN A 57  1 ? 19 
HELX_P HELX_P4 4 ASN A 83  ? ALA A 103 ? ASN A 84  ALA A 104 1 ? 21 
HELX_P HELX_P5 5 ASN A 106 ? TYR A 110 ? ASN A 107 TYR A 111 5 ? 5  
HELX_P HELX_P6 6 ASP A 113 ? CYS A 118 ? ASP A 114 CYS A 119 1 ? 6  
# 
_struct_conf_type.id          HELX_P 
_struct_conf_type.criteria    ? 
_struct_conf_type.reference   ? 
# 
loop_
_struct_conn.id 
_struct_conn.conn_type_id 
_struct_conn.pdbx_leaving_atom_flag 
_struct_conn.pdbx_PDB_id 
_struct_conn.ptnr1_label_asym_id 
_struct_conn.ptnr1_label_comp_id 
_struct_conn.ptnr1_label_seq_id 
_struct_conn.ptnr1_label_atom_id 
_struct_conn.pdbx_ptnr1_label_alt_id 
_struct_conn.pdbx_ptnr1_PDB_ins_code 
_struct_conn.pdbx_ptnr1_standard_comp_id 
_struct_conn.ptnr1_symmetry 
_struct_conn.ptnr2_label_asym_id 
_struct_conn.ptnr2_label_comp_id 
_struct_conn.ptnr2_label_seq_id 
_struct_conn.ptnr2_label_atom_id 
_struct_conn.pdbx_ptnr2_label_alt_id 
_struct_conn.pdbx_ptnr2_PDB_ins_code 
_struct_conn.ptnr1_auth_asym_id 
_struct_conn.ptnr1_auth_comp_id 
_struct_conn.ptnr1_auth_seq_id 
_struct_conn.ptnr2_auth_asym_id 
_struct_conn.ptnr2_auth_comp_id 
_struct_conn.ptnr2_auth_seq_id 
_struct_conn.ptnr2_symmetry 
_struct_conn.pdbx_ptnr3_label_atom_id 
_struct_conn.pdbx_ptnr3_label_seq_id 
_struct_conn.pdbx_ptnr3_label_comp_id 
_struct_conn.pdbx_ptnr3_label_asym_id 
_struct_conn.pdbx_ptnr3_label_alt_id 
_struct_conn.pdbx_ptnr3_PDB_ins_code 
_struct_conn.details 
_struct_conn.pdbx_dist_value 
_struct_conn.pdbx_value_order 
_struct_conn.pdbx_role 
disulf1 disulf ? ? A CYS 11 SG  ? ? ? 1_555 A CYS 71  SG ? ? A CYS 11   A CYS 72   1_555 ? ? ? ? ? ? ? 2.021 ? ? 
disulf2 disulf ? ? A CYS 26 SG  ? ? ? 1_555 A CYS 118 SG ? ? A CYS 27   A CYS 119  1_555 ? ? ? ? ? ? ? 2.001 ? ? 
disulf3 disulf ? ? A CYS 28 SG  ? ? ? 1_555 A CYS 44  SG ? ? A CYS 29   A CYS 45   1_555 ? ? ? ? ? ? ? 2.033 ? ? 
disulf4 disulf ? ? A CYS 43 SG  ? ? ? 1_555 A CYS 99  SG ? ? A CYS 44   A CYS 100  1_555 ? ? ? ? ? ? ? 2.018 ? ? 
disulf5 disulf ? ? A CYS 50 SG  ? ? ? 1_555 A CYS 92  SG ? ? A CYS 51   A CYS 93   1_555 ? ? ? ? ? ? ? 2.011 ? ? 
disulf6 disulf ? ? A CYS 60 SG  ? ? ? 1_555 A CYS 85  SG ? ? A CYS 61   A CYS 86   1_555 ? ? ? ? ? ? ? 2.001 ? ? 
disulf7 disulf ? ? A CYS 78 SG  ? ? ? 1_555 A CYS 90  SG ? ? A CYS 79   A CYS 91   1_555 ? ? ? ? ? ? ? 2.017 ? ? 
metalc1 metalc ? ? A TYR 27 O   ? ? ? 1_555 B CA  .   CA ? ? A TYR 28   A CA  1001 1_555 ? ? ? ? ? ? ? 2.764 ? ? 
metalc2 metalc ? ? A GLY 29 O   ? ? ? 1_555 B CA  .   CA ? ? A GLY 30   A CA  1001 1_555 ? ? ? ? ? ? ? 2.268 ? ? 
metalc3 metalc ? ? A LYS 30 O   ? ? ? 1_555 B CA  .   CA ? ? A LYS 31   A CA  1001 1_555 ? ? ? ? ? ? ? 3.283 ? ? 
metalc4 metalc ? ? A GLY 31 O   ? ? ? 1_555 B CA  .   CA ? ? A GLY 32   A CA  1001 1_555 ? ? ? ? ? ? ? 2.607 ? ? 
metalc5 metalc ? ? A ASP 48 OD2 ? ? ? 1_555 B CA  .   CA ? ? A ASP 49   A CA  1001 1_555 ? ? ? ? ? ? ? 2.446 ? ? 
metalc6 metalc ? ? A ASP 48 OD1 ? ? ? 1_555 B CA  .   CA ? ? A ASP 49   A CA  1001 1_555 ? ? ? ? ? ? ? 3.048 ? ? 
metalc7 metalc ? ? B CA  .  CA  ? ? ? 1_555 D HOH .   O  ? ? A CA  1001 A HOH 2029 1_555 ? ? ? ? ? ? ? 2.349 ? ? 
metalc8 metalc ? ? B CA  .  CA  ? ? ? 1_555 D HOH .   O  ? ? A CA  1001 A HOH 2098 1_555 ? ? ? ? ? ? ? 3.360 ? ? 
# 
loop_
_struct_conn_type.id 
_struct_conn_type.criteria 
_struct_conn_type.reference 
disulf ? ? 
metalc ? ? 
# 
loop_
_pdbx_struct_conn_angle.id 
_pdbx_struct_conn_angle.ptnr1_label_atom_id 
_pdbx_struct_conn_angle.ptnr1_label_alt_id 
_pdbx_struct_conn_angle.ptnr1_label_asym_id 
_pdbx_struct_conn_angle.ptnr1_label_comp_id 
_pdbx_struct_conn_angle.ptnr1_label_seq_id 
_pdbx_struct_conn_angle.ptnr1_auth_atom_id 
_pdbx_struct_conn_angle.ptnr1_auth_asym_id 
_pdbx_struct_conn_angle.ptnr1_auth_comp_id 
_pdbx_struct_conn_angle.ptnr1_auth_seq_id 
_pdbx_struct_conn_angle.ptnr1_PDB_ins_code 
_pdbx_struct_conn_angle.ptnr1_symmetry 
_pdbx_struct_conn_angle.ptnr2_label_atom_id 
_pdbx_struct_conn_angle.ptnr2_label_alt_id 
_pdbx_struct_conn_angle.ptnr2_label_asym_id 
_pdbx_struct_conn_angle.ptnr2_label_comp_id 
_pdbx_struct_conn_angle.ptnr2_label_seq_id 
_pdbx_struct_conn_angle.ptnr2_auth_atom_id 
_pdbx_struct_conn_angle.ptnr2_auth_asym_id 
_pdbx_struct_conn_angle.ptnr2_auth_comp_id 
_pdbx_struct_conn_angle.ptnr2_auth_seq_id 
_pdbx_struct_conn_angle.ptnr2_PDB_ins_code 
_pdbx_struct_conn_angle.ptnr2_symmetry 
_pdbx_struct_conn_angle.ptnr3_label_atom_id 
_pdbx_struct_conn_angle.ptnr3_label_alt_id 
_pdbx_struct_conn_angle.ptnr3_label_asym_id 
_pdbx_struct_conn_angle.ptnr3_label_comp_id 
_pdbx_struct_conn_angle.ptnr3_label_seq_id 
_pdbx_struct_conn_angle.ptnr3_auth_atom_id 
_pdbx_struct_conn_angle.ptnr3_auth_asym_id 
_pdbx_struct_conn_angle.ptnr3_auth_comp_id 
_pdbx_struct_conn_angle.ptnr3_auth_seq_id 
_pdbx_struct_conn_angle.ptnr3_PDB_ins_code 
_pdbx_struct_conn_angle.ptnr3_symmetry 
_pdbx_struct_conn_angle.value 
_pdbx_struct_conn_angle.value_esd 
1  O   ? A TYR 27 ? A TYR 28   ? 1_555 CA ? B CA . ? A CA 1001 ? 1_555 O   ? A GLY 29 ? A GLY 30   ? 1_555 90.1  ? 
2  O   ? A TYR 27 ? A TYR 28   ? 1_555 CA ? B CA . ? A CA 1001 ? 1_555 O   ? A LYS 30 ? A LYS 31   ? 1_555 70.5  ? 
3  O   ? A GLY 29 ? A GLY 30   ? 1_555 CA ? B CA . ? A CA 1001 ? 1_555 O   ? A LYS 30 ? A LYS 31   ? 1_555 73.8  ? 
4  O   ? A TYR 27 ? A TYR 28   ? 1_555 CA ? B CA . ? A CA 1001 ? 1_555 O   ? A GLY 31 ? A GLY 32   ? 1_555 89.9  ? 
5  O   ? A GLY 29 ? A GLY 30   ? 1_555 CA ? B CA . ? A CA 1001 ? 1_555 O   ? A GLY 31 ? A GLY 32   ? 1_555 131.0 ? 
6  O   ? A LYS 30 ? A LYS 31   ? 1_555 CA ? B CA . ? A CA 1001 ? 1_555 O   ? A GLY 31 ? A GLY 32   ? 1_555 60.3  ? 
7  O   ? A TYR 27 ? A TYR 28   ? 1_555 CA ? B CA . ? A CA 1001 ? 1_555 OD2 ? A ASP 48 ? A ASP 49   ? 1_555 68.6  ? 
8  O   ? A GLY 29 ? A GLY 30   ? 1_555 CA ? B CA . ? A CA 1001 ? 1_555 OD2 ? A ASP 48 ? A ASP 49   ? 1_555 149.2 ? 
9  O   ? A LYS 30 ? A LYS 31   ? 1_555 CA ? B CA . ? A CA 1001 ? 1_555 OD2 ? A ASP 48 ? A ASP 49   ? 1_555 116.3 ? 
10 O   ? A GLY 31 ? A GLY 32   ? 1_555 CA ? B CA . ? A CA 1001 ? 1_555 OD2 ? A ASP 48 ? A ASP 49   ? 1_555 73.1  ? 
11 O   ? A TYR 27 ? A TYR 28   ? 1_555 CA ? B CA . ? A CA 1001 ? 1_555 OD1 ? A ASP 48 ? A ASP 49   ? 1_555 86.2  ? 
12 O   ? A GLY 29 ? A GLY 30   ? 1_555 CA ? B CA . ? A CA 1001 ? 1_555 OD1 ? A ASP 48 ? A ASP 49   ? 1_555 114.1 ? 
13 O   ? A LYS 30 ? A LYS 31   ? 1_555 CA ? B CA . ? A CA 1001 ? 1_555 OD1 ? A ASP 48 ? A ASP 49   ? 1_555 155.7 ? 
14 O   ? A GLY 31 ? A GLY 32   ? 1_555 CA ? B CA . ? A CA 1001 ? 1_555 OD1 ? A ASP 48 ? A ASP 49   ? 1_555 114.8 ? 
15 OD2 ? A ASP 48 ? A ASP 49   ? 1_555 CA ? B CA . ? A CA 1001 ? 1_555 OD1 ? A ASP 48 ? A ASP 49   ? 1_555 45.3  ? 
16 O   ? A TYR 27 ? A TYR 28   ? 1_555 CA ? B CA . ? A CA 1001 ? 1_555 O   ? D HOH .  ? A HOH 2029 ? 1_555 156.7 ? 
17 O   ? A GLY 29 ? A GLY 30   ? 1_555 CA ? B CA . ? A CA 1001 ? 1_555 O   ? D HOH .  ? A HOH 2029 ? 1_555 97.2  ? 
18 O   ? A LYS 30 ? A LYS 31   ? 1_555 CA ? B CA . ? A CA 1001 ? 1_555 O   ? D HOH .  ? A HOH 2029 ? 1_555 90.3  ? 
19 O   ? A GLY 31 ? A GLY 32   ? 1_555 CA ? B CA . ? A CA 1001 ? 1_555 O   ? D HOH .  ? A HOH 2029 ? 1_555 68.7  ? 
20 OD2 ? A ASP 48 ? A ASP 49   ? 1_555 CA ? B CA . ? A CA 1001 ? 1_555 O   ? D HOH .  ? A HOH 2029 ? 1_555 111.2 ? 
21 OD1 ? A ASP 48 ? A ASP 49   ? 1_555 CA ? B CA . ? A CA 1001 ? 1_555 O   ? D HOH .  ? A HOH 2029 ? 1_555 110.6 ? 
22 O   ? A TYR 27 ? A TYR 28   ? 1_555 CA ? B CA . ? A CA 1001 ? 1_555 O   ? D HOH .  ? A HOH 2098 ? 1_555 88.2  ? 
23 O   ? A GLY 29 ? A GLY 30   ? 1_555 CA ? B CA . ? A CA 1001 ? 1_555 O   ? D HOH .  ? A HOH 2098 ? 1_555 50.3  ? 
24 O   ? A LYS 30 ? A LYS 31   ? 1_555 CA ? B CA . ? A CA 1001 ? 1_555 O   ? D HOH .  ? A HOH 2098 ? 1_555 120.1 ? 
25 O   ? A GLY 31 ? A GLY 32   ? 1_555 CA ? B CA . ? A CA 1001 ? 1_555 O   ? D HOH .  ? A HOH 2098 ? 1_555 177.7 ? 
26 OD2 ? A ASP 48 ? A ASP 49   ? 1_555 CA ? B CA . ? A CA 1001 ? 1_555 O   ? D HOH .  ? A HOH 2098 ? 1_555 105.1 ? 
27 OD1 ? A ASP 48 ? A ASP 49   ? 1_555 CA ? B CA . ? A CA 1001 ? 1_555 O   ? D HOH .  ? A HOH 2098 ? 1_555 63.9  ? 
28 O   ? D HOH .  ? A HOH 2029 ? 1_555 CA ? B CA . ? A CA 1001 ? 1_555 O   ? D HOH .  ? A HOH 2098 ? 1_555 113.3 ? 
# 
loop_
_pdbx_modification_feature.ordinal 
_pdbx_modification_feature.label_comp_id 
_pdbx_modification_feature.label_asym_id 
_pdbx_modification_feature.label_seq_id 
_pdbx_modification_feature.label_alt_id 
_pdbx_modification_feature.modified_residue_label_comp_id 
_pdbx_modification_feature.modified_residue_label_asym_id 
_pdbx_modification_feature.modified_residue_label_seq_id 
_pdbx_modification_feature.modified_residue_label_alt_id 
_pdbx_modification_feature.auth_comp_id 
_pdbx_modification_feature.auth_asym_id 
_pdbx_modification_feature.auth_seq_id 
_pdbx_modification_feature.PDB_ins_code 
_pdbx_modification_feature.symmetry 
_pdbx_modification_feature.modified_residue_auth_comp_id 
_pdbx_modification_feature.modified_residue_auth_asym_id 
_pdbx_modification_feature.modified_residue_auth_seq_id 
_pdbx_modification_feature.modified_residue_PDB_ins_code 
_pdbx_modification_feature.modified_residue_symmetry 
_pdbx_modification_feature.comp_id_linking_atom 
_pdbx_modification_feature.modified_residue_id_linking_atom 
_pdbx_modification_feature.modified_residue_id 
_pdbx_modification_feature.ref_pcm_id 
_pdbx_modification_feature.ref_comp_id 
_pdbx_modification_feature.type 
_pdbx_modification_feature.category 
1 CYS A 11 ? CYS A 71  ? CYS A 11 ? 1_555 CYS A 72  ? 1_555 SG SG . . . None 'Disulfide bridge' 
2 CYS A 26 ? CYS A 118 ? CYS A 27 ? 1_555 CYS A 119 ? 1_555 SG SG . . . None 'Disulfide bridge' 
3 CYS A 28 ? CYS A 44  ? CYS A 29 ? 1_555 CYS A 45  ? 1_555 SG SG . . . None 'Disulfide bridge' 
4 CYS A 43 ? CYS A 99  ? CYS A 44 ? 1_555 CYS A 100 ? 1_555 SG SG . . . None 'Disulfide bridge' 
5 CYS A 50 ? CYS A 92  ? CYS A 51 ? 1_555 CYS A 93  ? 1_555 SG SG . . . None 'Disulfide bridge' 
6 CYS A 60 ? CYS A 85  ? CYS A 61 ? 1_555 CYS A 86  ? 1_555 SG SG . . . None 'Disulfide bridge' 
7 CYS A 78 ? CYS A 90  ? CYS A 79 ? 1_555 CYS A 91  ? 1_555 SG SG . . . None 'Disulfide bridge' 
# 
_struct_sheet.id               A 
_struct_sheet.type             ? 
_struct_sheet.number_strands   2 
_struct_sheet.details          ? 
# 
_struct_sheet_order.sheet_id     A 
_struct_sheet_order.range_id_1   1 
_struct_sheet_order.range_id_2   2 
_struct_sheet_order.offset       ? 
_struct_sheet_order.sense        anti-parallel 
# 
loop_
_struct_sheet_range.sheet_id 
_struct_sheet_range.id 
_struct_sheet_range.beg_label_comp_id 
_struct_sheet_range.beg_label_asym_id 
_struct_sheet_range.beg_label_seq_id 
_struct_sheet_range.pdbx_beg_PDB_ins_code 
_struct_sheet_range.end_label_comp_id 
_struct_sheet_range.end_label_asym_id 
_struct_sheet_range.end_label_seq_id 
_struct_sheet_range.pdbx_end_PDB_ins_code 
_struct_sheet_range.beg_auth_comp_id 
_struct_sheet_range.beg_auth_asym_id 
_struct_sheet_range.beg_auth_seq_id 
_struct_sheet_range.end_auth_comp_id 
_struct_sheet_range.end_auth_asym_id 
_struct_sheet_range.end_auth_seq_id 
A 1 TYR A 69 ? THR A 72 ? TYR A 70 THR A 73 
A 2 THR A 75 ? CYS A 78 ? THR A 76 CYS A 79 
# 
_pdbx_struct_sheet_hbond.sheet_id                A 
_pdbx_struct_sheet_hbond.range_id_1              1 
_pdbx_struct_sheet_hbond.range_id_2              2 
_pdbx_struct_sheet_hbond.range_1_label_atom_id   N 
_pdbx_struct_sheet_hbond.range_1_label_comp_id   GLU 
_pdbx_struct_sheet_hbond.range_1_label_asym_id   A 
_pdbx_struct_sheet_hbond.range_1_label_seq_id    70 
_pdbx_struct_sheet_hbond.range_1_PDB_ins_code    ? 
_pdbx_struct_sheet_hbond.range_1_auth_atom_id    N 
_pdbx_struct_sheet_hbond.range_1_auth_comp_id    GLU 
_pdbx_struct_sheet_hbond.range_1_auth_asym_id    A 
_pdbx_struct_sheet_hbond.range_1_auth_seq_id     71 
_pdbx_struct_sheet_hbond.range_2_label_atom_id   O 
_pdbx_struct_sheet_hbond.range_2_label_comp_id   THR 
_pdbx_struct_sheet_hbond.range_2_label_asym_id   A 
_pdbx_struct_sheet_hbond.range_2_label_seq_id    77 
_pdbx_struct_sheet_hbond.range_2_PDB_ins_code    ? 
_pdbx_struct_sheet_hbond.range_2_auth_atom_id    O 
_pdbx_struct_sheet_hbond.range_2_auth_comp_id    THR 
_pdbx_struct_sheet_hbond.range_2_auth_asym_id    A 
_pdbx_struct_sheet_hbond.range_2_auth_seq_id     78 
# 
loop_
_struct_site.id 
_struct_site.pdbx_evidence_code 
_struct_site.pdbx_auth_asym_id 
_struct_site.pdbx_auth_comp_id 
_struct_site.pdbx_auth_seq_id 
_struct_site.pdbx_auth_ins_code 
_struct_site.pdbx_num_residues 
_struct_site.details 
AC1 Software A CA  1001 ? 6  'BINDING SITE FOR RESIDUE CA A 1001'  
AC2 Software A NFL 2001 ? 13 'BINDING SITE FOR RESIDUE NFL A 2001' 
# 
loop_
_struct_site_gen.id 
_struct_site_gen.site_id 
_struct_site_gen.pdbx_num_res 
_struct_site_gen.label_comp_id 
_struct_site_gen.label_asym_id 
_struct_site_gen.label_seq_id 
_struct_site_gen.pdbx_auth_ins_code 
_struct_site_gen.auth_comp_id 
_struct_site_gen.auth_asym_id 
_struct_site_gen.auth_seq_id 
_struct_site_gen.label_atom_id 
_struct_site_gen.label_alt_id 
_struct_site_gen.symmetry 
_struct_site_gen.details 
1  AC1 6  TYR A 27  ? TYR A 28   . ? 1_555 ? 
2  AC1 6  GLY A 29  ? GLY A 30   . ? 1_555 ? 
3  AC1 6  LYS A 30  ? LYS A 31   . ? 1_555 ? 
4  AC1 6  GLY A 31  ? GLY A 32   . ? 1_555 ? 
5  AC1 6  ASP A 48  ? ASP A 49   . ? 1_555 ? 
6  AC1 6  HOH D .   ? HOH A 2029 . ? 1_555 ? 
7  AC2 13 LEU A 2   ? LEU A 2    . ? 1_555 ? 
8  AC2 13 PHE A 5   ? PHE A 5    . ? 1_555 ? 
9  AC2 13 LYS A 6   ? LYS A 6    . ? 1_555 ? 
10 AC2 13 ILE A 9   ? ILE A 9    . ? 1_555 ? 
11 AC2 13 TRP A 18  ? TRP A 19   . ? 1_555 ? 
12 AC2 13 PHE A 21  ? PHE A 22   . ? 1_555 ? 
13 AC2 13 GLY A 29  ? GLY A 30   . ? 1_555 ? 
14 AC2 13 TYR A 63  ? TYR A 64   . ? 1_555 ? 
15 AC2 13 PHE A 100 ? PHE A 101  . ? 1_555 ? 
16 AC2 13 HOH D .   ? HOH A 2063 . ? 1_555 ? 
17 AC2 13 HOH D .   ? HOH A 2098 . ? 1_555 ? 
18 AC2 13 HOH D .   ? HOH A 2099 . ? 1_555 ? 
19 AC2 13 HOH D .   ? HOH A 2100 . ? 1_555 ? 
# 
_pdbx_entry_details.entry_id                   1TD7 
_pdbx_entry_details.compound_details           ? 
_pdbx_entry_details.source_details             ? 
_pdbx_entry_details.nonpolymer_details         ? 
_pdbx_entry_details.sequence_details           ? 
_pdbx_entry_details.has_ligand_of_interest     ? 
_pdbx_entry_details.has_protein_modification   Y 
# 
loop_
_pdbx_validate_torsion.id 
_pdbx_validate_torsion.PDB_model_num 
_pdbx_validate_torsion.auth_comp_id 
_pdbx_validate_torsion.auth_asym_id 
_pdbx_validate_torsion.auth_seq_id 
_pdbx_validate_torsion.PDB_ins_code 
_pdbx_validate_torsion.label_alt_id 
_pdbx_validate_torsion.phi 
_pdbx_validate_torsion.psi 
1 1 ASP A 82  ? ? -89.39 43.05 
2 1 ASP A 114 ? ? -64.42 95.99 
# 
loop_
_chem_comp_atom.comp_id 
_chem_comp_atom.atom_id 
_chem_comp_atom.type_symbol 
_chem_comp_atom.pdbx_aromatic_flag 
_chem_comp_atom.pdbx_stereo_config 
_chem_comp_atom.pdbx_ordinal 
ALA N    N  N N 1   
ALA CA   C  N S 2   
ALA C    C  N N 3   
ALA O    O  N N 4   
ALA CB   C  N N 5   
ALA OXT  O  N N 6   
ALA H    H  N N 7   
ALA H2   H  N N 8   
ALA HA   H  N N 9   
ALA HB1  H  N N 10  
ALA HB2  H  N N 11  
ALA HB3  H  N N 12  
ALA HXT  H  N N 13  
ARG N    N  N N 14  
ARG CA   C  N S 15  
ARG C    C  N N 16  
ARG O    O  N N 17  
ARG CB   C  N N 18  
ARG CG   C  N N 19  
ARG CD   C  N N 20  
ARG NE   N  N N 21  
ARG CZ   C  N N 22  
ARG NH1  N  N N 23  
ARG NH2  N  N N 24  
ARG OXT  O  N N 25  
ARG H    H  N N 26  
ARG H2   H  N N 27  
ARG HA   H  N N 28  
ARG HB2  H  N N 29  
ARG HB3  H  N N 30  
ARG HG2  H  N N 31  
ARG HG3  H  N N 32  
ARG HD2  H  N N 33  
ARG HD3  H  N N 34  
ARG HE   H  N N 35  
ARG HH11 H  N N 36  
ARG HH12 H  N N 37  
ARG HH21 H  N N 38  
ARG HH22 H  N N 39  
ARG HXT  H  N N 40  
ASN N    N  N N 41  
ASN CA   C  N S 42  
ASN C    C  N N 43  
ASN O    O  N N 44  
ASN CB   C  N N 45  
ASN CG   C  N N 46  
ASN OD1  O  N N 47  
ASN ND2  N  N N 48  
ASN OXT  O  N N 49  
ASN H    H  N N 50  
ASN H2   H  N N 51  
ASN HA   H  N N 52  
ASN HB2  H  N N 53  
ASN HB3  H  N N 54  
ASN HD21 H  N N 55  
ASN HD22 H  N N 56  
ASN HXT  H  N N 57  
ASP N    N  N N 58  
ASP CA   C  N S 59  
ASP C    C  N N 60  
ASP O    O  N N 61  
ASP CB   C  N N 62  
ASP CG   C  N N 63  
ASP OD1  O  N N 64  
ASP OD2  O  N N 65  
ASP OXT  O  N N 66  
ASP H    H  N N 67  
ASP H2   H  N N 68  
ASP HA   H  N N 69  
ASP HB2  H  N N 70  
ASP HB3  H  N N 71  
ASP HD2  H  N N 72  
ASP HXT  H  N N 73  
CA  CA   CA N N 74  
CYS N    N  N N 75  
CYS CA   C  N R 76  
CYS C    C  N N 77  
CYS O    O  N N 78  
CYS CB   C  N N 79  
CYS SG   S  N N 80  
CYS OXT  O  N N 81  
CYS H    H  N N 82  
CYS H2   H  N N 83  
CYS HA   H  N N 84  
CYS HB2  H  N N 85  
CYS HB3  H  N N 86  
CYS HG   H  N N 87  
CYS HXT  H  N N 88  
GLN N    N  N N 89  
GLN CA   C  N S 90  
GLN C    C  N N 91  
GLN O    O  N N 92  
GLN CB   C  N N 93  
GLN CG   C  N N 94  
GLN CD   C  N N 95  
GLN OE1  O  N N 96  
GLN NE2  N  N N 97  
GLN OXT  O  N N 98  
GLN H    H  N N 99  
GLN H2   H  N N 100 
GLN HA   H  N N 101 
GLN HB2  H  N N 102 
GLN HB3  H  N N 103 
GLN HG2  H  N N 104 
GLN HG3  H  N N 105 
GLN HE21 H  N N 106 
GLN HE22 H  N N 107 
GLN HXT  H  N N 108 
GLU N    N  N N 109 
GLU CA   C  N S 110 
GLU C    C  N N 111 
GLU O    O  N N 112 
GLU CB   C  N N 113 
GLU CG   C  N N 114 
GLU CD   C  N N 115 
GLU OE1  O  N N 116 
GLU OE2  O  N N 117 
GLU OXT  O  N N 118 
GLU H    H  N N 119 
GLU H2   H  N N 120 
GLU HA   H  N N 121 
GLU HB2  H  N N 122 
GLU HB3  H  N N 123 
GLU HG2  H  N N 124 
GLU HG3  H  N N 125 
GLU HE2  H  N N 126 
GLU HXT  H  N N 127 
GLY N    N  N N 128 
GLY CA   C  N N 129 
GLY C    C  N N 130 
GLY O    O  N N 131 
GLY OXT  O  N N 132 
GLY H    H  N N 133 
GLY H2   H  N N 134 
GLY HA2  H  N N 135 
GLY HA3  H  N N 136 
GLY HXT  H  N N 137 
HIS N    N  N N 138 
HIS CA   C  N S 139 
HIS C    C  N N 140 
HIS O    O  N N 141 
HIS CB   C  N N 142 
HIS CG   C  Y N 143 
HIS ND1  N  Y N 144 
HIS CD2  C  Y N 145 
HIS CE1  C  Y N 146 
HIS NE2  N  Y N 147 
HIS OXT  O  N N 148 
HIS H    H  N N 149 
HIS H2   H  N N 150 
HIS HA   H  N N 151 
HIS HB2  H  N N 152 
HIS HB3  H  N N 153 
HIS HD1  H  N N 154 
HIS HD2  H  N N 155 
HIS HE1  H  N N 156 
HIS HE2  H  N N 157 
HIS HXT  H  N N 158 
HOH O    O  N N 159 
HOH H1   H  N N 160 
HOH H2   H  N N 161 
ILE N    N  N N 162 
ILE CA   C  N S 163 
ILE C    C  N N 164 
ILE O    O  N N 165 
ILE CB   C  N S 166 
ILE CG1  C  N N 167 
ILE CG2  C  N N 168 
ILE CD1  C  N N 169 
ILE OXT  O  N N 170 
ILE H    H  N N 171 
ILE H2   H  N N 172 
ILE HA   H  N N 173 
ILE HB   H  N N 174 
ILE HG12 H  N N 175 
ILE HG13 H  N N 176 
ILE HG21 H  N N 177 
ILE HG22 H  N N 178 
ILE HG23 H  N N 179 
ILE HD11 H  N N 180 
ILE HD12 H  N N 181 
ILE HD13 H  N N 182 
ILE HXT  H  N N 183 
LEU N    N  N N 184 
LEU CA   C  N S 185 
LEU C    C  N N 186 
LEU O    O  N N 187 
LEU CB   C  N N 188 
LEU CG   C  N N 189 
LEU CD1  C  N N 190 
LEU CD2  C  N N 191 
LEU OXT  O  N N 192 
LEU H    H  N N 193 
LEU H2   H  N N 194 
LEU HA   H  N N 195 
LEU HB2  H  N N 196 
LEU HB3  H  N N 197 
LEU HG   H  N N 198 
LEU HD11 H  N N 199 
LEU HD12 H  N N 200 
LEU HD13 H  N N 201 
LEU HD21 H  N N 202 
LEU HD22 H  N N 203 
LEU HD23 H  N N 204 
LEU HXT  H  N N 205 
LYS N    N  N N 206 
LYS CA   C  N S 207 
LYS C    C  N N 208 
LYS O    O  N N 209 
LYS CB   C  N N 210 
LYS CG   C  N N 211 
LYS CD   C  N N 212 
LYS CE   C  N N 213 
LYS NZ   N  N N 214 
LYS OXT  O  N N 215 
LYS H    H  N N 216 
LYS H2   H  N N 217 
LYS HA   H  N N 218 
LYS HB2  H  N N 219 
LYS HB3  H  N N 220 
LYS HG2  H  N N 221 
LYS HG3  H  N N 222 
LYS HD2  H  N N 223 
LYS HD3  H  N N 224 
LYS HE2  H  N N 225 
LYS HE3  H  N N 226 
LYS HZ1  H  N N 227 
LYS HZ2  H  N N 228 
LYS HZ3  H  N N 229 
LYS HXT  H  N N 230 
MET N    N  N N 231 
MET CA   C  N S 232 
MET C    C  N N 233 
MET O    O  N N 234 
MET CB   C  N N 235 
MET CG   C  N N 236 
MET SD   S  N N 237 
MET CE   C  N N 238 
MET OXT  O  N N 239 
MET H    H  N N 240 
MET H2   H  N N 241 
MET HA   H  N N 242 
MET HB2  H  N N 243 
MET HB3  H  N N 244 
MET HG2  H  N N 245 
MET HG3  H  N N 246 
MET HE1  H  N N 247 
MET HE2  H  N N 248 
MET HE3  H  N N 249 
MET HXT  H  N N 250 
NFL F3   F  N N 251 
NFL C15  C  N N 252 
NFL F1   F  N N 253 
NFL F2   F  N N 254 
NFL C9   C  Y N 255 
NFL C10  C  Y N 256 
NFL C11  C  Y N 257 
NFL C12  C  Y N 258 
NFL C13  C  Y N 259 
NFL C14  C  Y N 260 
NFL N2   N  N N 261 
NFL C1   C  Y N 262 
NFL N1   N  Y N 263 
NFL C2   C  Y N 264 
NFL C6   C  N N 265 
NFL O8   O  N N 266 
NFL O7   O  N N 267 
NFL C3   C  Y N 268 
NFL C4   C  Y N 269 
NFL C5   C  Y N 270 
NFL H10  H  N N 271 
NFL H12  H  N N 272 
NFL H13  H  N N 273 
NFL H14  H  N N 274 
NFL HN2  H  N N 275 
NFL HO8  H  N N 276 
NFL H3   H  N N 277 
NFL H4   H  N N 278 
NFL H5   H  N N 279 
PHE N    N  N N 280 
PHE CA   C  N S 281 
PHE C    C  N N 282 
PHE O    O  N N 283 
PHE CB   C  N N 284 
PHE CG   C  Y N 285 
PHE CD1  C  Y N 286 
PHE CD2  C  Y N 287 
PHE CE1  C  Y N 288 
PHE CE2  C  Y N 289 
PHE CZ   C  Y N 290 
PHE OXT  O  N N 291 
PHE H    H  N N 292 
PHE H2   H  N N 293 
PHE HA   H  N N 294 
PHE HB2  H  N N 295 
PHE HB3  H  N N 296 
PHE HD1  H  N N 297 
PHE HD2  H  N N 298 
PHE HE1  H  N N 299 
PHE HE2  H  N N 300 
PHE HZ   H  N N 301 
PHE HXT  H  N N 302 
PRO N    N  N N 303 
PRO CA   C  N S 304 
PRO C    C  N N 305 
PRO O    O  N N 306 
PRO CB   C  N N 307 
PRO CG   C  N N 308 
PRO CD   C  N N 309 
PRO OXT  O  N N 310 
PRO H    H  N N 311 
PRO HA   H  N N 312 
PRO HB2  H  N N 313 
PRO HB3  H  N N 314 
PRO HG2  H  N N 315 
PRO HG3  H  N N 316 
PRO HD2  H  N N 317 
PRO HD3  H  N N 318 
PRO HXT  H  N N 319 
SER N    N  N N 320 
SER CA   C  N S 321 
SER C    C  N N 322 
SER O    O  N N 323 
SER CB   C  N N 324 
SER OG   O  N N 325 
SER OXT  O  N N 326 
SER H    H  N N 327 
SER H2   H  N N 328 
SER HA   H  N N 329 
SER HB2  H  N N 330 
SER HB3  H  N N 331 
SER HG   H  N N 332 
SER HXT  H  N N 333 
THR N    N  N N 334 
THR CA   C  N S 335 
THR C    C  N N 336 
THR O    O  N N 337 
THR CB   C  N R 338 
THR OG1  O  N N 339 
THR CG2  C  N N 340 
THR OXT  O  N N 341 
THR H    H  N N 342 
THR H2   H  N N 343 
THR HA   H  N N 344 
THR HB   H  N N 345 
THR HG1  H  N N 346 
THR HG21 H  N N 347 
THR HG22 H  N N 348 
THR HG23 H  N N 349 
THR HXT  H  N N 350 
TRP N    N  N N 351 
TRP CA   C  N S 352 
TRP C    C  N N 353 
TRP O    O  N N 354 
TRP CB   C  N N 355 
TRP CG   C  Y N 356 
TRP CD1  C  Y N 357 
TRP CD2  C  Y N 358 
TRP NE1  N  Y N 359 
TRP CE2  C  Y N 360 
TRP CE3  C  Y N 361 
TRP CZ2  C  Y N 362 
TRP CZ3  C  Y N 363 
TRP CH2  C  Y N 364 
TRP OXT  O  N N 365 
TRP H    H  N N 366 
TRP H2   H  N N 367 
TRP HA   H  N N 368 
TRP HB2  H  N N 369 
TRP HB3  H  N N 370 
TRP HD1  H  N N 371 
TRP HE1  H  N N 372 
TRP HE3  H  N N 373 
TRP HZ2  H  N N 374 
TRP HZ3  H  N N 375 
TRP HH2  H  N N 376 
TRP HXT  H  N N 377 
TYR N    N  N N 378 
TYR CA   C  N S 379 
TYR C    C  N N 380 
TYR O    O  N N 381 
TYR CB   C  N N 382 
TYR CG   C  Y N 383 
TYR CD1  C  Y N 384 
TYR CD2  C  Y N 385 
TYR CE1  C  Y N 386 
TYR CE2  C  Y N 387 
TYR CZ   C  Y N 388 
TYR OH   O  N N 389 
TYR OXT  O  N N 390 
TYR H    H  N N 391 
TYR H2   H  N N 392 
TYR HA   H  N N 393 
TYR HB2  H  N N 394 
TYR HB3  H  N N 395 
TYR HD1  H  N N 396 
TYR HD2  H  N N 397 
TYR HE1  H  N N 398 
TYR HE2  H  N N 399 
TYR HH   H  N N 400 
TYR HXT  H  N N 401 
VAL N    N  N N 402 
VAL CA   C  N S 403 
VAL C    C  N N 404 
VAL O    O  N N 405 
VAL CB   C  N N 406 
VAL CG1  C  N N 407 
VAL CG2  C  N N 408 
VAL OXT  O  N N 409 
VAL H    H  N N 410 
VAL H2   H  N N 411 
VAL HA   H  N N 412 
VAL HB   H  N N 413 
VAL HG11 H  N N 414 
VAL HG12 H  N N 415 
VAL HG13 H  N N 416 
VAL HG21 H  N N 417 
VAL HG22 H  N N 418 
VAL HG23 H  N N 419 
VAL HXT  H  N N 420 
# 
loop_
_chem_comp_bond.comp_id 
_chem_comp_bond.atom_id_1 
_chem_comp_bond.atom_id_2 
_chem_comp_bond.value_order 
_chem_comp_bond.pdbx_aromatic_flag 
_chem_comp_bond.pdbx_stereo_config 
_chem_comp_bond.pdbx_ordinal 
ALA N   CA   sing N N 1   
ALA N   H    sing N N 2   
ALA N   H2   sing N N 3   
ALA CA  C    sing N N 4   
ALA CA  CB   sing N N 5   
ALA CA  HA   sing N N 6   
ALA C   O    doub N N 7   
ALA C   OXT  sing N N 8   
ALA CB  HB1  sing N N 9   
ALA CB  HB2  sing N N 10  
ALA CB  HB3  sing N N 11  
ALA OXT HXT  sing N N 12  
ARG N   CA   sing N N 13  
ARG N   H    sing N N 14  
ARG N   H2   sing N N 15  
ARG CA  C    sing N N 16  
ARG CA  CB   sing N N 17  
ARG CA  HA   sing N N 18  
ARG C   O    doub N N 19  
ARG C   OXT  sing N N 20  
ARG CB  CG   sing N N 21  
ARG CB  HB2  sing N N 22  
ARG CB  HB3  sing N N 23  
ARG CG  CD   sing N N 24  
ARG CG  HG2  sing N N 25  
ARG CG  HG3  sing N N 26  
ARG CD  NE   sing N N 27  
ARG CD  HD2  sing N N 28  
ARG CD  HD3  sing N N 29  
ARG NE  CZ   sing N N 30  
ARG NE  HE   sing N N 31  
ARG CZ  NH1  sing N N 32  
ARG CZ  NH2  doub N N 33  
ARG NH1 HH11 sing N N 34  
ARG NH1 HH12 sing N N 35  
ARG NH2 HH21 sing N N 36  
ARG NH2 HH22 sing N N 37  
ARG OXT HXT  sing N N 38  
ASN N   CA   sing N N 39  
ASN N   H    sing N N 40  
ASN N   H2   sing N N 41  
ASN CA  C    sing N N 42  
ASN CA  CB   sing N N 43  
ASN CA  HA   sing N N 44  
ASN C   O    doub N N 45  
ASN C   OXT  sing N N 46  
ASN CB  CG   sing N N 47  
ASN CB  HB2  sing N N 48  
ASN CB  HB3  sing N N 49  
ASN CG  OD1  doub N N 50  
ASN CG  ND2  sing N N 51  
ASN ND2 HD21 sing N N 52  
ASN ND2 HD22 sing N N 53  
ASN OXT HXT  sing N N 54  
ASP N   CA   sing N N 55  
ASP N   H    sing N N 56  
ASP N   H2   sing N N 57  
ASP CA  C    sing N N 58  
ASP CA  CB   sing N N 59  
ASP CA  HA   sing N N 60  
ASP C   O    doub N N 61  
ASP C   OXT  sing N N 62  
ASP CB  CG   sing N N 63  
ASP CB  HB2  sing N N 64  
ASP CB  HB3  sing N N 65  
ASP CG  OD1  doub N N 66  
ASP CG  OD2  sing N N 67  
ASP OD2 HD2  sing N N 68  
ASP OXT HXT  sing N N 69  
CYS N   CA   sing N N 70  
CYS N   H    sing N N 71  
CYS N   H2   sing N N 72  
CYS CA  C    sing N N 73  
CYS CA  CB   sing N N 74  
CYS CA  HA   sing N N 75  
CYS C   O    doub N N 76  
CYS C   OXT  sing N N 77  
CYS CB  SG   sing N N 78  
CYS CB  HB2  sing N N 79  
CYS CB  HB3  sing N N 80  
CYS SG  HG   sing N N 81  
CYS OXT HXT  sing N N 82  
GLN N   CA   sing N N 83  
GLN N   H    sing N N 84  
GLN N   H2   sing N N 85  
GLN CA  C    sing N N 86  
GLN CA  CB   sing N N 87  
GLN CA  HA   sing N N 88  
GLN C   O    doub N N 89  
GLN C   OXT  sing N N 90  
GLN CB  CG   sing N N 91  
GLN CB  HB2  sing N N 92  
GLN CB  HB3  sing N N 93  
GLN CG  CD   sing N N 94  
GLN CG  HG2  sing N N 95  
GLN CG  HG3  sing N N 96  
GLN CD  OE1  doub N N 97  
GLN CD  NE2  sing N N 98  
GLN NE2 HE21 sing N N 99  
GLN NE2 HE22 sing N N 100 
GLN OXT HXT  sing N N 101 
GLU N   CA   sing N N 102 
GLU N   H    sing N N 103 
GLU N   H2   sing N N 104 
GLU CA  C    sing N N 105 
GLU CA  CB   sing N N 106 
GLU CA  HA   sing N N 107 
GLU C   O    doub N N 108 
GLU C   OXT  sing N N 109 
GLU CB  CG   sing N N 110 
GLU CB  HB2  sing N N 111 
GLU CB  HB3  sing N N 112 
GLU CG  CD   sing N N 113 
GLU CG  HG2  sing N N 114 
GLU CG  HG3  sing N N 115 
GLU CD  OE1  doub N N 116 
GLU CD  OE2  sing N N 117 
GLU OE2 HE2  sing N N 118 
GLU OXT HXT  sing N N 119 
GLY N   CA   sing N N 120 
GLY N   H    sing N N 121 
GLY N   H2   sing N N 122 
GLY CA  C    sing N N 123 
GLY CA  HA2  sing N N 124 
GLY CA  HA3  sing N N 125 
GLY C   O    doub N N 126 
GLY C   OXT  sing N N 127 
GLY OXT HXT  sing N N 128 
HIS N   CA   sing N N 129 
HIS N   H    sing N N 130 
HIS N   H2   sing N N 131 
HIS CA  C    sing N N 132 
HIS CA  CB   sing N N 133 
HIS CA  HA   sing N N 134 
HIS C   O    doub N N 135 
HIS C   OXT  sing N N 136 
HIS CB  CG   sing N N 137 
HIS CB  HB2  sing N N 138 
HIS CB  HB3  sing N N 139 
HIS CG  ND1  sing Y N 140 
HIS CG  CD2  doub Y N 141 
HIS ND1 CE1  doub Y N 142 
HIS ND1 HD1  sing N N 143 
HIS CD2 NE2  sing Y N 144 
HIS CD2 HD2  sing N N 145 
HIS CE1 NE2  sing Y N 146 
HIS CE1 HE1  sing N N 147 
HIS NE2 HE2  sing N N 148 
HIS OXT HXT  sing N N 149 
HOH O   H1   sing N N 150 
HOH O   H2   sing N N 151 
ILE N   CA   sing N N 152 
ILE N   H    sing N N 153 
ILE N   H2   sing N N 154 
ILE CA  C    sing N N 155 
ILE CA  CB   sing N N 156 
ILE CA  HA   sing N N 157 
ILE C   O    doub N N 158 
ILE C   OXT  sing N N 159 
ILE CB  CG1  sing N N 160 
ILE CB  CG2  sing N N 161 
ILE CB  HB   sing N N 162 
ILE CG1 CD1  sing N N 163 
ILE CG1 HG12 sing N N 164 
ILE CG1 HG13 sing N N 165 
ILE CG2 HG21 sing N N 166 
ILE CG2 HG22 sing N N 167 
ILE CG2 HG23 sing N N 168 
ILE CD1 HD11 sing N N 169 
ILE CD1 HD12 sing N N 170 
ILE CD1 HD13 sing N N 171 
ILE OXT HXT  sing N N 172 
LEU N   CA   sing N N 173 
LEU N   H    sing N N 174 
LEU N   H2   sing N N 175 
LEU CA  C    sing N N 176 
LEU CA  CB   sing N N 177 
LEU CA  HA   sing N N 178 
LEU C   O    doub N N 179 
LEU C   OXT  sing N N 180 
LEU CB  CG   sing N N 181 
LEU CB  HB2  sing N N 182 
LEU CB  HB3  sing N N 183 
LEU CG  CD1  sing N N 184 
LEU CG  CD2  sing N N 185 
LEU CG  HG   sing N N 186 
LEU CD1 HD11 sing N N 187 
LEU CD1 HD12 sing N N 188 
LEU CD1 HD13 sing N N 189 
LEU CD2 HD21 sing N N 190 
LEU CD2 HD22 sing N N 191 
LEU CD2 HD23 sing N N 192 
LEU OXT HXT  sing N N 193 
LYS N   CA   sing N N 194 
LYS N   H    sing N N 195 
LYS N   H2   sing N N 196 
LYS CA  C    sing N N 197 
LYS CA  CB   sing N N 198 
LYS CA  HA   sing N N 199 
LYS C   O    doub N N 200 
LYS C   OXT  sing N N 201 
LYS CB  CG   sing N N 202 
LYS CB  HB2  sing N N 203 
LYS CB  HB3  sing N N 204 
LYS CG  CD   sing N N 205 
LYS CG  HG2  sing N N 206 
LYS CG  HG3  sing N N 207 
LYS CD  CE   sing N N 208 
LYS CD  HD2  sing N N 209 
LYS CD  HD3  sing N N 210 
LYS CE  NZ   sing N N 211 
LYS CE  HE2  sing N N 212 
LYS CE  HE3  sing N N 213 
LYS NZ  HZ1  sing N N 214 
LYS NZ  HZ2  sing N N 215 
LYS NZ  HZ3  sing N N 216 
LYS OXT HXT  sing N N 217 
MET N   CA   sing N N 218 
MET N   H    sing N N 219 
MET N   H2   sing N N 220 
MET CA  C    sing N N 221 
MET CA  CB   sing N N 222 
MET CA  HA   sing N N 223 
MET C   O    doub N N 224 
MET C   OXT  sing N N 225 
MET CB  CG   sing N N 226 
MET CB  HB2  sing N N 227 
MET CB  HB3  sing N N 228 
MET CG  SD   sing N N 229 
MET CG  HG2  sing N N 230 
MET CG  HG3  sing N N 231 
MET SD  CE   sing N N 232 
MET CE  HE1  sing N N 233 
MET CE  HE2  sing N N 234 
MET CE  HE3  sing N N 235 
MET OXT HXT  sing N N 236 
NFL F3  C15  sing N N 237 
NFL C15 F1   sing N N 238 
NFL C15 F2   sing N N 239 
NFL C15 C9   sing N N 240 
NFL C9  C10  doub Y N 241 
NFL C9  C14  sing Y N 242 
NFL C10 C11  sing Y N 243 
NFL C10 H10  sing N N 244 
NFL C11 C12  doub Y N 245 
NFL C11 N2   sing N N 246 
NFL C12 C13  sing Y N 247 
NFL C12 H12  sing N N 248 
NFL C13 C14  doub Y N 249 
NFL C13 H13  sing N N 250 
NFL C14 H14  sing N N 251 
NFL N2  C1   sing N N 252 
NFL N2  HN2  sing N N 253 
NFL C1  N1   doub Y N 254 
NFL C1  C2   sing Y N 255 
NFL N1  C5   sing Y N 256 
NFL C2  C6   sing N N 257 
NFL C2  C3   doub Y N 258 
NFL C6  O8   sing N N 259 
NFL C6  O7   doub N N 260 
NFL O8  HO8  sing N N 261 
NFL C3  C4   sing Y N 262 
NFL C3  H3   sing N N 263 
NFL C4  C5   doub Y N 264 
NFL C4  H4   sing N N 265 
NFL C5  H5   sing N N 266 
PHE N   CA   sing N N 267 
PHE N   H    sing N N 268 
PHE N   H2   sing N N 269 
PHE CA  C    sing N N 270 
PHE CA  CB   sing N N 271 
PHE CA  HA   sing N N 272 
PHE C   O    doub N N 273 
PHE C   OXT  sing N N 274 
PHE CB  CG   sing N N 275 
PHE CB  HB2  sing N N 276 
PHE CB  HB3  sing N N 277 
PHE CG  CD1  doub Y N 278 
PHE CG  CD2  sing Y N 279 
PHE CD1 CE1  sing Y N 280 
PHE CD1 HD1  sing N N 281 
PHE CD2 CE2  doub Y N 282 
PHE CD2 HD2  sing N N 283 
PHE CE1 CZ   doub Y N 284 
PHE CE1 HE1  sing N N 285 
PHE CE2 CZ   sing Y N 286 
PHE CE2 HE2  sing N N 287 
PHE CZ  HZ   sing N N 288 
PHE OXT HXT  sing N N 289 
PRO N   CA   sing N N 290 
PRO N   CD   sing N N 291 
PRO N   H    sing N N 292 
PRO CA  C    sing N N 293 
PRO CA  CB   sing N N 294 
PRO CA  HA   sing N N 295 
PRO C   O    doub N N 296 
PRO C   OXT  sing N N 297 
PRO CB  CG   sing N N 298 
PRO CB  HB2  sing N N 299 
PRO CB  HB3  sing N N 300 
PRO CG  CD   sing N N 301 
PRO CG  HG2  sing N N 302 
PRO CG  HG3  sing N N 303 
PRO CD  HD2  sing N N 304 
PRO CD  HD3  sing N N 305 
PRO OXT HXT  sing N N 306 
SER N   CA   sing N N 307 
SER N   H    sing N N 308 
SER N   H2   sing N N 309 
SER CA  C    sing N N 310 
SER CA  CB   sing N N 311 
SER CA  HA   sing N N 312 
SER C   O    doub N N 313 
SER C   OXT  sing N N 314 
SER CB  OG   sing N N 315 
SER CB  HB2  sing N N 316 
SER CB  HB3  sing N N 317 
SER OG  HG   sing N N 318 
SER OXT HXT  sing N N 319 
THR N   CA   sing N N 320 
THR N   H    sing N N 321 
THR N   H2   sing N N 322 
THR CA  C    sing N N 323 
THR CA  CB   sing N N 324 
THR CA  HA   sing N N 325 
THR C   O    doub N N 326 
THR C   OXT  sing N N 327 
THR CB  OG1  sing N N 328 
THR CB  CG2  sing N N 329 
THR CB  HB   sing N N 330 
THR OG1 HG1  sing N N 331 
THR CG2 HG21 sing N N 332 
THR CG2 HG22 sing N N 333 
THR CG2 HG23 sing N N 334 
THR OXT HXT  sing N N 335 
TRP N   CA   sing N N 336 
TRP N   H    sing N N 337 
TRP N   H2   sing N N 338 
TRP CA  C    sing N N 339 
TRP CA  CB   sing N N 340 
TRP CA  HA   sing N N 341 
TRP C   O    doub N N 342 
TRP C   OXT  sing N N 343 
TRP CB  CG   sing N N 344 
TRP CB  HB2  sing N N 345 
TRP CB  HB3  sing N N 346 
TRP CG  CD1  doub Y N 347 
TRP CG  CD2  sing Y N 348 
TRP CD1 NE1  sing Y N 349 
TRP CD1 HD1  sing N N 350 
TRP CD2 CE2  doub Y N 351 
TRP CD2 CE3  sing Y N 352 
TRP NE1 CE2  sing Y N 353 
TRP NE1 HE1  sing N N 354 
TRP CE2 CZ2  sing Y N 355 
TRP CE3 CZ3  doub Y N 356 
TRP CE3 HE3  sing N N 357 
TRP CZ2 CH2  doub Y N 358 
TRP CZ2 HZ2  sing N N 359 
TRP CZ3 CH2  sing Y N 360 
TRP CZ3 HZ3  sing N N 361 
TRP CH2 HH2  sing N N 362 
TRP OXT HXT  sing N N 363 
TYR N   CA   sing N N 364 
TYR N   H    sing N N 365 
TYR N   H2   sing N N 366 
TYR CA  C    sing N N 367 
TYR CA  CB   sing N N 368 
TYR CA  HA   sing N N 369 
TYR C   O    doub N N 370 
TYR C   OXT  sing N N 371 
TYR CB  CG   sing N N 372 
TYR CB  HB2  sing N N 373 
TYR CB  HB3  sing N N 374 
TYR CG  CD1  doub Y N 375 
TYR CG  CD2  sing Y N 376 
TYR CD1 CE1  sing Y N 377 
TYR CD1 HD1  sing N N 378 
TYR CD2 CE2  doub Y N 379 
TYR CD2 HD2  sing N N 380 
TYR CE1 CZ   doub Y N 381 
TYR CE1 HE1  sing N N 382 
TYR CE2 CZ   sing Y N 383 
TYR CE2 HE2  sing N N 384 
TYR CZ  OH   sing N N 385 
TYR OH  HH   sing N N 386 
TYR OXT HXT  sing N N 387 
VAL N   CA   sing N N 388 
VAL N   H    sing N N 389 
VAL N   H2   sing N N 390 
VAL CA  C    sing N N 391 
VAL CA  CB   sing N N 392 
VAL CA  HA   sing N N 393 
VAL C   O    doub N N 394 
VAL C   OXT  sing N N 395 
VAL CB  CG1  sing N N 396 
VAL CB  CG2  sing N N 397 
VAL CB  HB   sing N N 398 
VAL CG1 HG11 sing N N 399 
VAL CG1 HG12 sing N N 400 
VAL CG1 HG13 sing N N 401 
VAL CG2 HG21 sing N N 402 
VAL CG2 HG22 sing N N 403 
VAL CG2 HG23 sing N N 404 
VAL OXT HXT  sing N N 405 
# 
_pdbx_initial_refinement_model.id               1 
_pdbx_initial_refinement_model.entity_id_list   ? 
_pdbx_initial_refinement_model.type             'experimental model' 
_pdbx_initial_refinement_model.source_name      PDB 
_pdbx_initial_refinement_model.accession_code   1MF4 
_pdbx_initial_refinement_model.details          ? 
# 
_atom_sites.entry_id                    1TD7 
_atom_sites.fract_transf_matrix[1][1]   -0.01093318 
_atom_sites.fract_transf_matrix[1][2]   0.01320568 
_atom_sites.fract_transf_matrix[1][3]   0.01623146 
_atom_sites.fract_transf_matrix[2][1]   -0.02003188 
_atom_sites.fract_transf_matrix[2][2]   -0.00131253 
_atom_sites.fract_transf_matrix[2][3]   -0.01242521 
_atom_sites.fract_transf_matrix[3][1]   -0.00394357 
_atom_sites.fract_transf_matrix[3][2]   -0.01273268 
_atom_sites.fract_transf_matrix[3][3]   0.00770281 
_atom_sites.fract_transf_vector[1]      0.228698 
_atom_sites.fract_transf_vector[2]      0.466033 
_atom_sites.fract_transf_vector[3]      -0.005891 
# 
loop_
_atom_type.symbol 
C  
CA 
F  
N  
O  
S  
# 
loop_
_atom_site.group_PDB 
_atom_site.id 
_atom_site.type_symbol 
_atom_site.label_atom_id 
_atom_site.label_alt_id 
_atom_site.label_comp_id 
_atom_site.label_asym_id 
_atom_site.label_entity_id 
_atom_site.label_seq_id 
_atom_site.pdbx_PDB_ins_code 
_atom_site.Cartn_x 
_atom_site.Cartn_y 
_atom_site.Cartn_z 
_atom_site.occupancy 
_atom_site.B_iso_or_equiv 
_atom_site.pdbx_formal_charge 
_atom_site.auth_seq_id 
_atom_site.auth_comp_id 
_atom_site.auth_asym_id 
_atom_site.auth_atom_id 
_atom_site.pdbx_PDB_model_num 
ATOM   1    N  N   . ASN A 1 1   ? -3.612  -9.609  2.147   1.00 23.81 ? 1    ASN A N   1 
ATOM   2    C  CA  . ASN A 1 1   ? -2.782  -9.390  3.398   1.00 24.25 ? 1    ASN A CA  1 
ATOM   3    C  C   . ASN A 1 1   ? -1.398  -8.864  3.089   1.00 24.54 ? 1    ASN A C   1 
ATOM   4    O  O   . ASN A 1 1   ? -0.988  -8.874  1.958   1.00 24.15 ? 1    ASN A O   1 
ATOM   5    C  CB  . ASN A 1 1   ? -2.631  -10.666 4.219   1.00 23.68 ? 1    ASN A CB  1 
ATOM   6    C  CG  . ASN A 1 1   ? -1.966  -11.785 3.441   1.00 22.12 ? 1    ASN A CG  1 
ATOM   7    O  OD1 . ASN A 1 1   ? -0.925  -11.600 2.797   1.00 19.32 ? 1    ASN A OD1 1 
ATOM   8    N  ND2 . ASN A 1 1   ? -2.591  -12.938 3.458   1.00 20.06 ? 1    ASN A ND2 1 
ATOM   9    N  N   . LEU A 1 2   ? -0.763  -8.279  4.097   1.00 25.59 ? 2    LEU A N   1 
ATOM   10   C  CA  . LEU A 1 2   ? 0.589   -7.751  4.012   1.00 26.56 ? 2    LEU A CA  1 
ATOM   11   C  C   . LEU A 1 2   ? 1.564   -8.574  3.174   1.00 25.90 ? 2    LEU A C   1 
ATOM   12   O  O   . LEU A 1 2   ? 2.362   -8.024  2.450   1.00 26.08 ? 2    LEU A O   1 
ATOM   13   C  CB  . LEU A 1 2   ? 1.132   -7.586  5.415   1.00 27.16 ? 2    LEU A CB  1 
ATOM   14   C  CG  . LEU A 1 2   ? 1.543   -6.160  5.749   1.00 32.23 ? 2    LEU A CG  1 
ATOM   15   C  CD1 . LEU A 1 2   ? 0.429   -5.084  5.462   1.00 36.93 ? 2    LEU A CD1 1 
ATOM   16   C  CD2 . LEU A 1 2   ? 1.921   -6.087  7.206   1.00 35.62 ? 2    LEU A CD2 1 
ATOM   17   N  N   . TYR A 1 3   ? 1.529   -9.885  3.304   1.00 25.12 ? 3    TYR A N   1 
ATOM   18   C  CA  . TYR A 1 3   ? 2.390   -10.736 2.512   1.00 24.54 ? 3    TYR A CA  1 
ATOM   19   C  C   . TYR A 1 3   ? 2.011   -10.522 1.048   1.00 23.65 ? 3    TYR A C   1 
ATOM   20   O  O   . TYR A 1 3   ? 2.838   -10.289 0.183   1.00 23.03 ? 3    TYR A O   1 
ATOM   21   C  CB  . TYR A 1 3   ? 2.181   -12.212 2.903   1.00 24.77 ? 3    TYR A CB  1 
ATOM   22   C  CG  . TYR A 1 3   ? 2.918   -13.216 2.028   1.00 25.27 ? 3    TYR A CG  1 
ATOM   23   C  CD1 . TYR A 1 3   ? 4.288   -13.396 2.140   1.00 24.35 ? 3    TYR A CD1 1 
ATOM   24   C  CD2 . TYR A 1 3   ? 2.236   -13.969 1.084   1.00 24.10 ? 3    TYR A CD2 1 
ATOM   25   C  CE1 . TYR A 1 3   ? 4.943   -14.286 1.338   1.00 24.43 ? 3    TYR A CE1 1 
ATOM   26   C  CE2 . TYR A 1 3   ? 2.884   -14.865 0.300   1.00 23.98 ? 3    TYR A CE2 1 
ATOM   27   C  CZ  . TYR A 1 3   ? 4.236   -15.023 0.425   1.00 23.93 ? 3    TYR A CZ  1 
ATOM   28   O  OH  . TYR A 1 3   ? 4.885   -15.919 -0.383  1.00 23.61 ? 3    TYR A OH  1 
ATOM   29   N  N   . GLN A 1 4   ? 0.729   -10.608 0.775   1.00 23.17 ? 4    GLN A N   1 
ATOM   30   C  CA  . GLN A 1 4   ? 0.251   -10.423 -0.585  1.00 22.61 ? 4    GLN A CA  1 
ATOM   31   C  C   . GLN A 1 4   ? 0.585   -9.038  -1.091  1.00 22.47 ? 4    GLN A C   1 
ATOM   32   O  O   . GLN A 1 4   ? 0.907   -8.877  -2.256  1.00 22.13 ? 4    GLN A O   1 
ATOM   33   C  CB  . GLN A 1 4   ? -1.256  -10.651 -0.640  1.00 22.28 ? 4    GLN A CB  1 
ATOM   34   C  CG  . GLN A 1 4   ? -1.634  -12.032 -0.212  1.00 21.58 ? 4    GLN A CG  1 
ATOM   35   C  CD  . GLN A 1 4   ? -3.117  -12.300 -0.305  1.00 22.01 ? 4    GLN A CD  1 
ATOM   36   O  OE1 . GLN A 1 4   ? -3.928  -11.576 0.283   1.00 18.77 ? 4    GLN A OE1 1 
ATOM   37   N  NE2 . GLN A 1 4   ? -3.483  -13.358 -1.048  1.00 21.63 ? 4    GLN A NE2 1 
ATOM   38   N  N   . PHE A 1 5   ? 0.513   -8.038  -0.219  1.00 22.82 ? 5    PHE A N   1 
ATOM   39   C  CA  . PHE A 1 5   ? 0.811   -6.677  -0.621  1.00 23.50 ? 5    PHE A CA  1 
ATOM   40   C  C   . PHE A 1 5   ? 2.275   -6.573  -0.915  1.00 24.19 ? 5    PHE A C   1 
ATOM   41   O  O   . PHE A 1 5   ? 2.677   -5.967  -1.915  1.00 24.88 ? 5    PHE A O   1 
ATOM   42   C  CB  . PHE A 1 5   ? 0.431   -5.678  0.468   1.00 23.89 ? 5    PHE A CB  1 
ATOM   43   C  CG  . PHE A 1 5   ? 0.687   -4.231  0.086   1.00 24.60 ? 5    PHE A CG  1 
ATOM   44   C  CD1 . PHE A 1 5   ? 0.324   -3.765  -1.158  1.00 24.98 ? 5    PHE A CD1 1 
ATOM   45   C  CD2 . PHE A 1 5   ? 1.285   -3.362  0.981   1.00 26.02 ? 5    PHE A CD2 1 
ATOM   46   C  CE1 . PHE A 1 5   ? 0.542   -2.490  -1.501  1.00 26.46 ? 5    PHE A CE1 1 
ATOM   47   C  CE2 . PHE A 1 5   ? 1.507   -2.082  0.666   1.00 27.13 ? 5    PHE A CE2 1 
ATOM   48   C  CZ  . PHE A 1 5   ? 1.129   -1.625  -0.585  1.00 28.94 ? 5    PHE A CZ  1 
ATOM   49   N  N   . LYS A 1 6   ? 3.074   -7.171  -0.040  1.00 25.12 ? 6    LYS A N   1 
ATOM   50   C  CA  . LYS A 1 6   ? 4.517   -7.220  -0.201  1.00 25.99 ? 6    LYS A CA  1 
ATOM   51   C  C   . LYS A 1 6   ? 4.803   -7.822  -1.571  1.00 25.49 ? 6    LYS A C   1 
ATOM   52   O  O   . LYS A 1 6   ? 5.637   -7.330  -2.342  1.00 26.08 ? 6    LYS A O   1 
ATOM   53   C  CB  . LYS A 1 6   ? 5.143   -8.069  0.904   1.00 26.93 ? 6    LYS A CB  1 
ATOM   54   C  CG  . LYS A 1 6   ? 5.731   -7.289  2.085   1.00 30.61 ? 6    LYS A CG  1 
ATOM   55   C  CD  . LYS A 1 6   ? 5.299   -7.834  3.470   1.00 34.92 ? 6    LYS A CD  1 
ATOM   56   C  CE  . LYS A 1 6   ? 6.412   -7.656  4.539   1.00 37.21 ? 6    LYS A CE  1 
ATOM   57   N  NZ  . LYS A 1 6   ? 5.955   -7.835  5.968   1.00 39.10 ? 6    LYS A NZ  1 
ATOM   58   N  N   . ASN A 1 7   ? 4.077   -8.865  -1.919  1.00 24.56 ? 7    ASN A N   1 
ATOM   59   C  CA  . ASN A 1 7   ? 4.320   -9.494  -3.210  1.00 24.18 ? 7    ASN A CA  1 
ATOM   60   C  C   . ASN A 1 7   ? 3.831   -8.683  -4.411  1.00 24.08 ? 7    ASN A C   1 
ATOM   61   O  O   . ASN A 1 7   ? 4.408   -8.776  -5.479  1.00 22.67 ? 7    ASN A O   1 
ATOM   62   C  CB  . ASN A 1 7   ? 3.731   -10.891 -3.241  1.00 24.01 ? 7    ASN A CB  1 
ATOM   63   C  CG  . ASN A 1 7   ? 4.666   -11.922 -2.675  1.00 22.49 ? 7    ASN A CG  1 
ATOM   64   O  OD1 . ASN A 1 7   ? 5.441   -12.538 -3.404  1.00 21.77 ? 7    ASN A OD1 1 
ATOM   65   N  ND2 . ASN A 1 7   ? 4.588   -12.138 -1.370  1.00 21.20 ? 7    ASN A ND2 1 
ATOM   66   N  N   . MET A 1 8   ? 2.764   -7.907  -4.253  1.00 24.71 ? 8    MET A N   1 
ATOM   67   C  CA  . MET A 1 8   ? 2.309   -7.077  -5.351  1.00 25.42 ? 8    MET A CA  1 
ATOM   68   C  C   . MET A 1 8   ? 3.420   -6.068  -5.684  1.00 26.51 ? 8    MET A C   1 
ATOM   69   O  O   . MET A 1 8   ? 3.706   -5.791  -6.844  1.00 25.77 ? 8    MET A O   1 
ATOM   70   C  CB  . MET A 1 8   ? 1.056   -6.325  -4.983  1.00 25.71 ? 8    MET A CB  1 
ATOM   71   C  CG  . MET A 1 8   ? -0.239  -7.104  -4.986  1.00 25.05 ? 8    MET A CG  1 
ATOM   72   S  SD  . MET A 1 8   ? -1.566  -5.839  -4.972  1.00 25.25 ? 8    MET A SD  1 
ATOM   73   C  CE  . MET A 1 8   ? -3.067  -6.813  -5.232  1.00 27.85 ? 8    MET A CE  1 
ATOM   74   N  N   . ILE A 1 9   ? 4.073   -5.560  -4.647  1.00 28.05 ? 9    ILE A N   1 
ATOM   75   C  CA  . ILE A 1 9   ? 5.148   -4.595  -4.863  1.00 29.70 ? 9    ILE A CA  1 
ATOM   76   C  C   . ILE A 1 9   ? 6.355   -5.199  -5.591  1.00 30.62 ? 9    ILE A C   1 
ATOM   77   O  O   . ILE A 1 9   ? 6.797   -4.665  -6.599  1.00 30.45 ? 9    ILE A O   1 
ATOM   78   C  CB  . ILE A 1 9   ? 5.575   -3.956  -3.548  1.00 29.61 ? 9    ILE A CB  1 
ATOM   79   C  CG1 . ILE A 1 9   ? 4.424   -3.156  -2.984  1.00 30.16 ? 9    ILE A CG1 1 
ATOM   80   C  CG2 . ILE A 1 9   ? 6.719   -3.018  -3.768  1.00 30.31 ? 9    ILE A CG2 1 
ATOM   81   C  CD1 . ILE A 1 9   ? 4.633   -2.760  -1.521  1.00 32.15 ? 9    ILE A CD1 1 
ATOM   82   N  N   . GLN A 1 10  ? 6.904   -6.279  -5.062  1.00 32.37 ? 10   GLN A N   1 
ATOM   83   C  CA  . GLN A 1 10  ? 8.043   -6.939  -5.679  1.00 34.04 ? 10   GLN A CA  1 
ATOM   84   C  C   . GLN A 1 10  ? 7.803   -7.192  -7.183  1.00 35.80 ? 10   GLN A C   1 
ATOM   85   O  O   . GLN A 1 10  ? 8.750   -7.198  -7.977  1.00 35.79 ? 10   GLN A O   1 
ATOM   86   C  CB  . GLN A 1 10  ? 8.311   -8.260  -4.969  1.00 34.35 ? 10   GLN A CB  1 
ATOM   87   C  CG  . GLN A 1 10  ? 8.986   -8.139  -3.625  1.00 33.94 ? 10   GLN A CG  1 
ATOM   88   C  CD  . GLN A 1 10  ? 8.945   -9.419  -2.822  1.00 35.60 ? 10   GLN A CD  1 
ATOM   89   O  OE1 . GLN A 1 10  ? 9.738   -9.590  -1.884  1.00 38.45 ? 10   GLN A OE1 1 
ATOM   90   N  NE2 . GLN A 1 10  ? 8.012   -10.313 -3.152  1.00 34.67 ? 10   GLN A NE2 1 
ATOM   91   N  N   . CYS A 1 11  ? 6.543   -7.335  -7.589  1.00 37.23 ? 11   CYS A N   1 
ATOM   92   C  CA  . CYS A 1 11  ? 6.251   -7.619  -8.983  1.00 38.33 ? 11   CYS A CA  1 
ATOM   93   C  C   . CYS A 1 11  ? 6.024   -6.362  -9.757  1.00 39.21 ? 11   CYS A C   1 
ATOM   94   O  O   . CYS A 1 11  ? 6.200   -6.318  -10.973 1.00 39.72 ? 11   CYS A O   1 
ATOM   95   C  CB  . CYS A 1 11  ? 4.997   -8.497  -9.124  1.00 38.67 ? 11   CYS A CB  1 
ATOM   96   S  SG  . CYS A 1 11  ? 3.444   -7.590  -9.403  1.00 39.74 ? 11   CYS A SG  1 
ATOM   97   N  N   . THR A 1 12  ? 5.582   -5.334  -9.072  1.00 40.06 ? 12   THR A N   1 
ATOM   98   C  CA  . THR A 1 12  ? 5.334   -4.098  -9.765  1.00 40.78 ? 12   THR A CA  1 
ATOM   99   C  C   . THR A 1 12  ? 6.571   -3.214  -9.782  1.00 41.85 ? 12   THR A C   1 
ATOM   100  O  O   . THR A 1 12  ? 6.777   -2.436  -10.713 1.00 41.80 ? 12   THR A O   1 
ATOM   101  C  CB  . THR A 1 12  ? 4.191   -3.399  -9.115  1.00 40.69 ? 12   THR A CB  1 
ATOM   102  O  OG1 . THR A 1 12  ? 3.014   -3.672  -9.864  1.00 39.44 ? 12   THR A OG1 1 
ATOM   103  C  CG2 . THR A 1 12  ? 4.348   -1.920  -9.221  1.00 41.21 ? 12   THR A CG2 1 
ATOM   104  N  N   . VAL A 1 13  ? 7.396   -3.338  -8.753  1.00 42.76 ? 13   VAL A N   1 
ATOM   105  C  CA  . VAL A 1 13  ? 8.601   -2.546  -8.679  1.00 43.81 ? 13   VAL A CA  1 
ATOM   106  C  C   . VAL A 1 13  ? 9.773   -3.445  -8.366  1.00 45.09 ? 13   VAL A C   1 
ATOM   107  O  O   . VAL A 1 13  ? 10.347  -3.382  -7.284  1.00 45.52 ? 13   VAL A O   1 
ATOM   108  C  CB  . VAL A 1 13  ? 8.455   -1.501  -7.625  1.00 43.81 ? 13   VAL A CB  1 
ATOM   109  C  CG1 . VAL A 1 13  ? 9.700   -0.654  -7.524  1.00 44.07 ? 13   VAL A CG1 1 
ATOM   110  C  CG2 . VAL A 1 13  ? 7.263   -0.628  -7.961  1.00 44.41 ? 13   VAL A CG2 1 
ATOM   111  N  N   . PRO A 1 14  ? 10.133  -4.294  -9.318  1.00 46.55 ? 14   PRO A N   1 
ATOM   112  C  CA  . PRO A 1 14  ? 11.201  -5.281  -9.118  1.00 47.45 ? 14   PRO A CA  1 
ATOM   113  C  C   . PRO A 1 14  ? 12.539  -4.674  -8.747  1.00 48.12 ? 14   PRO A C   1 
ATOM   114  O  O   . PRO A 1 14  ? 13.205  -5.204  -7.867  1.00 47.95 ? 14   PRO A O   1 
ATOM   115  C  CB  . PRO A 1 14  ? 11.297  -5.957  -10.492 1.00 47.44 ? 14   PRO A CB  1 
ATOM   116  C  CG  . PRO A 1 14  ? 9.974   -5.790  -11.068 1.00 46.99 ? 14   PRO A CG  1 
ATOM   117  C  CD  . PRO A 1 14  ? 9.550   -4.410  -10.664 1.00 46.41 ? 14   PRO A CD  1 
ATOM   118  N  N   . SER A 1 15  ? 12.905  -3.592  -9.431  1.00 49.06 ? 15   SER A N   1 
ATOM   119  C  CA  . SER A 1 15  ? 14.164  -2.882  -9.224  1.00 49.87 ? 15   SER A CA  1 
ATOM   120  C  C   . SER A 1 15  ? 14.378  -2.392  -7.796  1.00 50.18 ? 15   SER A C   1 
ATOM   121  O  O   . SER A 1 15  ? 15.478  -1.975  -7.433  1.00 50.35 ? 15   SER A O   1 
ATOM   122  C  CB  . SER A 1 15  ? 14.219  -1.675  -10.165 1.00 50.18 ? 15   SER A CB  1 
ATOM   123  O  OG  . SER A 1 15  ? 13.019  -0.922  -10.100 1.00 51.35 ? 15   SER A OG  1 
ATOM   124  N  N   . ARG A 1 16  ? 13.332  -2.454  -6.977  1.00 52.46 ? 17   ARG A N   1 
ATOM   125  C  CA  . ARG A 1 16  ? 13.454  -1.995  -5.602  1.00 52.31 ? 17   ARG A CA  1 
ATOM   126  C  C   . ARG A 1 16  ? 12.923  -2.946  -4.527  1.00 52.28 ? 17   ARG A C   1 
ATOM   127  O  O   . ARG A 1 16  ? 11.781  -3.415  -4.608  1.00 52.44 ? 17   ARG A O   1 
ATOM   128  C  CB  . ARG A 1 16  ? 12.744  -0.653  -5.448  1.00 52.39 ? 17   ARG A CB  1 
ATOM   129  C  CG  . ARG A 1 16  ? 13.162  0.155   -4.244  1.00 52.59 ? 17   ARG A CG  1 
ATOM   130  C  CD  . ARG A 1 16  ? 12.896  1.621   -4.508  1.00 52.37 ? 17   ARG A CD  1 
ATOM   131  N  NE  . ARG A 1 16  ? 13.996  2.461   -4.055  1.00 52.81 ? 17   ARG A NE  1 
ATOM   132  C  CZ  . ARG A 1 16  ? 14.441  3.514   -4.688  1.00 54.70 ? 17   ARG A CZ  1 
ATOM   133  N  NH1 . ARG A 1 16  ? 13.880  3.895   -5.834  1.00 55.62 ? 17   ARG A NH1 1 
ATOM   134  N  NH2 . ARG A 1 16  ? 15.446  4.202   -4.180  1.00 56.91 ? 17   ARG A NH2 1 
ATOM   135  N  N   . SER A 1 17  ? 13.760  -3.205  -3.524  1.00 51.77 ? 18   SER A N   1 
ATOM   136  C  CA  . SER A 1 17  ? 13.383  -4.092  -2.424  1.00 51.14 ? 18   SER A CA  1 
ATOM   137  C  C   . SER A 1 17  ? 12.157  -3.503  -1.762  1.00 50.32 ? 18   SER A C   1 
ATOM   138  O  O   . SER A 1 17  ? 12.095  -2.293  -1.570  1.00 50.65 ? 18   SER A O   1 
ATOM   139  C  CB  . SER A 1 17  ? 14.527  -4.205  -1.411  1.00 51.31 ? 18   SER A CB  1 
ATOM   140  O  OG  . SER A 1 17  ? 14.085  -4.765  -0.178  1.00 50.93 ? 18   SER A OG  1 
ATOM   141  N  N   . TRP A 1 18  ? 11.181  -4.331  -1.415  1.00 49.25 ? 19   TRP A N   1 
ATOM   142  C  CA  . TRP A 1 18  ? 9.967   -3.819  -0.777  1.00 48.49 ? 19   TRP A CA  1 
ATOM   143  C  C   . TRP A 1 18  ? 10.181  -3.084  0.533   1.00 47.06 ? 19   TRP A C   1 
ATOM   144  O  O   . TRP A 1 18  ? 9.342   -2.289  0.911   1.00 46.91 ? 19   TRP A O   1 
ATOM   145  C  CB  . TRP A 1 18  ? 8.989   -4.950  -0.483  1.00 48.72 ? 19   TRP A CB  1 
ATOM   146  C  CG  . TRP A 1 18  ? 9.526   -5.939  0.482   1.00 50.58 ? 19   TRP A CG  1 
ATOM   147  C  CD1 . TRP A 1 18  ? 10.244  -7.051  0.172   1.00 53.54 ? 19   TRP A CD1 1 
ATOM   148  C  CD2 . TRP A 1 18  ? 9.364   -5.951  1.901   1.00 51.44 ? 19   TRP A CD2 1 
ATOM   149  N  NE1 . TRP A 1 18  ? 10.556  -7.753  1.311   1.00 54.01 ? 19   TRP A NE1 1 
ATOM   150  C  CE2 . TRP A 1 18  ? 10.027  -7.099  2.390   1.00 52.68 ? 19   TRP A CE2 1 
ATOM   151  C  CE3 . TRP A 1 18  ? 8.745   -5.104  2.813   1.00 52.29 ? 19   TRP A CE3 1 
ATOM   152  C  CZ2 . TRP A 1 18  ? 10.091  -7.415  3.742   1.00 52.77 ? 19   TRP A CZ2 1 
ATOM   153  C  CZ3 . TRP A 1 18  ? 8.804   -5.423  4.168   1.00 52.91 ? 19   TRP A CZ3 1 
ATOM   154  C  CH2 . TRP A 1 18  ? 9.473   -6.566  4.616   1.00 52.77 ? 19   TRP A CH2 1 
ATOM   155  N  N   . GLN A 1 19  ? 11.262  -3.334  1.255   1.00 45.68 ? 20   GLN A N   1 
ATOM   156  C  CA  . GLN A 1 19  ? 11.356  -2.673  2.548   1.00 44.75 ? 20   GLN A CA  1 
ATOM   157  C  C   . GLN A 1 19  ? 11.558  -1.139  2.405   1.00 42.50 ? 20   GLN A C   1 
ATOM   158  O  O   . GLN A 1 19  ? 11.269  -0.386  3.322   1.00 41.69 ? 20   GLN A O   1 
ATOM   159  C  CB  . GLN A 1 19  ? 12.289  -3.434  3.539   1.00 45.69 ? 20   GLN A CB  1 
ATOM   160  C  CG  . GLN A 1 19  ? 13.803  -3.119  3.658   1.00 48.62 ? 20   GLN A CG  1 
ATOM   161  C  CD  . GLN A 1 19  ? 14.540  -4.036  4.730   1.00 53.64 ? 20   GLN A CD  1 
ATOM   162  O  OE1 . GLN A 1 19  ? 15.516  -3.598  5.383   1.00 56.47 ? 20   GLN A OE1 1 
ATOM   163  N  NE2 . GLN A 1 19  ? 14.081  -5.299  4.870   1.00 54.26 ? 20   GLN A NE2 1 
ATOM   164  N  N   . ASP A 1 20  ? 11.962  -0.689  1.217   1.00 40.30 ? 21   ASP A N   1 
ATOM   165  C  CA  . ASP A 1 20  ? 12.146  0.728   0.932   1.00 38.56 ? 21   ASP A CA  1 
ATOM   166  C  C   . ASP A 1 20  ? 10.809  1.428   1.051   1.00 36.92 ? 21   ASP A C   1 
ATOM   167  O  O   . ASP A 1 20  ? 10.747  2.644   1.140   1.00 36.50 ? 21   ASP A O   1 
ATOM   168  C  CB  . ASP A 1 20  ? 12.680  0.945   -0.498  1.00 38.82 ? 21   ASP A CB  1 
ATOM   169  C  CG  . ASP A 1 20  ? 14.123  0.456   -0.682  1.00 39.75 ? 21   ASP A CG  1 
ATOM   170  O  OD1 . ASP A 1 20  ? 14.552  -0.484  0.029   1.00 41.81 ? 21   ASP A OD1 1 
ATOM   171  O  OD2 . ASP A 1 20  ? 14.904  0.954   -1.518  1.00 39.80 ? 21   ASP A OD2 1 
ATOM   172  N  N   . PHE A 1 21  ? 9.735   0.648   1.054   1.00 34.80 ? 22   PHE A N   1 
ATOM   173  C  CA  . PHE A 1 21  ? 8.406   1.198   1.140   1.00 32.44 ? 22   PHE A CA  1 
ATOM   174  C  C   . PHE A 1 21  ? 7.787   0.965   2.501   1.00 31.67 ? 22   PHE A C   1 
ATOM   175  O  O   . PHE A 1 21  ? 6.760   1.540   2.806   1.00 30.90 ? 22   PHE A O   1 
ATOM   176  C  CB  . PHE A 1 21  ? 7.547   0.585   0.056   1.00 32.31 ? 22   PHE A CB  1 
ATOM   177  C  CG  . PHE A 1 21  ? 8.020   0.904   -1.330  1.00 30.16 ? 22   PHE A CG  1 
ATOM   178  C  CD1 . PHE A 1 21  ? 7.682   2.100   -1.938  1.00 27.09 ? 22   PHE A CD1 1 
ATOM   179  C  CD2 . PHE A 1 21  ? 8.787   0.003   -2.025  1.00 27.63 ? 22   PHE A CD2 1 
ATOM   180  C  CE1 . PHE A 1 21  ? 8.114   2.394   -3.195  1.00 27.10 ? 22   PHE A CE1 1 
ATOM   181  C  CE2 . PHE A 1 21  ? 9.201   0.283   -3.306  1.00 27.51 ? 22   PHE A CE2 1 
ATOM   182  C  CZ  . PHE A 1 21  ? 8.872   1.493   -3.894  1.00 26.95 ? 22   PHE A CZ  1 
ATOM   183  N  N   . ALA A 1 22  ? 8.429   0.150   3.332   1.00 30.99 ? 23   ALA A N   1 
ATOM   184  C  CA  . ALA A 1 22  ? 7.905   -0.169  4.646   1.00 30.29 ? 23   ALA A CA  1 
ATOM   185  C  C   . ALA A 1 22  ? 7.851   0.987   5.557   1.00 29.96 ? 23   ALA A C   1 
ATOM   186  O  O   . ALA A 1 22  ? 6.919   1.065   6.275   1.00 29.98 ? 23   ALA A O   1 
ATOM   187  C  CB  . ALA A 1 22  ? 8.714   -1.229  5.307   1.00 30.91 ? 23   ALA A CB  1 
ATOM   188  N  N   . ASP A 1 23  ? 8.875   1.840   5.571   1.00 29.79 ? 24   ASP A N   1 
ATOM   189  C  CA  . ASP A 1 23  ? 8.948   2.993   6.482   1.00 29.62 ? 24   ASP A CA  1 
ATOM   190  C  C   . ASP A 1 23  ? 9.437   4.189   5.711   1.00 29.08 ? 24   ASP A C   1 
ATOM   191  O  O   . ASP A 1 23  ? 10.640  4.403   5.624   1.00 29.02 ? 24   ASP A O   1 
ATOM   192  C  CB  . ASP A 1 23  ? 9.916   2.675   7.635   1.00 29.80 ? 24   ASP A CB  1 
ATOM   193  C  CG  . ASP A 1 23  ? 10.325  3.888   8.426   1.00 29.64 ? 24   ASP A CG  1 
ATOM   194  O  OD1 . ASP A 1 23  ? 9.516   4.833   8.597   1.00 25.35 ? 24   ASP A OD1 1 
ATOM   195  O  OD2 . ASP A 1 23  ? 11.478  3.945   8.919   1.00 30.51 ? 24   ASP A OD2 1 
ATOM   196  N  N   . TYR A 1 24  ? 8.499   4.962   5.160   1.00 29.17 ? 25   TYR A N   1 
ATOM   197  C  CA  . TYR A 1 24  ? 8.806   6.092   4.280   1.00 28.78 ? 25   TYR A CA  1 
ATOM   198  C  C   . TYR A 1 24  ? 7.758   7.176   4.372   1.00 28.94 ? 25   TYR A C   1 
ATOM   199  O  O   . TYR A 1 24  ? 6.567   6.899   4.389   1.00 28.68 ? 25   TYR A O   1 
ATOM   200  C  CB  . TYR A 1 24  ? 8.867   5.591   2.842   1.00 28.47 ? 25   TYR A CB  1 
ATOM   201  C  CG  . TYR A 1 24  ? 9.162   6.636   1.795   1.00 28.87 ? 25   TYR A CG  1 
ATOM   202  C  CD1 . TYR A 1 24  ? 8.232   7.633   1.476   1.00 29.70 ? 25   TYR A CD1 1 
ATOM   203  C  CD2 . TYR A 1 24  ? 10.356  6.627   1.113   1.00 26.71 ? 25   TYR A CD2 1 
ATOM   204  C  CE1 . TYR A 1 24  ? 8.507   8.581   0.520   1.00 27.97 ? 25   TYR A CE1 1 
ATOM   205  C  CE2 . TYR A 1 24  ? 10.621  7.568   0.167   1.00 26.92 ? 25   TYR A CE2 1 
ATOM   206  C  CZ  . TYR A 1 24  ? 9.698   8.526   -0.133  1.00 27.25 ? 25   TYR A CZ  1 
ATOM   207  O  OH  . TYR A 1 24  ? 10.001  9.449   -1.097  1.00 29.07 ? 25   TYR A OH  1 
ATOM   208  N  N   . GLY A 1 25  ? 8.210   8.422   4.419   1.00 29.50 ? 26   GLY A N   1 
ATOM   209  C  CA  . GLY A 1 25  ? 7.307   9.557   4.504   1.00 29.72 ? 26   GLY A CA  1 
ATOM   210  C  C   . GLY A 1 25  ? 6.459   9.507   5.764   1.00 29.76 ? 26   GLY A C   1 
ATOM   211  O  O   . GLY A 1 25  ? 6.903   8.996   6.768   1.00 29.19 ? 26   GLY A O   1 
ATOM   212  N  N   . CYS A 1 26  ? 5.255   10.063  5.722   1.00 29.91 ? 27   CYS A N   1 
ATOM   213  C  CA  . CYS A 1 26  ? 4.398   9.998   6.878   1.00 30.56 ? 27   CYS A CA  1 
ATOM   214  C  C   . CYS A 1 26  ? 3.330   8.945   6.758   1.00 31.24 ? 27   CYS A C   1 
ATOM   215  O  O   . CYS A 1 26  ? 2.671   8.690   7.739   1.00 31.27 ? 27   CYS A O   1 
ATOM   216  C  CB  . CYS A 1 26  ? 3.645   11.298  7.091   1.00 30.96 ? 27   CYS A CB  1 
ATOM   217  S  SG  . CYS A 1 26  ? 4.635   12.740  7.453   1.00 28.65 ? 27   CYS A SG  1 
ATOM   218  N  N   . TYR A 1 27  ? 3.105   8.359   5.587   1.00 31.92 ? 28   TYR A N   1 
ATOM   219  C  CA  . TYR A 1 27  ? 2.023   7.381   5.495   1.00 32.29 ? 28   TYR A CA  1 
ATOM   220  C  C   . TYR A 1 27  ? 2.472   5.947   5.196   1.00 32.45 ? 28   TYR A C   1 
ATOM   221  O  O   . TYR A 1 27  ? 1.883   4.994   5.668   1.00 33.02 ? 28   TYR A O   1 
ATOM   222  C  CB  . TYR A 1 27  ? 0.917   7.859   4.528   1.00 32.36 ? 28   TYR A CB  1 
ATOM   223  C  CG  . TYR A 1 27  ? 0.116   9.015   5.111   1.00 33.31 ? 28   TYR A CG  1 
ATOM   224  C  CD1 . TYR A 1 27  ? 0.552   10.315  4.982   1.00 34.72 ? 28   TYR A CD1 1 
ATOM   225  C  CD2 . TYR A 1 27  ? -1.057  8.801   5.847   1.00 34.46 ? 28   TYR A CD2 1 
ATOM   226  C  CE1 . TYR A 1 27  ? -0.175  11.386  5.543   1.00 35.60 ? 28   TYR A CE1 1 
ATOM   227  C  CE2 . TYR A 1 27  ? -1.775  9.869   6.417   1.00 33.59 ? 28   TYR A CE2 1 
ATOM   228  C  CZ  . TYR A 1 27  ? -1.326  11.148  6.249   1.00 34.17 ? 28   TYR A CZ  1 
ATOM   229  O  OH  . TYR A 1 27  ? -1.992  12.214  6.773   1.00 34.45 ? 28   TYR A OH  1 
ATOM   230  N  N   . CYS A 1 28  ? 3.519   5.765   4.432   1.00 32.92 ? 29   CYS A N   1 
ATOM   231  C  CA  . CYS A 1 28  ? 3.948   4.405   4.135   1.00 33.05 ? 29   CYS A CA  1 
ATOM   232  C  C   . CYS A 1 28  ? 4.439   3.638   5.368   1.00 34.94 ? 29   CYS A C   1 
ATOM   233  O  O   . CYS A 1 28  ? 5.516   3.907   5.900   1.00 33.67 ? 29   CYS A O   1 
ATOM   234  C  CB  . CYS A 1 28  ? 5.076   4.412   3.120   1.00 32.41 ? 29   CYS A CB  1 
ATOM   235  S  SG  . CYS A 1 28  ? 4.808   5.472   1.733   1.00 27.28 ? 29   CYS A SG  1 
ATOM   236  N  N   . GLY A 1 29  ? 3.664   2.635   5.763   1.00 37.43 ? 30   GLY A N   1 
ATOM   237  C  CA  . GLY A 1 29  ? 3.990   1.804   6.899   1.00 39.33 ? 30   GLY A CA  1 
ATOM   238  C  C   . GLY A 1 29  ? 2.999   2.128   7.960   1.00 40.99 ? 30   GLY A C   1 
ATOM   239  O  O   . GLY A 1 29  ? 1.817   2.063   7.719   1.00 41.76 ? 30   GLY A O   1 
ATOM   240  N  N   . LYS A 1 30  ? 3.478   2.505   9.122   1.00 43.13 ? 31   LYS A N   1 
ATOM   241  C  CA  . LYS A 1 30  ? 2.597   2.894   10.180  1.00 44.77 ? 31   LYS A CA  1 
ATOM   242  C  C   . LYS A 1 30  ? 2.276   4.367   9.973   1.00 45.43 ? 31   LYS A C   1 
ATOM   243  O  O   . LYS A 1 30  ? 2.786   5.064   9.064   1.00 45.39 ? 31   LYS A O   1 
ATOM   244  C  CB  . LYS A 1 30  ? 3.278   2.711   11.533  1.00 45.55 ? 31   LYS A CB  1 
ATOM   245  C  CG  . LYS A 1 30  ? 4.712   3.229   11.588  1.00 47.76 ? 31   LYS A CG  1 
ATOM   246  C  CD  . LYS A 1 30  ? 5.149   3.589   13.009  1.00 50.93 ? 31   LYS A CD  1 
ATOM   247  C  CE  . LYS A 1 30  ? 6.445   4.412   12.989  1.00 53.10 ? 31   LYS A CE  1 
ATOM   248  N  NZ  . LYS A 1 30  ? 7.612   3.691   12.405  1.00 53.84 ? 31   LYS A NZ  1 
ATOM   249  N  N   . GLY A 1 31  ? 1.413   4.851   10.841  1.00 45.98 ? 32   GLY A N   1 
ATOM   250  C  CA  . GLY A 1 31  ? 1.080   6.253   10.824  1.00 45.67 ? 32   GLY A CA  1 
ATOM   251  C  C   . GLY A 1 31  ? 0.035   6.564   9.820   1.00 45.47 ? 32   GLY A C   1 
ATOM   252  O  O   . GLY A 1 31  ? -0.087  5.931   8.773   1.00 45.88 ? 32   GLY A O   1 
ATOM   253  N  N   . GLY A 1 32  ? -0.726  7.575   10.181  1.00 45.14 ? 33   GLY A N   1 
ATOM   254  C  CA  . GLY A 1 32  ? -1.805  8.054   9.367   1.00 44.72 ? 33   GLY A CA  1 
ATOM   255  C  C   . GLY A 1 32  ? -2.128  9.419   9.893   1.00 43.97 ? 33   GLY A C   1 
ATOM   256  O  O   . GLY A 1 32  ? -3.263  9.678   10.277  1.00 44.82 ? 33   GLY A O   1 
ATOM   257  N  N   . SER A 1 33  ? -1.113  10.276  9.927   1.00 42.87 ? 34   SER A N   1 
ATOM   258  C  CA  . SER A 1 33  ? -1.250  11.651  10.390  1.00 41.55 ? 34   SER A CA  1 
ATOM   259  C  C   . SER A 1 33  ? -0.290  12.543  9.626   1.00 39.70 ? 34   SER A C   1 
ATOM   260  O  O   . SER A 1 33  ? 0.733   12.070  9.139   1.00 38.74 ? 34   SER A O   1 
ATOM   261  C  CB  . SER A 1 33  ? -0.879  11.711  11.857  1.00 41.89 ? 34   SER A CB  1 
ATOM   262  O  OG  . SER A 1 33  ? 0.429   11.167  12.035  1.00 43.65 ? 34   SER A OG  1 
ATOM   263  N  N   . GLY A 1 34  ? -0.618  13.827  9.538   1.00 38.00 ? 35   GLY A N   1 
ATOM   264  C  CA  . GLY A 1 34  ? 0.248   14.797  8.904   1.00 36.77 ? 35   GLY A CA  1 
ATOM   265  C  C   . GLY A 1 34  ? 0.133   14.936  7.401   1.00 35.90 ? 35   GLY A C   1 
ATOM   266  O  O   . GLY A 1 34  ? -0.725  14.335  6.739   1.00 35.26 ? 35   GLY A O   1 
ATOM   267  N  N   . THR A 1 35  ? 1.056   15.744  6.887   1.00 34.62 ? 36   THR A N   1 
ATOM   268  C  CA  . THR A 1 35  ? 1.158   16.094  5.492   1.00 33.98 ? 36   THR A CA  1 
ATOM   269  C  C   . THR A 1 35  ? 2.062   15.173  4.716   1.00 32.36 ? 36   THR A C   1 
ATOM   270  O  O   . THR A 1 35  ? 3.240   15.067  4.998   1.00 31.57 ? 36   THR A O   1 
ATOM   271  C  CB  . THR A 1 35  ? 1.726   17.519  5.401   1.00 34.55 ? 36   THR A CB  1 
ATOM   272  O  OG1 . THR A 1 35  ? 0.782   18.449  5.961   1.00 35.57 ? 36   THR A OG1 1 
ATOM   273  C  CG2 . THR A 1 35  ? 1.920   17.950  3.923   1.00 36.13 ? 36   THR A CG2 1 
ATOM   274  N  N   . PRO A 1 36  ? 1.518   14.537  3.699   1.00 31.29 ? 37   PRO A N   1 
ATOM   275  C  CA  . PRO A 1 36  ? 2.311   13.641  2.867   1.00 31.19 ? 37   PRO A CA  1 
ATOM   276  C  C   . PRO A 1 36  ? 3.508   14.384  2.316   1.00 30.81 ? 37   PRO A C   1 
ATOM   277  O  O   . PRO A 1 36  ? 3.366   15.366  1.613   1.00 30.57 ? 37   PRO A O   1 
ATOM   278  C  CB  . PRO A 1 36  ? 1.333   13.259  1.753   1.00 30.89 ? 37   PRO A CB  1 
ATOM   279  C  CG  . PRO A 1 36  ? 0.010   13.413  2.365   1.00 30.61 ? 37   PRO A CG  1 
ATOM   280  C  CD  . PRO A 1 36  ? 0.128   14.612  3.235   1.00 31.13 ? 37   PRO A CD  1 
ATOM   281  N  N   . VAL A 1 37  ? 4.696   13.935  2.639   1.00 30.71 ? 38   VAL A N   1 
ATOM   282  C  CA  . VAL A 1 37  ? 5.869   14.661  2.182   1.00 30.78 ? 38   VAL A CA  1 
ATOM   283  C  C   . VAL A 1 37  ? 6.017   14.671  0.671   1.00 30.65 ? 38   VAL A C   1 
ATOM   284  O  O   . VAL A 1 37  ? 6.617   15.578  0.129   1.00 31.07 ? 38   VAL A O   1 
ATOM   285  C  CB  . VAL A 1 37  ? 7.151   14.117  2.835   1.00 30.84 ? 38   VAL A CB  1 
ATOM   286  C  CG1 . VAL A 1 37  ? 7.052   14.283  4.338   1.00 31.37 ? 38   VAL A CG1 1 
ATOM   287  C  CG2 . VAL A 1 37  ? 7.369   12.652  2.467   1.00 30.43 ? 38   VAL A CG2 1 
ATOM   288  N  N   . ASP A 1 38  ? 5.498   13.670  -0.026  1.00 30.63 ? 39   ASP A N   1 
ATOM   289  C  CA  . ASP A 1 38  ? 5.631   13.664  -1.484  1.00 30.51 ? 39   ASP A CA  1 
ATOM   290  C  C   . ASP A 1 38  ? 4.689   12.671  -2.171  1.00 30.45 ? 39   ASP A C   1 
ATOM   291  O  O   . ASP A 1 38  ? 4.024   11.898  -1.517  1.00 29.94 ? 39   ASP A O   1 
ATOM   292  C  CB  . ASP A 1 38  ? 7.076   13.392  -1.878  1.00 29.92 ? 39   ASP A CB  1 
ATOM   293  C  CG  . ASP A 1 38  ? 7.534   11.997  -1.507  1.00 32.14 ? 39   ASP A CG  1 
ATOM   294  O  OD1 . ASP A 1 38  ? 6.681   11.121  -1.184  1.00 30.32 ? 39   ASP A OD1 1 
ATOM   295  O  OD2 . ASP A 1 38  ? 8.758   11.693  -1.531  1.00 31.45 ? 39   ASP A OD2 1 
ATOM   296  N  N   . ASP A 1 39  ? 4.595   12.748  -3.500  1.00 30.82 ? 40   ASP A N   1 
ATOM   297  C  CA  . ASP A 1 39  ? 3.829   11.776  -4.281  1.00 30.98 ? 40   ASP A CA  1 
ATOM   298  C  C   . ASP A 1 39  ? 3.843   10.339  -3.788  1.00 29.78 ? 40   ASP A C   1 
ATOM   299  O  O   . ASP A 1 39  ? 2.804   9.686   -3.768  1.00 30.43 ? 40   ASP A O   1 
ATOM   300  C  CB  . ASP A 1 39  ? 4.210   11.812  -5.743  1.00 31.78 ? 40   ASP A CB  1 
ATOM   301  C  CG  . ASP A 1 39  ? 4.003   13.184  -6.367  1.00 35.85 ? 40   ASP A CG  1 
ATOM   302  O  OD1 . ASP A 1 39  ? 2.864   13.695  -6.464  1.00 40.91 ? 40   ASP A OD1 1 
ATOM   303  O  OD2 . ASP A 1 39  ? 4.952   13.848  -6.801  1.00 41.45 ? 40   ASP A OD2 1 
ATOM   304  N  N   . LEU A 1 40  ? 4.983   9.833   -3.381  1.00 28.42 ? 41   LEU A N   1 
ATOM   305  C  CA  . LEU A 1 40  ? 5.015   8.458   -2.925  1.00 27.81 ? 41   LEU A CA  1 
ATOM   306  C  C   . LEU A 1 40  ? 4.286   8.357   -1.604  1.00 27.69 ? 41   LEU A C   1 
ATOM   307  O  O   . LEU A 1 40  ? 3.635   7.374   -1.321  1.00 28.49 ? 41   LEU A O   1 
ATOM   308  C  CB  . LEU A 1 40  ? 6.433   7.981   -2.766  1.00 27.25 ? 41   LEU A CB  1 
ATOM   309  C  CG  . LEU A 1 40  ? 6.634   6.568   -2.255  1.00 26.54 ? 41   LEU A CG  1 
ATOM   310  C  CD1 . LEU A 1 40  ? 5.849   5.585   -3.046  1.00 26.96 ? 41   LEU A CD1 1 
ATOM   311  C  CD2 . LEU A 1 40  ? 8.136   6.245   -2.344  1.00 26.15 ? 41   LEU A CD2 1 
ATOM   312  N  N   . ASP A 1 41  ? 4.389   9.400   -0.802  1.00 26.98 ? 42   ASP A N   1 
ATOM   313  C  CA  . ASP A 1 41  ? 3.752   9.449   0.482   1.00 26.46 ? 42   ASP A CA  1 
ATOM   314  C  C   . ASP A 1 41  ? 2.269   9.571   0.187   1.00 26.30 ? 42   ASP A C   1 
ATOM   315  O  O   . ASP A 1 41  ? 1.413   9.028   0.881   1.00 25.65 ? 42   ASP A O   1 
ATOM   316  C  CB  . ASP A 1 41  ? 4.283   10.654  1.262   1.00 26.38 ? 42   ASP A CB  1 
ATOM   317  C  CG  . ASP A 1 41  ? 4.243   10.477  2.767   1.00 27.54 ? 42   ASP A CG  1 
ATOM   318  O  OD1 . ASP A 1 41  ? 4.054   9.334   3.271   1.00 27.47 ? 42   ASP A OD1 1 
ATOM   319  O  OD2 . ASP A 1 41  ? 4.418   11.461  3.534   1.00 28.01 ? 42   ASP A OD2 1 
ATOM   320  N  N   . ARG A 1 42  ? 1.937   10.269  -0.880  1.00 26.42 ? 43   ARG A N   1 
ATOM   321  C  CA  . ARG A 1 42  ? 0.522   10.416  -1.187  1.00 26.34 ? 43   ARG A CA  1 
ATOM   322  C  C   . ARG A 1 42  ? -0.074  9.079   -1.568  1.00 25.78 ? 43   ARG A C   1 
ATOM   323  O  O   . ARG A 1 42  ? -1.234  8.789   -1.237  1.00 25.63 ? 43   ARG A O   1 
ATOM   324  C  CB  . ARG A 1 42  ? 0.296   11.424  -2.277  1.00 26.60 ? 43   ARG A CB  1 
ATOM   325  C  CG  . ARG A 1 42  ? 0.226   12.814  -1.726  1.00 29.12 ? 43   ARG A CG  1 
ATOM   326  C  CD  . ARG A 1 42  ? 0.246   13.908  -2.771  1.00 33.28 ? 43   ARG A CD  1 
ATOM   327  N  NE  . ARG A 1 42  ? 0.340   15.229  -2.155  1.00 35.93 ? 43   ARG A NE  1 
ATOM   328  C  CZ  . ARG A 1 42  ? -0.637  15.800  -1.451  1.00 39.48 ? 43   ARG A CZ  1 
ATOM   329  N  NH1 . ARG A 1 42  ? -1.804  15.179  -1.262  1.00 40.19 ? 43   ARG A NH1 1 
ATOM   330  N  NH2 . ARG A 1 42  ? -0.448  17.003  -0.938  1.00 41.39 ? 43   ARG A NH2 1 
ATOM   331  N  N   . CYS A 1 43  ? 0.720   8.265   -2.248  1.00 24.93 ? 44   CYS A N   1 
ATOM   332  C  CA  . CYS A 1 43  ? 0.273   6.950   -2.634  1.00 25.27 ? 44   CYS A CA  1 
ATOM   333  C  C   . CYS A 1 43  ? -0.080  6.172   -1.355  1.00 24.52 ? 44   CYS A C   1 
ATOM   334  O  O   . CYS A 1 43  ? -1.102  5.508   -1.267  1.00 24.38 ? 44   CYS A O   1 
ATOM   335  C  CB  . CYS A 1 43  ? 1.385   6.195   -3.383  1.00 26.32 ? 44   CYS A CB  1 
ATOM   336  S  SG  . CYS A 1 43  ? 1.825   6.737   -5.040  1.00 26.02 ? 44   CYS A SG  1 
ATOM   337  N  N   . CYS A 1 44  ? 0.766   6.272   -0.355  1.00 23.85 ? 45   CYS A N   1 
ATOM   338  C  CA  . CYS A 1 44  ? 0.492   5.577   0.884   1.00 24.30 ? 45   CYS A CA  1 
ATOM   339  C  C   . CYS A 1 44  ? -0.664  6.219   1.642   1.00 24.41 ? 45   CYS A C   1 
ATOM   340  O  O   . CYS A 1 44  ? -1.430  5.534   2.286   1.00 24.60 ? 45   CYS A O   1 
ATOM   341  C  CB  . CYS A 1 44  ? 1.753   5.474   1.747   1.00 24.16 ? 45   CYS A CB  1 
ATOM   342  S  SG  . CYS A 1 44  ? 3.148   4.675   0.872   1.00 23.46 ? 45   CYS A SG  1 
ATOM   343  N  N   . GLN A 1 45  ? -0.836  7.524   1.543   1.00 24.76 ? 46   GLN A N   1 
ATOM   344  C  CA  . GLN A 1 45  ? -1.931  8.130   2.267   1.00 25.38 ? 46   GLN A CA  1 
ATOM   345  C  C   . GLN A 1 45  ? -3.247  7.569   1.748   1.00 25.04 ? 46   GLN A C   1 
ATOM   346  O  O   . GLN A 1 45  ? -4.108  7.148   2.513   1.00 24.57 ? 46   GLN A O   1 
ATOM   347  C  CB  . GLN A 1 45  ? -1.911  9.639   2.105   1.00 26.09 ? 46   GLN A CB  1 
ATOM   348  C  CG  . GLN A 1 45  ? -3.149  10.330  2.661   1.00 28.55 ? 46   GLN A CG  1 
ATOM   349  C  CD  . GLN A 1 45  ? -3.181  11.814  2.322   1.00 32.56 ? 46   GLN A CD  1 
ATOM   350  O  OE1 . GLN A 1 45  ? -3.216  12.195  1.125   1.00 34.06 ? 46   GLN A OE1 1 
ATOM   351  N  NE2 . GLN A 1 45  ? -3.157  12.662  3.366   1.00 32.13 ? 46   GLN A NE2 1 
ATOM   352  N  N   . VAL A 1 46  ? -3.394  7.580   0.427   1.00 24.84 ? 47   VAL A N   1 
ATOM   353  C  CA  . VAL A 1 46  ? -4.590  7.069   -0.205  1.00 23.98 ? 47   VAL A CA  1 
ATOM   354  C  C   . VAL A 1 46  ? -4.738  5.617   0.210   1.00 23.19 ? 47   VAL A C   1 
ATOM   355  O  O   . VAL A 1 46  ? -5.823  5.143   0.491   1.00 21.95 ? 47   VAL A O   1 
ATOM   356  C  CB  . VAL A 1 46  ? -4.508  7.190   -1.743  1.00 24.21 ? 47   VAL A CB  1 
ATOM   357  C  CG1 . VAL A 1 46  ? -5.673  6.513   -2.419  1.00 24.59 ? 47   VAL A CG1 1 
ATOM   358  C  CG2 . VAL A 1 46  ? -4.492  8.629   -2.173  1.00 23.84 ? 47   VAL A CG2 1 
ATOM   359  N  N   . HIS A 1 47  ? -3.628  4.912   0.287   1.00 23.24 ? 48   HIS A N   1 
ATOM   360  C  CA  . HIS A 1 47  ? -3.681  3.492   0.659   1.00 23.47 ? 48   HIS A CA  1 
ATOM   361  C  C   . HIS A 1 47  ? -4.233  3.254   2.092   1.00 22.94 ? 48   HIS A C   1 
ATOM   362  O  O   . HIS A 1 47  ? -5.091  2.400   2.326   1.00 22.01 ? 48   HIS A O   1 
ATOM   363  C  CB  . HIS A 1 47  ? -2.295  2.894   0.508   1.00 23.60 ? 48   HIS A CB  1 
ATOM   364  C  CG  . HIS A 1 47  ? -2.250  1.408   0.689   1.00 23.11 ? 48   HIS A CG  1 
ATOM   365  N  ND1 . HIS A 1 47  ? -1.676  0.819   1.790   1.00 20.85 ? 48   HIS A ND1 1 
ATOM   366  C  CD2 . HIS A 1 47  ? -2.686  0.403   -0.099  1.00 21.96 ? 48   HIS A CD2 1 
ATOM   367  C  CE1 . HIS A 1 47  ? -1.741  -0.489  1.662   1.00 24.44 ? 48   HIS A CE1 1 
ATOM   368  N  NE2 . HIS A 1 47  ? -2.369  -0.769  0.534   1.00 24.38 ? 48   HIS A NE2 1 
ATOM   369  N  N   . ASP A 1 48  ? -3.724  4.037   3.033   1.00 23.20 ? 49   ASP A N   1 
ATOM   370  C  CA  . ASP A 1 48  ? -4.156  3.977   4.421   1.00 23.62 ? 49   ASP A CA  1 
ATOM   371  C  C   . ASP A 1 48  ? -5.636  4.263   4.535   1.00 22.89 ? 49   ASP A C   1 
ATOM   372  O  O   . ASP A 1 48  ? -6.365  3.544   5.153   1.00 22.54 ? 49   ASP A O   1 
ATOM   373  C  CB  . ASP A 1 48  ? -3.356  4.937   5.260   1.00 24.16 ? 49   ASP A CB  1 
ATOM   374  C  CG  . ASP A 1 48  ? -1.929  4.440   5.500   1.00 26.77 ? 49   ASP A CG  1 
ATOM   375  O  OD1 . ASP A 1 48  ? -1.654  3.256   5.149   1.00 28.87 ? 49   ASP A OD1 1 
ATOM   376  O  OD2 . ASP A 1 48  ? -1.038  5.164   6.022   1.00 28.56 ? 49   ASP A OD2 1 
ATOM   377  N  N   . ASN A 1 49  ? -6.101  5.298   3.875   1.00 22.73 ? 50   ASN A N   1 
ATOM   378  C  CA  . ASN A 1 49  ? -7.531  5.605   3.874   1.00 22.66 ? 50   ASN A CA  1 
ATOM   379  C  C   . ASN A 1 49  ? -8.386  4.445   3.315   1.00 21.93 ? 50   ASN A C   1 
ATOM   380  O  O   . ASN A 1 49  ? -9.370  4.004   3.907   1.00 22.48 ? 50   ASN A O   1 
ATOM   381  C  CB  . ASN A 1 49  ? -7.774  6.874   3.058   1.00 22.97 ? 50   ASN A CB  1 
ATOM   382  C  CG  . ASN A 1 49  ? -7.151  8.112   3.703   1.00 23.13 ? 50   ASN A CG  1 
ATOM   383  O  OD1 . ASN A 1 49  ? -6.696  8.049   4.830   1.00 25.37 ? 50   ASN A OD1 1 
ATOM   384  N  ND2 . ASN A 1 49  ? -7.158  9.234   3.002   1.00 22.50 ? 50   ASN A ND2 1 
ATOM   385  N  N   . CYS A 1 50  ? -7.982  3.943   2.169   1.00 20.71 ? 51   CYS A N   1 
ATOM   386  C  CA  . CYS A 1 50  ? -8.659  2.824   1.557   1.00 20.04 ? 51   CYS A CA  1 
ATOM   387  C  C   . CYS A 1 50  ? -8.873  1.717   2.588   1.00 19.57 ? 51   CYS A C   1 
ATOM   388  O  O   . CYS A 1 50  ? -9.969  1.207   2.744   1.00 18.04 ? 51   CYS A O   1 
ATOM   389  C  CB  . CYS A 1 50  ? -7.800  2.298   0.449   1.00 19.72 ? 51   CYS A CB  1 
ATOM   390  S  SG  . CYS A 1 50  ? -8.666  1.206   -0.664  1.00 20.22 ? 51   CYS A SG  1 
ATOM   391  N  N   . TYR A 1 51  ? -7.798  1.375   3.287   1.00 19.59 ? 52   TYR A N   1 
ATOM   392  C  CA  . TYR A 1 51  ? -7.844  0.368   4.312   1.00 19.95 ? 52   TYR A CA  1 
ATOM   393  C  C   . TYR A 1 51  ? -8.842  0.776   5.360   1.00 20.49 ? 52   TYR A C   1 
ATOM   394  O  O   . TYR A 1 51  ? -9.707  0.012   5.747   1.00 20.53 ? 52   TYR A O   1 
ATOM   395  C  CB  . TYR A 1 51  ? -6.484  0.233   4.954   1.00 20.00 ? 52   TYR A CB  1 
ATOM   396  C  CG  . TYR A 1 51  ? -5.578  -0.803  4.322   1.00 21.56 ? 52   TYR A CG  1 
ATOM   397  C  CD1 . TYR A 1 51  ? -5.803  -1.302  3.051   1.00 22.31 ? 52   TYR A CD1 1 
ATOM   398  C  CD2 . TYR A 1 51  ? -4.490  -1.282  5.011   1.00 23.65 ? 52   TYR A CD2 1 
ATOM   399  C  CE1 . TYR A 1 51  ? -4.952  -2.257  2.501   1.00 23.87 ? 52   TYR A CE1 1 
ATOM   400  C  CE2 . TYR A 1 51  ? -3.648  -2.225  4.466   1.00 24.20 ? 52   TYR A CE2 1 
ATOM   401  C  CZ  . TYR A 1 51  ? -3.882  -2.707  3.230   1.00 23.61 ? 52   TYR A CZ  1 
ATOM   402  O  OH  . TYR A 1 51  ? -3.018  -3.629  2.739   1.00 25.50 ? 52   TYR A OH  1 
ATOM   403  N  N   . ASN A 1 52  ? -8.743  2.006   5.818   1.00 21.46 ? 53   ASN A N   1 
ATOM   404  C  CA  . ASN A 1 52  ? -9.663  2.459   6.819   1.00 22.67 ? 53   ASN A CA  1 
ATOM   405  C  C   . ASN A 1 52  ? -11.109 2.244   6.354   1.00 22.63 ? 53   ASN A C   1 
ATOM   406  O  O   . ASN A 1 52  ? -11.952 1.792   7.127   1.00 22.87 ? 53   ASN A O   1 
ATOM   407  C  CB  . ASN A 1 52  ? -9.374  3.917   7.199   1.00 23.37 ? 53   ASN A CB  1 
ATOM   408  C  CG  . ASN A 1 52  ? -8.145  4.037   8.097   1.00 25.15 ? 53   ASN A CG  1 
ATOM   409  O  OD1 . ASN A 1 52  ? -7.925  3.186   8.939   1.00 29.33 ? 53   ASN A OD1 1 
ATOM   410  N  ND2 . ASN A 1 52  ? -7.346  5.084   7.915   1.00 27.77 ? 53   ASN A ND2 1 
ATOM   411  N  N   . GLU A 1 53  ? -11.385 2.562   5.096   1.00 22.07 ? 54   GLU A N   1 
ATOM   412  C  CA  . GLU A 1 53  ? -12.710 2.372   4.554   1.00 22.23 ? 54   GLU A CA  1 
ATOM   413  C  C   . GLU A 1 53  ? -13.094 0.918   4.573   1.00 21.92 ? 54   GLU A C   1 
ATOM   414  O  O   . GLU A 1 53  ? -14.189 0.588   4.980   1.00 21.31 ? 54   GLU A O   1 
ATOM   415  C  CB  . GLU A 1 53  ? -12.775 2.828   3.107   1.00 22.57 ? 54   GLU A CB  1 
ATOM   416  C  CG  . GLU A 1 53  ? -13.045 4.274   2.943   1.00 23.04 ? 54   GLU A CG  1 
ATOM   417  C  CD  . GLU A 1 53  ? -14.344 4.720   3.558   1.00 23.01 ? 54   GLU A CD  1 
ATOM   418  O  OE1 . GLU A 1 53  ? -15.434 4.288   3.106   1.00 18.66 ? 54   GLU A OE1 1 
ATOM   419  O  OE2 . GLU A 1 53  ? -14.197 5.535   4.492   1.00 24.20 ? 54   GLU A OE2 1 
ATOM   420  N  N   . ALA A 1 54  ? -12.200 0.067   4.090   1.00 21.83 ? 55   ALA A N   1 
ATOM   421  C  CA  . ALA A 1 54  ? -12.430 -1.358  4.082   1.00 22.76 ? 55   ALA A CA  1 
ATOM   422  C  C   . ALA A 1 54  ? -12.752 -1.899  5.486   1.00 23.59 ? 55   ALA A C   1 
ATOM   423  O  O   . ALA A 1 54  ? -13.568 -2.806  5.624   1.00 23.14 ? 55   ALA A O   1 
ATOM   424  C  CB  . ALA A 1 54  ? -11.243 -2.055  3.518   1.00 22.50 ? 55   ALA A CB  1 
ATOM   425  N  N   . GLU A 1 55  ? -12.118 -1.329  6.506   1.00 24.63 ? 56   GLU A N   1 
ATOM   426  C  CA  . GLU A 1 55  ? -12.358 -1.706  7.889   1.00 26.38 ? 56   GLU A CA  1 
ATOM   427  C  C   . GLU A 1 55  ? -13.828 -1.551  8.259   1.00 26.95 ? 56   GLU A C   1 
ATOM   428  O  O   . GLU A 1 55  ? -14.320 -2.222  9.152   1.00 26.86 ? 56   GLU A O   1 
ATOM   429  C  CB  . GLU A 1 55  ? -11.544 -0.827  8.825   1.00 27.40 ? 56   GLU A CB  1 
ATOM   430  C  CG  . GLU A 1 55  ? -10.069 -1.149  8.945   1.00 31.37 ? 56   GLU A CG  1 
ATOM   431  C  CD  . GLU A 1 55  ? -9.823  -2.109  10.084  1.00 37.04 ? 56   GLU A CD  1 
ATOM   432  O  OE1 . GLU A 1 55  ? -10.591 -2.028  11.066  1.00 41.42 ? 56   GLU A OE1 1 
ATOM   433  O  OE2 . GLU A 1 55  ? -8.872  -2.924  10.017  1.00 40.31 ? 56   GLU A OE2 1 
ATOM   434  N  N   . ASN A 1 56  ? -14.536 -0.657  7.585   1.00 28.08 ? 57   ASN A N   1 
ATOM   435  C  CA  . ASN A 1 56  ? -15.960 -0.458  7.861   1.00 28.82 ? 57   ASN A CA  1 
ATOM   436  C  C   . ASN A 1 56  ? -16.808 -1.699  7.566   1.00 28.72 ? 57   ASN A C   1 
ATOM   437  O  O   . ASN A 1 56  ? -17.862 -1.871  8.164   1.00 28.84 ? 57   ASN A O   1 
ATOM   438  C  CB  . ASN A 1 56  ? -16.510 0.730   7.078   1.00 29.22 ? 57   ASN A CB  1 
ATOM   439  C  CG  . ASN A 1 56  ? -16.264 2.049   7.772   1.00 31.28 ? 57   ASN A CG  1 
ATOM   440  O  OD1 . ASN A 1 56  ? -15.334 2.180   8.556   1.00 37.26 ? 57   ASN A OD1 1 
ATOM   441  N  ND2 . ASN A 1 56  ? -17.084 3.043   7.474   1.00 34.06 ? 57   ASN A ND2 1 
ATOM   442  N  N   . ILE A 1 57  ? -16.352 -2.555  6.653   1.00 28.74 ? 58   ILE A N   1 
ATOM   443  C  CA  . ILE A 1 57  ? -17.068 -3.780  6.329   1.00 28.44 ? 58   ILE A CA  1 
ATOM   444  C  C   . ILE A 1 57  ? -16.812 -4.723  7.480   1.00 28.49 ? 58   ILE A C   1 
ATOM   445  O  O   . ILE A 1 57  ? -15.660 -4.841  7.901   1.00 28.40 ? 58   ILE A O   1 
ATOM   446  C  CB  . ILE A 1 57  ? -16.499 -4.408  5.086   1.00 28.44 ? 58   ILE A CB  1 
ATOM   447  C  CG1 . ILE A 1 57  ? -16.766 -3.539  3.862   1.00 28.66 ? 58   ILE A CG1 1 
ATOM   448  C  CG2 . ILE A 1 57  ? -17.127 -5.763  4.873   1.00 29.44 ? 58   ILE A CG2 1 
ATOM   449  C  CD1 . ILE A 1 57  ? -15.899 -3.900  2.666   1.00 30.18 ? 58   ILE A CD1 1 
ATOM   450  N  N   . SER A 1 58  ? -17.846 -5.403  7.994   1.00 27.76 ? 59   SER A N   1 
ATOM   451  C  CA  . SER A 1 58  ? -17.659 -6.286  9.161   1.00 27.14 ? 59   SER A CA  1 
ATOM   452  C  C   . SER A 1 58  ? -16.731 -7.462  8.903   1.00 25.39 ? 59   SER A C   1 
ATOM   453  O  O   . SER A 1 58  ? -16.804 -8.110  7.867   1.00 23.28 ? 59   SER A O   1 
ATOM   454  C  CB  . SER A 1 58  ? -19.009 -6.829  9.676   1.00 27.88 ? 59   SER A CB  1 
ATOM   455  O  OG  . SER A 1 58  ? -19.696 -7.493  8.639   1.00 28.84 ? 59   SER A OG  1 
ATOM   456  N  N   . GLY A 1 59  ? -15.939 -7.754  9.929   1.00 24.50 ? 60   GLY A N   1 
ATOM   457  C  CA  . GLY A 1 59  ? -14.973 -8.820  9.941   1.00 23.79 ? 60   GLY A CA  1 
ATOM   458  C  C   . GLY A 1 59  ? -13.883 -8.591  8.944   1.00 23.38 ? 60   GLY A C   1 
ATOM   459  O  O   . GLY A 1 59  ? -13.135 -9.526  8.659   1.00 23.20 ? 60   GLY A O   1 
ATOM   460  N  N   . CYS A 1 60  ? -13.754 -7.381  8.414   1.00 22.78 ? 61   CYS A N   1 
ATOM   461  C  CA  . CYS A 1 60  ? -12.773 -7.132  7.331   1.00 22.46 ? 61   CYS A CA  1 
ATOM   462  C  C   . CYS A 1 60  ? -11.495 -6.462  7.838   1.00 21.87 ? 61   CYS A C   1 
ATOM   463  O  O   . CYS A 1 60  ? -11.496 -5.298  8.220   1.00 21.10 ? 61   CYS A O   1 
ATOM   464  C  CB  . CYS A 1 60  ? -13.400 -6.281  6.227   1.00 22.32 ? 61   CYS A CB  1 
ATOM   465  S  SG  . CYS A 1 60  ? -12.415 -6.164  4.726   1.00 22.29 ? 61   CYS A SG  1 
ATOM   466  N  N   . ARG A 1 61  ? -10.415 -7.217  7.841   1.00 21.73 ? 62   ARG A N   1 
ATOM   467  C  CA  . ARG A 1 61  ? -9.132  -6.756  8.364   1.00 22.16 ? 62   ARG A CA  1 
ATOM   468  C  C   . ARG A 1 61  ? -8.069  -6.717  7.273   1.00 21.69 ? 62   ARG A C   1 
ATOM   469  O  O   . ARG A 1 61  ? -7.408  -7.721  7.020   1.00 21.48 ? 62   ARG A O   1 
ATOM   470  C  CB  . ARG A 1 61  ? -8.701  -7.674  9.483   1.00 22.43 ? 62   ARG A CB  1 
ATOM   471  C  CG  . ARG A 1 61  ? -9.833  -7.865  10.521  1.00 24.68 ? 62   ARG A CG  1 
ATOM   472  C  CD  . ARG A 1 61  ? -9.578  -8.982  11.533  1.00 25.65 ? 62   ARG A CD  1 
ATOM   473  N  NE  . ARG A 1 61  ? -9.846  -10.304 10.983  1.00 27.75 ? 62   ARG A NE  1 
ATOM   474  C  CZ  . ARG A 1 61  ? -11.002 -10.936 11.086  1.00 25.63 ? 62   ARG A CZ  1 
ATOM   475  N  NH1 . ARG A 1 61  ? -12.033 -10.361 11.681  1.00 26.03 ? 62   ARG A NH1 1 
ATOM   476  N  NH2 . ARG A 1 61  ? -11.126 -12.132 10.565  1.00 23.69 ? 62   ARG A NH2 1 
ATOM   477  N  N   . PRO A 1 62  ? -7.909  -5.542  6.661   1.00 21.06 ? 63   PRO A N   1 
ATOM   478  C  CA  . PRO A 1 62  ? -7.027  -5.319  5.531   1.00 20.85 ? 63   PRO A CA  1 
ATOM   479  C  C   . PRO A 1 62  ? -5.639  -5.885  5.694   1.00 21.56 ? 63   PRO A C   1 
ATOM   480  O  O   . PRO A 1 62  ? -5.102  -6.369  4.725   1.00 20.76 ? 63   PRO A O   1 
ATOM   481  C  CB  . PRO A 1 62  ? -7.011  -3.796  5.434   1.00 20.49 ? 63   PRO A CB  1 
ATOM   482  C  CG  . PRO A 1 62  ? -8.323  -3.425  5.844   1.00 20.31 ? 63   PRO A CG  1 
ATOM   483  C  CD  . PRO A 1 62  ? -8.588  -4.295  7.035   1.00 21.28 ? 63   PRO A CD  1 
ATOM   484  N  N   . TYR A 1 63  ? -5.061  -5.866  6.883   1.00 23.08 ? 64   TYR A N   1 
ATOM   485  C  CA  . TYR A 1 63  ? -3.703  -6.407  7.022   1.00 24.23 ? 64   TYR A CA  1 
ATOM   486  C  C   . TYR A 1 63  ? -3.719  -7.920  6.965   1.00 23.07 ? 64   TYR A C   1 
ATOM   487  O  O   . TYR A 1 63  ? -2.745  -8.526  6.529   1.00 23.01 ? 64   TYR A O   1 
ATOM   488  C  CB  . TYR A 1 63  ? -3.023  -5.957  8.319   1.00 25.30 ? 64   TYR A CB  1 
ATOM   489  C  CG  . TYR A 1 63  ? -2.462  -4.548  8.301   1.00 30.43 ? 64   TYR A CG  1 
ATOM   490  C  CD1 . TYR A 1 63  ? -3.281  -3.443  8.349   1.00 36.00 ? 64   TYR A CD1 1 
ATOM   491  C  CD2 . TYR A 1 63  ? -1.101  -4.332  8.270   1.00 37.55 ? 64   TYR A CD2 1 
ATOM   492  C  CE1 . TYR A 1 63  ? -2.761  -2.160  8.348   1.00 38.69 ? 64   TYR A CE1 1 
ATOM   493  C  CE2 . TYR A 1 63  ? -0.571  -3.063  8.263   1.00 39.63 ? 64   TYR A CE2 1 
ATOM   494  C  CZ  . TYR A 1 63  ? -1.400  -1.978  8.296   1.00 40.27 ? 64   TYR A CZ  1 
ATOM   495  O  OH  . TYR A 1 63  ? -0.850  -0.707  8.291   1.00 43.58 ? 64   TYR A OH  1 
ATOM   496  N  N   . PHE A 1 64  ? -4.827  -8.527  7.367   1.00 21.61 ? 65   PHE A N   1 
ATOM   497  C  CA  . PHE A 1 64  ? -4.875  -9.970  7.445   1.00 21.28 ? 65   PHE A CA  1 
ATOM   498  C  C   . PHE A 1 64  ? -5.695  -10.712 6.434   1.00 21.02 ? 65   PHE A C   1 
ATOM   499  O  O   . PHE A 1 64  ? -5.530  -11.904 6.280   1.00 20.11 ? 65   PHE A O   1 
ATOM   500  C  CB  . PHE A 1 64  ? -5.326  -10.364 8.837   1.00 21.36 ? 65   PHE A CB  1 
ATOM   501  C  CG  . PHE A 1 64  ? -4.447  -9.820  9.870   1.00 21.52 ? 65   PHE A CG  1 
ATOM   502  C  CD1 . PHE A 1 64  ? -3.253  -10.410 10.134  1.00 21.96 ? 65   PHE A CD1 1 
ATOM   503  C  CD2 . PHE A 1 64  ? -4.774  -8.642  10.506  1.00 22.59 ? 65   PHE A CD2 1 
ATOM   504  C  CE1 . PHE A 1 64  ? -2.411  -9.852  11.085  1.00 22.48 ? 65   PHE A CE1 1 
ATOM   505  C  CE2 . PHE A 1 64  ? -3.947  -8.088  11.442  1.00 21.71 ? 65   PHE A CE2 1 
ATOM   506  C  CZ  . PHE A 1 64  ? -2.777  -8.684  11.738  1.00 22.14 ? 65   PHE A CZ  1 
ATOM   507  N  N   . LYS A 1 65  ? -6.602  -10.035 5.764   1.00 21.28 ? 66   LYS A N   1 
ATOM   508  C  CA  . LYS A 1 65  ? -7.444  -10.725 4.832   1.00 21.77 ? 66   LYS A CA  1 
ATOM   509  C  C   . LYS A 1 65  ? -6.657  -11.284 3.658   1.00 21.81 ? 66   LYS A C   1 
ATOM   510  O  O   . LYS A 1 65  ? -5.852  -10.598 3.020   1.00 21.83 ? 66   LYS A O   1 
ATOM   511  C  CB  . LYS A 1 65  ? -8.503  -9.790  4.331   1.00 22.42 ? 66   LYS A CB  1 
ATOM   512  C  CG  . LYS A 1 65  ? -9.478  -10.475 3.412   1.00 24.10 ? 66   LYS A CG  1 
ATOM   513  C  CD  . LYS A 1 65  ? -10.199 -11.590 4.113   1.00 26.40 ? 66   LYS A CD  1 
ATOM   514  C  CE  . LYS A 1 65  ? -11.298 -12.204 3.216   1.00 28.54 ? 66   LYS A CE  1 
ATOM   515  N  NZ  . LYS A 1 65  ? -11.727 -13.498 3.919   1.00 28.69 ? 66   LYS A NZ  1 
ATOM   516  N  N   . THR A 1 66  ? -6.891  -12.549 3.377   1.00 21.52 ? 67   THR A N   1 
ATOM   517  C  CA  . THR A 1 66  ? -6.235  -13.172 2.263   1.00 21.64 ? 67   THR A CA  1 
ATOM   518  C  C   . THR A 1 66  ? -7.172  -13.116 1.074   1.00 21.42 ? 67   THR A C   1 
ATOM   519  O  O   . THR A 1 66  ? -8.263  -13.684 1.115   1.00 22.26 ? 67   THR A O   1 
ATOM   520  C  CB  . THR A 1 66  ? -5.886  -14.586 2.608   1.00 22.25 ? 67   THR A CB  1 
ATOM   521  O  OG1 . THR A 1 66  ? -4.755  -14.570 3.506   1.00 22.56 ? 67   THR A OG1 1 
ATOM   522  C  CG2 . THR A 1 66  ? -5.479  -15.357 1.359   1.00 22.64 ? 67   THR A CG2 1 
ATOM   523  N  N   . TYR A 1 67  ? -6.768  -12.405 0.028   1.00 20.12 ? 68   TYR A N   1 
ATOM   524  C  CA  . TYR A 1 67  ? -7.609  -12.262 -1.151  1.00 19.10 ? 68   TYR A CA  1 
ATOM   525  C  C   . TYR A 1 67  ? -7.018  -12.964 -2.363  1.00 18.69 ? 68   TYR A C   1 
ATOM   526  O  O   . TYR A 1 67  ? -5.897  -13.376 -2.343  1.00 18.21 ? 68   TYR A O   1 
ATOM   527  C  CB  . TYR A 1 67  ? -7.808  -10.787 -1.462  1.00 18.41 ? 68   TYR A CB  1 
ATOM   528  C  CG  . TYR A 1 67  ? -6.532  -9.983  -1.467  1.00 17.80 ? 68   TYR A CG  1 
ATOM   529  C  CD1 . TYR A 1 67  ? -5.573  -10.187 -2.425  1.00 16.14 ? 68   TYR A CD1 1 
ATOM   530  C  CD2 . TYR A 1 67  ? -6.298  -8.999  -0.514  1.00 17.55 ? 68   TYR A CD2 1 
ATOM   531  C  CE1 . TYR A 1 67  ? -4.412  -9.447  -2.434  1.00 16.98 ? 68   TYR A CE1 1 
ATOM   532  C  CE2 . TYR A 1 67  ? -5.135  -8.253  -0.517  1.00 16.01 ? 68   TYR A CE2 1 
ATOM   533  C  CZ  . TYR A 1 67  ? -4.191  -8.485  -1.482  1.00 16.18 ? 68   TYR A CZ  1 
ATOM   534  O  OH  . TYR A 1 67  ? -3.015  -7.770  -1.526  1.00 13.60 ? 68   TYR A OH  1 
ATOM   535  N  N   . SER A 1 68  ? -7.775  -13.089 -3.432  1.00 19.51 ? 69   SER A N   1 
ATOM   536  C  CA  . SER A 1 68  ? -7.274  -13.756 -4.613  1.00 19.80 ? 69   SER A CA  1 
ATOM   537  C  C   . SER A 1 68  ? -6.825  -12.765 -5.663  1.00 20.30 ? 69   SER A C   1 
ATOM   538  O  O   . SER A 1 68  ? -7.568  -11.846 -6.015  1.00 19.61 ? 69   SER A O   1 
ATOM   539  C  CB  . SER A 1 68  ? -8.345  -14.696 -5.157  1.00 20.16 ? 69   SER A CB  1 
ATOM   540  O  OG  . SER A 1 68  ? -8.147  -14.949 -6.535  1.00 20.30 ? 69   SER A OG  1 
ATOM   541  N  N   . TYR A 1 69  ? -5.614  -12.965 -6.184  1.00 21.30 ? 70   TYR A N   1 
ATOM   542  C  CA  . TYR A 1 69  ? -5.058  -12.056 -7.187  1.00 22.38 ? 70   TYR A CA  1 
ATOM   543  C  C   . TYR A 1 69  ? -3.935  -12.696 -7.970  1.00 23.68 ? 70   TYR A C   1 
ATOM   544  O  O   . TYR A 1 69  ? -3.509  -13.784 -7.666  1.00 23.01 ? 70   TYR A O   1 
ATOM   545  C  CB  . TYR A 1 69  ? -4.510  -10.790 -6.527  1.00 22.17 ? 70   TYR A CB  1 
ATOM   546  C  CG  . TYR A 1 69  ? -3.162  -11.005 -5.880  1.00 22.88 ? 70   TYR A CG  1 
ATOM   547  C  CD1 . TYR A 1 69  ? -3.039  -11.840 -4.766  1.00 23.78 ? 70   TYR A CD1 1 
ATOM   548  C  CD2 . TYR A 1 69  ? -2.007  -10.415 -6.385  1.00 24.93 ? 70   TYR A CD2 1 
ATOM   549  C  CE1 . TYR A 1 69  ? -1.844  -12.056 -4.157  1.00 22.55 ? 70   TYR A CE1 1 
ATOM   550  C  CE2 . TYR A 1 69  ? -0.767  -10.641 -5.757  1.00 25.61 ? 70   TYR A CE2 1 
ATOM   551  C  CZ  . TYR A 1 69  ? -0.726  -11.470 -4.637  1.00 24.01 ? 70   TYR A CZ  1 
ATOM   552  O  OH  . TYR A 1 69  ? 0.426   -11.766 -3.983  1.00 25.11 ? 70   TYR A OH  1 
ATOM   553  N  N   . GLU A 1 70  ? -3.436  -11.991 -8.975  1.00 25.99 ? 71   GLU A N   1 
ATOM   554  C  CA  . GLU A 1 70  ? -2.311  -12.483 -9.724  1.00 27.85 ? 71   GLU A CA  1 
ATOM   555  C  C   . GLU A 1 70  ? -1.456  -11.374 -10.365 1.00 28.74 ? 71   GLU A C   1 
ATOM   556  O  O   . GLU A 1 70  ? -1.907  -10.266 -10.654 1.00 27.64 ? 71   GLU A O   1 
ATOM   557  C  CB  . GLU A 1 70  ? -2.800  -13.507 -10.732 1.00 28.78 ? 71   GLU A CB  1 
ATOM   558  C  CG  . GLU A 1 70  ? -2.749  -13.106 -12.178 1.00 32.29 ? 71   GLU A CG  1 
ATOM   559  C  CD  . GLU A 1 70  ? -2.633  -14.321 -13.085 1.00 37.23 ? 71   GLU A CD  1 
ATOM   560  O  OE1 . GLU A 1 70  ? -3.384  -15.294 -12.838 1.00 41.58 ? 71   GLU A OE1 1 
ATOM   561  O  OE2 . GLU A 1 70  ? -1.809  -14.318 -14.044 1.00 40.79 ? 71   GLU A OE2 1 
ATOM   562  N  N   . CYS A 1 71  ? -0.182  -11.667 -10.549 1.00 30.37 ? 72   CYS A N   1 
ATOM   563  C  CA  . CYS A 1 71  ? 0.695   -10.715 -11.177 1.00 31.59 ? 72   CYS A CA  1 
ATOM   564  C  C   . CYS A 1 71  ? 1.560   -11.475 -12.149 1.00 32.27 ? 72   CYS A C   1 
ATOM   565  O  O   . CYS A 1 71  ? 2.380   -12.255 -11.711 1.00 32.73 ? 72   CYS A O   1 
ATOM   566  C  CB  . CYS A 1 71  ? 1.585   -10.048 -10.147 1.00 31.92 ? 72   CYS A CB  1 
ATOM   567  S  SG  . CYS A 1 71  ? 2.649   -8.767  -10.841 1.00 33.19 ? 72   CYS A SG  1 
ATOM   568  N  N   . THR A 1 72  ? 1.352   -11.260 -13.450 1.00 32.83 ? 73   THR A N   1 
ATOM   569  C  CA  . THR A 1 72  ? 2.152   -11.865 -14.531 1.00 32.97 ? 73   THR A CA  1 
ATOM   570  C  C   . THR A 1 72  ? 2.253   -10.909 -15.699 1.00 31.04 ? 73   THR A C   1 
ATOM   571  O  O   . THR A 1 72  ? 1.297   -10.244 -16.019 1.00 29.63 ? 73   THR A O   1 
ATOM   572  C  CB  . THR A 1 72  ? 1.557   -13.176 -15.075 1.00 33.51 ? 73   THR A CB  1 
ATOM   573  O  OG1 . THR A 1 72  ? 0.344   -12.922 -15.802 1.00 35.75 ? 73   THR A OG1 1 
ATOM   574  C  CG2 . THR A 1 72  ? 1.156   -14.083 -13.948 1.00 37.01 ? 73   THR A CG2 1 
ATOM   575  N  N   . GLN A 1 73  ? 3.417   -10.896 -16.338 1.00 30.04 ? 74   GLN A N   1 
ATOM   576  C  CA  . GLN A 1 73  ? 3.646   -10.128 -17.539 1.00 29.31 ? 74   GLN A CA  1 
ATOM   577  C  C   . GLN A 1 73  ? 3.321   -8.663  -17.355 1.00 28.99 ? 74   GLN A C   1 
ATOM   578  O  O   . GLN A 1 73  ? 2.774   -8.008  -18.246 1.00 28.51 ? 74   GLN A O   1 
ATOM   579  C  CB  . GLN A 1 73  ? 2.833   -10.738 -18.673 1.00 29.43 ? 74   GLN A CB  1 
ATOM   580  C  CG  . GLN A 1 73  ? 3.294   -12.122 -19.027 1.00 28.90 ? 74   GLN A CG  1 
ATOM   581  C  CD  . GLN A 1 73  ? 2.494   -12.752 -20.147 1.00 29.70 ? 74   GLN A CD  1 
ATOM   582  O  OE1 . GLN A 1 73  ? 2.877   -13.798 -20.647 1.00 30.10 ? 74   GLN A OE1 1 
ATOM   583  N  NE2 . GLN A 1 73  ? 1.387   -12.132 -20.534 1.00 30.82 ? 74   GLN A NE2 1 
ATOM   584  N  N   . GLY A 1 74  ? 3.668   -8.155  -16.181 1.00 28.75 ? 75   GLY A N   1 
ATOM   585  C  CA  . GLY A 1 74  ? 3.429   -6.764  -15.836 1.00 28.58 ? 75   GLY A CA  1 
ATOM   586  C  C   . GLY A 1 74  ? 2.009   -6.392  -15.421 1.00 28.45 ? 75   GLY A C   1 
ATOM   587  O  O   . GLY A 1 74  ? 1.718   -5.219  -15.209 1.00 28.77 ? 75   GLY A O   1 
ATOM   588  N  N   . THR A 1 75  ? 1.122   -7.358  -15.299 1.00 28.12 ? 76   THR A N   1 
ATOM   589  C  CA  . THR A 1 75  ? -0.248  -7.066  -14.914 1.00 28.32 ? 76   THR A CA  1 
ATOM   590  C  C   . THR A 1 75  ? -0.668  -7.615  -13.544 1.00 27.84 ? 76   THR A C   1 
ATOM   591  O  O   . THR A 1 75  ? -0.468  -8.780  -13.206 1.00 27.38 ? 76   THR A O   1 
ATOM   592  C  CB  . THR A 1 75  ? -1.221  -7.623  -15.982 1.00 28.68 ? 76   THR A CB  1 
ATOM   593  O  OG1 . THR A 1 75  ? -1.099  -6.888  -17.205 1.00 29.57 ? 76   THR A OG1 1 
ATOM   594  C  CG2 . THR A 1 75  ? -2.653  -7.390  -15.574 1.00 29.64 ? 76   THR A CG2 1 
ATOM   595  N  N   . LEU A 1 76  ? -1.330  -6.755  -12.796 1.00 28.31 ? 77   LEU A N   1 
ATOM   596  C  CA  . LEU A 1 76  ? -1.856  -7.094  -11.485 1.00 28.20 ? 77   LEU A CA  1 
ATOM   597  C  C   . LEU A 1 76  ? -3.361  -7.137  -11.651 1.00 27.78 ? 77   LEU A C   1 
ATOM   598  O  O   . LEU A 1 76  ? -3.968  -6.218  -12.142 1.00 27.81 ? 77   LEU A O   1 
ATOM   599  C  CB  . LEU A 1 76  ? -1.432  -6.015  -10.516 1.00 28.54 ? 77   LEU A CB  1 
ATOM   600  C  CG  . LEU A 1 76  ? -1.153  -6.390  -9.077  1.00 28.50 ? 77   LEU A CG  1 
ATOM   601  C  CD1 . LEU A 1 76  ? -0.187  -7.480  -8.929  1.00 27.77 ? 77   LEU A CD1 1 
ATOM   602  C  CD2 . LEU A 1 76  ? -0.541  -5.149  -8.433  1.00 31.05 ? 77   LEU A CD2 1 
ATOM   603  N  N   . THR A 1 77  ? -3.945  -8.232  -11.255 1.00 27.92 ? 78   THR A N   1 
ATOM   604  C  CA  . THR A 1 77  ? -5.376  -8.479  -11.398 1.00 28.63 ? 78   THR A CA  1 
ATOM   605  C  C   . THR A 1 77  ? -6.039  -9.084  -10.168 1.00 28.48 ? 78   THR A C   1 
ATOM   606  O  O   . THR A 1 77  ? -5.670  -10.173 -9.724  1.00 28.33 ? 78   THR A O   1 
ATOM   607  C  CB  . THR A 1 77  ? -5.612  -9.501  -12.519 1.00 29.03 ? 78   THR A CB  1 
ATOM   608  O  OG1 . THR A 1 77  ? -5.169  -8.968  -13.782 1.00 32.93 ? 78   THR A OG1 1 
ATOM   609  C  CG2 . THR A 1 77  ? -7.105  -9.765  -12.688 1.00 28.62 ? 78   THR A CG2 1 
ATOM   610  N  N   . CYS A 1 78  ? -7.060  -8.418  -9.654  1.00 28.46 ? 79   CYS A N   1 
ATOM   611  C  CA  . CYS A 1 78  ? -7.796  -8.946  -8.537  1.00 28.43 ? 79   CYS A CA  1 
ATOM   612  C  C   . CYS A 1 78  ? -8.850  -9.803  -9.186  1.00 30.65 ? 79   CYS A C   1 
ATOM   613  O  O   . CYS A 1 78  ? -9.604  -9.324  -10.031 1.00 30.75 ? 79   CYS A O   1 
ATOM   614  C  CB  . CYS A 1 78  ? -8.432  -7.828  -7.737  1.00 28.02 ? 79   CYS A CB  1 
ATOM   615  S  SG  . CYS A 1 78  ? -7.252  -6.787  -6.868  1.00 23.02 ? 79   CYS A SG  1 
ATOM   616  N  N   . LYS A 1 79  ? -8.905  -11.075 -8.814  1.00 32.89 ? 80   LYS A N   1 
ATOM   617  C  CA  . LYS A 1 79  ? -9.831  -11.998 -9.458  1.00 34.85 ? 80   LYS A CA  1 
ATOM   618  C  C   . LYS A 1 79  ? -11.295 -11.845 -9.088  1.00 35.57 ? 80   LYS A C   1 
ATOM   619  O  O   . LYS A 1 79  ? -11.657 -11.273 -8.058  1.00 36.24 ? 80   LYS A O   1 
ATOM   620  C  CB  . LYS A 1 79  ? -9.396  -13.425 -9.188  1.00 35.69 ? 80   LYS A CB  1 
ATOM   621  C  CG  . LYS A 1 79  ? -8.023  -13.761 -9.803  1.00 38.14 ? 80   LYS A CG  1 
ATOM   622  C  CD  . LYS A 1 79  ? -7.763  -15.259 -9.738  1.00 41.23 ? 80   LYS A CD  1 
ATOM   623  C  CE  . LYS A 1 79  ? -6.405  -15.650 -10.243 1.00 42.84 ? 80   LYS A CE  1 
ATOM   624  N  NZ  . LYS A 1 79  ? -6.245  -17.141 -10.219 1.00 44.02 ? 80   LYS A NZ  1 
ATOM   625  N  N   . GLY A 1 80  ? -12.150 -12.385 -9.939  1.00 36.30 ? 81   GLY A N   1 
ATOM   626  C  CA  . GLY A 1 80  ? -13.579 -12.295 -9.708  1.00 36.99 ? 81   GLY A CA  1 
ATOM   627  C  C   . GLY A 1 80  ? -14.101 -13.011 -8.460  1.00 37.24 ? 81   GLY A C   1 
ATOM   628  O  O   . GLY A 1 80  ? -15.193 -12.669 -7.989  1.00 37.73 ? 81   GLY A O   1 
ATOM   629  N  N   . ASP A 1 81  ? -13.345 -13.966 -7.913  1.00 36.72 ? 82   ASP A N   1 
ATOM   630  C  CA  . ASP A 1 81  ? -13.806 -14.725 -6.750  1.00 36.62 ? 82   ASP A CA  1 
ATOM   631  C  C   . ASP A 1 81  ? -13.446 -14.115 -5.371  1.00 35.61 ? 82   ASP A C   1 
ATOM   632  O  O   . ASP A 1 81  ? -13.042 -14.830 -4.459  1.00 36.30 ? 82   ASP A O   1 
ATOM   633  C  CB  . ASP A 1 81  ? -13.314 -16.182 -6.839  1.00 36.93 ? 82   ASP A CB  1 
ATOM   634  C  CG  . ASP A 1 81  ? -11.798 -16.324 -6.699  1.00 39.49 ? 82   ASP A CG  1 
ATOM   635  O  OD1 . ASP A 1 81  ? -11.037 -15.552 -7.348  1.00 41.49 ? 82   ASP A OD1 1 
ATOM   636  O  OD2 . ASP A 1 81  ? -11.278 -17.220 -5.981  1.00 41.85 ? 82   ASP A OD2 1 
ATOM   637  N  N   . ASN A 1 82  ? -13.594 -12.805 -5.207  1.00 34.03 ? 83   ASN A N   1 
ATOM   638  C  CA  . ASN A 1 82  ? -13.315 -12.160 -3.925  1.00 32.12 ? 83   ASN A CA  1 
ATOM   639  C  C   . ASN A 1 82  ? -14.647 -11.622 -3.402  1.00 31.21 ? 83   ASN A C   1 
ATOM   640  O  O   . ASN A 1 82  ? -15.442 -11.050 -4.161  1.00 30.89 ? 83   ASN A O   1 
ATOM   641  C  CB  . ASN A 1 82  ? -12.326 -10.979 -4.064  1.00 32.23 ? 83   ASN A CB  1 
ATOM   642  C  CG  . ASN A 1 82  ? -10.857 -11.402 -4.241  1.00 31.31 ? 83   ASN A CG  1 
ATOM   643  O  OD1 . ASN A 1 82  ? -10.280 -12.143 -3.429  1.00 26.04 ? 83   ASN A OD1 1 
ATOM   644  N  ND2 . ASN A 1 82  ? -10.233 -10.871 -5.289  1.00 29.48 ? 83   ASN A ND2 1 
ATOM   645  N  N   . ASN A 1 83  ? -14.915 -11.824 -2.122  1.00 29.50 ? 84   ASN A N   1 
ATOM   646  C  CA  . ASN A 1 83  ? -16.126 -11.305 -1.547  1.00 28.05 ? 84   ASN A CA  1 
ATOM   647  C  C   . ASN A 1 83  ? -15.923 -9.823  -1.398  1.00 27.16 ? 84   ASN A C   1 
ATOM   648  O  O   . ASN A 1 83  ? -14.871 -9.309  -1.741  1.00 26.48 ? 84   ASN A O   1 
ATOM   649  C  CB  . ASN A 1 83  ? -16.389 -11.944 -0.204  1.00 28.05 ? 84   ASN A CB  1 
ATOM   650  C  CG  . ASN A 1 83  ? -15.325 -11.607 0.815   1.00 27.86 ? 84   ASN A CG  1 
ATOM   651  O  OD1 . ASN A 1 83  ? -14.705 -10.549 0.762   1.00 25.55 ? 84   ASN A OD1 1 
ATOM   652  N  ND2 . ASN A 1 83  ? -15.108 -12.521 1.757   1.00 27.02 ? 84   ASN A ND2 1 
ATOM   653  N  N   . ALA A 1 84  ? -16.922 -9.119  -0.913  1.00 26.12 ? 85   ALA A N   1 
ATOM   654  C  CA  . ALA A 1 84  ? -16.793 -7.679  -0.826  1.00 25.90 ? 85   ALA A CA  1 
ATOM   655  C  C   . ALA A 1 84  ? -15.492 -7.237  -0.181  1.00 24.86 ? 85   ALA A C   1 
ATOM   656  O  O   . ALA A 1 84  ? -14.766 -6.417  -0.715  1.00 24.91 ? 85   ALA A O   1 
ATOM   657  C  CB  . ALA A 1 84  ? -17.973 -7.098  -0.073  1.00 26.40 ? 85   ALA A CB  1 
ATOM   658  N  N   . CYS A 1 85  ? -15.215 -7.778  0.983   1.00 24.13 ? 86   CYS A N   1 
ATOM   659  C  CA  . CYS A 1 85  ? -14.023 -7.423  1.740   1.00 23.52 ? 86   CYS A CA  1 
ATOM   660  C  C   . CYS A 1 85  ? -12.728 -7.638  0.997   1.00 23.03 ? 86   CYS A C   1 
ATOM   661  O  O   . CYS A 1 85  ? -11.883 -6.737  0.919   1.00 23.25 ? 86   CYS A O   1 
ATOM   662  C  CB  . CYS A 1 85  ? -13.984 -8.245  3.020   1.00 23.29 ? 86   CYS A CB  1 
ATOM   663  S  SG  . CYS A 1 85  ? -12.470 -7.999  3.929   1.00 21.44 ? 86   CYS A SG  1 
ATOM   664  N  N   . ALA A 1 86  ? -12.567 -8.836  0.467   1.00 22.94 ? 87   ALA A N   1 
ATOM   665  C  CA  . ALA A 1 86  ? -11.357 -9.205  -0.290  1.00 23.44 ? 87   ALA A CA  1 
ATOM   666  C  C   . ALA A 1 86  ? -11.168 -8.306  -1.517  1.00 23.12 ? 87   ALA A C   1 
ATOM   667  O  O   . ALA A 1 86  ? -10.043 -7.890  -1.820  1.00 23.57 ? 87   ALA A O   1 
ATOM   668  C  CB  . ALA A 1 86  ? -11.436 -10.656 -0.746  1.00 23.24 ? 87   ALA A CB  1 
ATOM   669  N  N   . ALA A 1 87  ? -12.284 -8.019  -2.191  1.00 21.88 ? 88   ALA A N   1 
ATOM   670  C  CA  . ALA A 1 87  ? -12.276 -7.223  -3.391  1.00 21.22 ? 88   ALA A CA  1 
ATOM   671  C  C   . ALA A 1 87  ? -11.766 -5.845  -3.061  1.00 20.63 ? 88   ALA A C   1 
ATOM   672  O  O   . ALA A 1 87  ? -10.976 -5.280  -3.803  1.00 19.08 ? 88   ALA A O   1 
ATOM   673  C  CB  . ALA A 1 87  ? -13.695 -7.138  -4.005  1.00 21.07 ? 88   ALA A CB  1 
ATOM   674  N  N   . SER A 1 88  ? -12.233 -5.304  -1.946  1.00 20.21 ? 89   SER A N   1 
ATOM   675  C  CA  . SER A 1 88  ? -11.831 -3.959  -1.552  1.00 20.53 ? 89   SER A CA  1 
ATOM   676  C  C   . SER A 1 88  ? -10.351 -3.797  -1.201  1.00 20.31 ? 89   SER A C   1 
ATOM   677  O  O   . SER A 1 88  ? -9.687  -2.886  -1.678  1.00 19.95 ? 89   SER A O   1 
ATOM   678  C  CB  . SER A 1 88  ? -12.657 -3.527  -0.380  1.00 20.24 ? 89   SER A CB  1 
ATOM   679  O  OG  . SER A 1 88  ? -13.795 -2.861  -0.846  1.00 22.63 ? 89   SER A OG  1 
ATOM   680  N  N   . VAL A 1 89  ? -9.862  -4.686  -0.355  1.00 20.54 ? 90   VAL A N   1 
ATOM   681  C  CA  . VAL A 1 89  ? -8.490  -4.651  0.085   1.00 20.73 ? 90   VAL A CA  1 
ATOM   682  C  C   . VAL A 1 89  ? -7.619  -4.886  -1.119  1.00 20.96 ? 90   VAL A C   1 
ATOM   683  O  O   . VAL A 1 89  ? -6.713  -4.108  -1.398  1.00 21.04 ? 90   VAL A O   1 
ATOM   684  C  CB  . VAL A 1 89  ? -8.216  -5.732  1.120   1.00 21.21 ? 90   VAL A CB  1 
ATOM   685  C  CG1 . VAL A 1 89  ? -6.761  -5.723  1.497   1.00 22.16 ? 90   VAL A CG1 1 
ATOM   686  C  CG2 . VAL A 1 89  ? -9.120  -5.532  2.372   1.00 21.01 ? 90   VAL A CG2 1 
ATOM   687  N  N   . CYS A 1 90  ? -7.902  -5.947  -1.864  1.00 20.91 ? 91   CYS A N   1 
ATOM   688  C  CA  . CYS A 1 90  ? -7.120  -6.209  -3.057  1.00 20.76 ? 91   CYS A CA  1 
ATOM   689  C  C   . CYS A 1 90  ? -6.996  -4.929  -3.901  1.00 20.25 ? 91   CYS A C   1 
ATOM   690  O  O   . CYS A 1 90  ? -5.936  -4.573  -4.381  1.00 19.47 ? 91   CYS A O   1 
ATOM   691  C  CB  . CYS A 1 90  ? -7.748  -7.333  -3.879  1.00 20.78 ? 91   CYS A CB  1 
ATOM   692  S  SG  . CYS A 1 90  ? -6.720  -7.890  -5.265  1.00 21.70 ? 91   CYS A SG  1 
ATOM   693  N  N   . ASP A 1 91  ? -8.095  -4.235  -4.100  1.00 20.58 ? 92   ASP A N   1 
ATOM   694  C  CA  . ASP A 1 91  ? -8.060  -3.056  -4.943  1.00 21.04 ? 92   ASP A CA  1 
ATOM   695  C  C   . ASP A 1 91  ? -7.237  -1.991  -4.238  1.00 20.52 ? 92   ASP A C   1 
ATOM   696  O  O   . ASP A 1 91  ? -6.524  -1.237  -4.844  1.00 20.59 ? 92   ASP A O   1 
ATOM   697  C  CB  . ASP A 1 91  ? -9.466  -2.563  -5.203  1.00 21.54 ? 92   ASP A CB  1 
ATOM   698  C  CG  . ASP A 1 91  ? -9.586  -1.775  -6.467  1.00 23.65 ? 92   ASP A CG  1 
ATOM   699  O  OD1 . ASP A 1 91  ? -9.281  -2.269  -7.580  1.00 26.67 ? 92   ASP A OD1 1 
ATOM   700  O  OD2 . ASP A 1 91  ? -10.010 -0.622  -6.439  1.00 26.46 ? 92   ASP A OD2 1 
ATOM   701  N  N   . CYS A 1 92  ? -7.340  -1.927  -2.931  1.00 19.80 ? 93   CYS A N   1 
ATOM   702  C  CA  . CYS A 1 92  ? -6.564  -0.953  -2.221  1.00 19.32 ? 93   CYS A CA  1 
ATOM   703  C  C   . CYS A 1 92  ? -5.121  -1.237  -2.589  1.00 18.95 ? 93   CYS A C   1 
ATOM   704  O  O   . CYS A 1 92  ? -4.395  -0.376  -3.083  1.00 19.44 ? 93   CYS A O   1 
ATOM   705  C  CB  . CYS A 1 92  ? -6.703  -1.111  -0.718  1.00 19.57 ? 93   CYS A CB  1 
ATOM   706  S  SG  . CYS A 1 92  ? -8.275  -0.664  -0.037  1.00 19.09 ? 93   CYS A SG  1 
ATOM   707  N  N   . ASP A 1 93  ? -4.706  -2.462  -2.345  1.00 18.34 ? 94   ASP A N   1 
ATOM   708  C  CA  . ASP A 1 93  ? -3.341  -2.865  -2.551  1.00 18.21 ? 94   ASP A CA  1 
ATOM   709  C  C   . ASP A 1 93  ? -2.872  -2.713  -4.012  1.00 18.94 ? 94   ASP A C   1 
ATOM   710  O  O   . ASP A 1 93  ? -1.745  -2.291  -4.314  1.00 17.07 ? 94   ASP A O   1 
ATOM   711  C  CB  . ASP A 1 93  ? -3.177  -4.293  -2.113  1.00 17.85 ? 94   ASP A CB  1 
ATOM   712  C  CG  . ASP A 1 93  ? -3.123  -4.418  -0.633  1.00 17.94 ? 94   ASP A CG  1 
ATOM   713  O  OD1 . ASP A 1 93  ? -3.264  -3.354  0.071   1.00 18.33 ? 94   ASP A OD1 1 
ATOM   714  O  OD2 . ASP A 1 93  ? -2.936  -5.532  -0.101  1.00 13.12 ? 94   ASP A OD2 1 
ATOM   715  N  N   . ARG A 1 94  ? -3.735  -3.085  -4.930  1.00 20.05 ? 95   ARG A N   1 
ATOM   716  C  CA  . ARG A 1 94  ? -3.383  -3.031  -6.336  1.00 20.85 ? 95   ARG A CA  1 
ATOM   717  C  C   . ARG A 1 94  ? -3.148  -1.590  -6.743  1.00 21.56 ? 95   ARG A C   1 
ATOM   718  O  O   . ARG A 1 94  ? -2.153  -1.256  -7.395  1.00 21.87 ? 95   ARG A O   1 
ATOM   719  C  CB  . ARG A 1 94  ? -4.510  -3.604  -7.147  1.00 21.13 ? 95   ARG A CB  1 
ATOM   720  C  CG  . ARG A 1 94  ? -4.498  -3.356  -8.610  1.00 22.04 ? 95   ARG A CG  1 
ATOM   721  C  CD  . ARG A 1 94  ? -5.757  -3.928  -9.273  1.00 24.57 ? 95   ARG A CD  1 
ATOM   722  N  NE  . ARG A 1 94  ? -6.054  -3.222  -10.495 1.00 27.83 ? 95   ARG A NE  1 
ATOM   723  C  CZ  . ARG A 1 94  ? -6.709  -2.092  -10.573 1.00 28.87 ? 95   ARG A CZ  1 
ATOM   724  N  NH1 . ARG A 1 94  ? -7.215  -1.523  -9.492  1.00 29.16 ? 95   ARG A NH1 1 
ATOM   725  N  NH2 . ARG A 1 94  ? -6.866  -1.533  -11.766 1.00 31.76 ? 95   ARG A NH2 1 
ATOM   726  N  N   . LEU A 1 95  ? -4.069  -0.718  -6.371  1.00 21.88 ? 96   LEU A N   1 
ATOM   727  C  CA  . LEU A 1 95  ? -3.915  0.672   -6.737  1.00 22.61 ? 96   LEU A CA  1 
ATOM   728  C  C   . LEU A 1 95  ? -2.593  1.239   -6.157  1.00 22.47 ? 96   LEU A C   1 
ATOM   729  O  O   . LEU A 1 95  ? -1.844  1.935   -6.832  1.00 22.55 ? 96   LEU A O   1 
ATOM   730  C  CB  . LEU A 1 95  ? -5.132  1.491   -6.295  1.00 22.85 ? 96   LEU A CB  1 
ATOM   731  C  CG  . LEU A 1 95  ? -6.404  1.296   -7.127  1.00 24.41 ? 96   LEU A CG  1 
ATOM   732  C  CD1 . LEU A 1 95  ? -7.524  2.226   -6.704  1.00 24.57 ? 96   LEU A CD1 1 
ATOM   733  C  CD2 . LEU A 1 95  ? -6.114  1.519   -8.608  1.00 26.18 ? 96   LEU A CD2 1 
ATOM   734  N  N   . ALA A 1 96  ? -2.293  0.919   -4.913  1.00 22.24 ? 97   ALA A N   1 
ATOM   735  C  CA  . ALA A 1 96  ? -1.090  1.434   -4.310  1.00 22.02 ? 97   ALA A CA  1 
ATOM   736  C  C   . ALA A 1 96  ? 0.122   0.895   -5.047  1.00 22.08 ? 97   ALA A C   1 
ATOM   737  O  O   . ALA A 1 96  ? 1.033   1.624   -5.368  1.00 22.31 ? 97   ALA A O   1 
ATOM   738  C  CB  . ALA A 1 96  ? -1.038  1.043   -2.896  1.00 21.94 ? 97   ALA A CB  1 
ATOM   739  N  N   . ALA A 1 97  ? 0.132   -0.392  -5.337  1.00 21.90 ? 98   ALA A N   1 
ATOM   740  C  CA  . ALA A 1 97  ? 1.292   -0.955  -5.992  1.00 21.88 ? 98   ALA A CA  1 
ATOM   741  C  C   . ALA A 1 97  ? 1.567   -0.221  -7.299  1.00 22.29 ? 98   ALA A C   1 
ATOM   742  O  O   . ALA A 1 97  ? 2.711   0.075   -7.605  1.00 21.57 ? 98   ALA A O   1 
ATOM   743  C  CB  . ALA A 1 97  ? 1.119   -2.428  -6.231  1.00 21.54 ? 98   ALA A CB  1 
ATOM   744  N  N   . ILE A 1 98  ? 0.520   0.082   -8.058  1.00 23.16 ? 99   ILE A N   1 
ATOM   745  C  CA  . ILE A 1 98  ? 0.674   0.775   -9.325  1.00 23.80 ? 99   ILE A CA  1 
ATOM   746  C  C   . ILE A 1 98  ? 1.165   2.183   -9.104  1.00 24.66 ? 99   ILE A C   1 
ATOM   747  O  O   . ILE A 1 98  ? 2.014   2.680   -9.830  1.00 24.68 ? 99   ILE A O   1 
ATOM   748  C  CB  . ILE A 1 98  ? -0.636  0.782   -10.050 1.00 24.02 ? 99   ILE A CB  1 
ATOM   749  C  CG1 . ILE A 1 98  ? -0.890  -0.627  -10.638 1.00 25.53 ? 99   ILE A CG1 1 
ATOM   750  C  CG2 . ILE A 1 98  ? -0.636  1.861   -11.120 1.00 24.57 ? 99   ILE A CG2 1 
ATOM   751  C  CD1 . ILE A 1 98  ? -2.180  -0.799  -11.399 1.00 25.99 ? 99   ILE A CD1 1 
ATOM   752  N  N   . CYS A 1 99  ? 0.626   2.834   -8.091  1.00 25.50 ? 100  CYS A N   1 
ATOM   753  C  CA  . CYS A 1 99  ? 1.027   4.187   -7.777  1.00 26.30 ? 100  CYS A CA  1 
ATOM   754  C  C   . CYS A 1 99  ? 2.534   4.174   -7.450  1.00 26.98 ? 100  CYS A C   1 
ATOM   755  O  O   . CYS A 1 99  ? 3.300   5.025   -7.913  1.00 27.31 ? 100  CYS A O   1 
ATOM   756  C  CB  . CYS A 1 99  ? 0.209   4.678   -6.568  1.00 26.54 ? 100  CYS A CB  1 
ATOM   757  S  SG  . CYS A 1 99  ? 0.210   6.451   -6.216  1.00 26.25 ? 100  CYS A SG  1 
ATOM   758  N  N   . PHE A 1 100 ? 2.955   3.209   -6.638  1.00 26.91 ? 101  PHE A N   1 
ATOM   759  C  CA  . PHE A 1 100 ? 4.370   3.109   -6.255  1.00 27.48 ? 101  PHE A CA  1 
ATOM   760  C  C   . PHE A 1 100 ? 5.347   3.116   -7.440  1.00 28.17 ? 101  PHE A C   1 
ATOM   761  O  O   . PHE A 1 100 ? 6.383   3.760   -7.408  1.00 27.66 ? 101  PHE A O   1 
ATOM   762  C  CB  . PHE A 1 100 ? 4.621   1.842   -5.442  1.00 26.95 ? 101  PHE A CB  1 
ATOM   763  C  CG  . PHE A 1 100 ? 4.106   1.899   -4.045  1.00 25.77 ? 101  PHE A CG  1 
ATOM   764  C  CD1 . PHE A 1 100 ? 3.164   2.835   -3.670  1.00 25.30 ? 101  PHE A CD1 1 
ATOM   765  C  CD2 . PHE A 1 100 ? 4.536   0.982   -3.112  1.00 25.05 ? 101  PHE A CD2 1 
ATOM   766  C  CE1 . PHE A 1 100 ? 2.674   2.863   -2.397  1.00 24.99 ? 101  PHE A CE1 1 
ATOM   767  C  CE2 . PHE A 1 100 ? 4.042   1.005   -1.838  1.00 23.47 ? 101  PHE A CE2 1 
ATOM   768  C  CZ  . PHE A 1 100 ? 3.116   1.950   -1.479  1.00 24.62 ? 101  PHE A CZ  1 
ATOM   769  N  N   . ALA A 1 101 ? 5.015   2.349   -8.462  1.00 29.36 ? 102  ALA A N   1 
ATOM   770  C  CA  . ALA A 1 101 ? 5.848   2.218   -9.623  1.00 30.25 ? 102  ALA A CA  1 
ATOM   771  C  C   . ALA A 1 101 ? 5.966   3.527   -10.341 1.00 31.04 ? 102  ALA A C   1 
ATOM   772  O  O   . ALA A 1 101 ? 6.979   3.779   -10.969 1.00 31.33 ? 102  ALA A O   1 
ATOM   773  C  CB  . ALA A 1 101 ? 5.268   1.193   -10.549 1.00 30.62 ? 102  ALA A CB  1 
ATOM   774  N  N   . GLY A 1 102 ? 4.929   4.355   -10.252 1.00 31.74 ? 103  GLY A N   1 
ATOM   775  C  CA  . GLY A 1 102 ? 4.907   5.626   -10.947 1.00 32.19 ? 103  GLY A CA  1 
ATOM   776  C  C   . GLY A 1 102 ? 5.411   6.797   -10.126 1.00 33.10 ? 103  GLY A C   1 
ATOM   777  O  O   . GLY A 1 102 ? 5.551   7.902   -10.653 1.00 32.61 ? 103  GLY A O   1 
ATOM   778  N  N   . ALA A 1 103 ? 5.686   6.560   -8.844  1.00 33.85 ? 104  ALA A N   1 
ATOM   779  C  CA  . ALA A 1 103 ? 6.130   7.617   -7.960  1.00 34.71 ? 104  ALA A CA  1 
ATOM   780  C  C   . ALA A 1 103 ? 7.642   7.612   -7.774  1.00 35.59 ? 104  ALA A C   1 
ATOM   781  O  O   . ALA A 1 103 ? 8.260   6.545   -7.633  1.00 35.81 ? 104  ALA A O   1 
ATOM   782  C  CB  . ALA A 1 103 ? 5.448   7.492   -6.616  1.00 35.10 ? 104  ALA A CB  1 
ATOM   783  N  N   . PRO A 1 104 ? 8.231   8.806   -7.806  1.00 36.12 ? 105  PRO A N   1 
ATOM   784  C  CA  . PRO A 1 104 ? 9.671   8.990   -7.600  1.00 36.67 ? 105  PRO A CA  1 
ATOM   785  C  C   . PRO A 1 104 ? 10.116  8.662   -6.175  1.00 37.29 ? 105  PRO A C   1 
ATOM   786  O  O   . PRO A 1 104 ? 9.356   8.899   -5.252  1.00 37.76 ? 105  PRO A O   1 
ATOM   787  C  CB  . PRO A 1 104 ? 9.849   10.483  -7.878  1.00 36.75 ? 105  PRO A CB  1 
ATOM   788  C  CG  . PRO A 1 104 ? 8.658   10.842  -8.721  1.00 36.16 ? 105  PRO A CG  1 
ATOM   789  C  CD  . PRO A 1 104 ? 7.557   10.077  -8.122  1.00 35.93 ? 105  PRO A CD  1 
ATOM   790  N  N   . TYR A 1 105 ? 11.311  8.118   -5.987  1.00 38.14 ? 106  TYR A N   1 
ATOM   791  C  CA  . TYR A 1 105 ? 11.757  7.766   -4.651  1.00 38.82 ? 106  TYR A CA  1 
ATOM   792  C  C   . TYR A 1 105 ? 12.818  8.741   -4.154  1.00 39.44 ? 106  TYR A C   1 
ATOM   793  O  O   . TYR A 1 105 ? 13.845  8.924   -4.795  1.00 40.00 ? 106  TYR A O   1 
ATOM   794  C  CB  . TYR A 1 105 ? 12.280  6.338   -4.657  1.00 39.03 ? 106  TYR A CB  1 
ATOM   795  C  CG  . TYR A 1 105 ? 12.438  5.732   -3.282  1.00 38.96 ? 106  TYR A CG  1 
ATOM   796  C  CD1 . TYR A 1 105 ? 13.548  6.017   -2.499  1.00 38.60 ? 106  TYR A CD1 1 
ATOM   797  C  CD2 . TYR A 1 105 ? 11.480  4.868   -2.770  1.00 39.57 ? 106  TYR A CD2 1 
ATOM   798  C  CE1 . TYR A 1 105 ? 13.702  5.460   -1.247  1.00 37.93 ? 106  TYR A CE1 1 
ATOM   799  C  CE2 . TYR A 1 105 ? 11.620  4.305   -1.503  1.00 38.86 ? 106  TYR A CE2 1 
ATOM   800  C  CZ  . TYR A 1 105 ? 12.732  4.606   -0.750  1.00 38.65 ? 106  TYR A CZ  1 
ATOM   801  O  OH  . TYR A 1 105 ? 12.851  4.059   0.512   1.00 38.67 ? 106  TYR A OH  1 
ATOM   802  N  N   . ASN A 1 106 ? 12.568  9.392   -3.027  1.00 40.05 ? 107  ASN A N   1 
ATOM   803  C  CA  . ASN A 1 106 ? 13.542  10.330  -2.483  1.00 40.78 ? 107  ASN A CA  1 
ATOM   804  C  C   . ASN A 1 106 ? 14.179  9.785   -1.223  1.00 40.78 ? 107  ASN A C   1 
ATOM   805  O  O   . ASN A 1 106 ? 13.581  9.869   -0.162  1.00 41.16 ? 107  ASN A O   1 
ATOM   806  C  CB  . ASN A 1 106 ? 12.887  11.663  -2.165  1.00 41.05 ? 107  ASN A CB  1 
ATOM   807  C  CG  . ASN A 1 106 ? 13.877  12.668  -1.583  1.00 42.90 ? 107  ASN A CG  1 
ATOM   808  O  OD1 . ASN A 1 106 ? 14.881  12.292  -0.952  1.00 45.45 ? 107  ASN A OD1 1 
ATOM   809  N  ND2 . ASN A 1 106 ? 13.599  13.953  -1.782  1.00 43.71 ? 107  ASN A ND2 1 
ATOM   810  N  N   . ASP A 1 107 ? 15.388  9.242   -1.337  1.00 40.96 ? 108  ASP A N   1 
ATOM   811  C  CA  . ASP A 1 107 ? 16.100  8.648   -0.203  1.00 41.26 ? 108  ASP A CA  1 
ATOM   812  C  C   . ASP A 1 107 ? 15.989  9.489   1.077   1.00 40.62 ? 108  ASP A C   1 
ATOM   813  O  O   . ASP A 1 107 ? 15.990  8.962   2.185   1.00 40.12 ? 108  ASP A O   1 
ATOM   814  C  CB  . ASP A 1 107 ? 17.586  8.449   -0.541  1.00 41.83 ? 108  ASP A CB  1 
ATOM   815  C  CG  . ASP A 1 107 ? 17.820  7.401   -1.634  1.00 44.77 ? 108  ASP A CG  1 
ATOM   816  O  OD1 . ASP A 1 107 ? 16.944  6.538   -1.893  1.00 46.97 ? 108  ASP A OD1 1 
ATOM   817  O  OD2 . ASP A 1 107 ? 18.878  7.357   -2.294  1.00 48.58 ? 108  ASP A OD2 1 
ATOM   818  N  N   . ALA A 1 108 ? 15.907  10.801  0.944   1.00 39.80 ? 109  ALA A N   1 
ATOM   819  C  CA  . ALA A 1 108 ? 15.843  11.624  2.138   1.00 39.57 ? 109  ALA A CA  1 
ATOM   820  C  C   . ALA A 1 108 ? 14.526  11.406  2.902   1.00 38.95 ? 109  ALA A C   1 
ATOM   821  O  O   . ALA A 1 108 ? 14.412  11.730  4.089   1.00 39.05 ? 109  ALA A O   1 
ATOM   822  C  CB  . ALA A 1 108 ? 16.041  13.092  1.772   1.00 39.90 ? 109  ALA A CB  1 
ATOM   823  N  N   . ASN A 1 109 ? 13.538  10.823  2.231   1.00 37.56 ? 110  ASN A N   1 
ATOM   824  C  CA  . ASN A 1 109 ? 12.243  10.624  2.848   1.00 36.22 ? 110  ASN A CA  1 
ATOM   825  C  C   . ASN A 1 109 ? 12.067  9.244   3.495   1.00 35.11 ? 110  ASN A C   1 
ATOM   826  O  O   . ASN A 1 109 ? 10.987  8.898   3.956   1.00 34.53 ? 110  ASN A O   1 
ATOM   827  C  CB  . ASN A 1 109 ? 11.152  10.919  1.829   1.00 36.06 ? 110  ASN A CB  1 
ATOM   828  C  CG  . ASN A 1 109 ? 11.034  12.394  1.532   1.00 35.81 ? 110  ASN A CG  1 
ATOM   829  O  OD1 . ASN A 1 109 ? 10.411  12.787  0.563   1.00 36.70 ? 110  ASN A OD1 1 
ATOM   830  N  ND2 . ASN A 1 109 ? 11.615  13.222  2.385   1.00 34.38 ? 110  ASN A ND2 1 
ATOM   831  N  N   . TYR A 1 110 ? 13.138  8.473   3.550   1.00 33.96 ? 111  TYR A N   1 
ATOM   832  C  CA  . TYR A 1 110 ? 13.084  7.170   4.167   1.00 33.42 ? 111  TYR A CA  1 
ATOM   833  C  C   . TYR A 1 110 ? 13.360  7.272   5.656   1.00 33.52 ? 111  TYR A C   1 
ATOM   834  O  O   . TYR A 1 110 ? 14.374  7.832   6.067   1.00 33.09 ? 111  TYR A O   1 
ATOM   835  C  CB  . TYR A 1 110 ? 14.132  6.231   3.567   1.00 33.37 ? 111  TYR A CB  1 
ATOM   836  C  CG  . TYR A 1 110 ? 14.117  4.842   4.207   1.00 32.84 ? 111  TYR A CG  1 
ATOM   837  C  CD1 . TYR A 1 110 ? 13.072  3.967   3.970   1.00 34.26 ? 111  TYR A CD1 1 
ATOM   838  C  CD2 . TYR A 1 110 ? 15.123  4.428   5.054   1.00 31.67 ? 111  TYR A CD2 1 
ATOM   839  C  CE1 . TYR A 1 110 ? 13.038  2.714   4.545   1.00 35.11 ? 111  TYR A CE1 1 
ATOM   840  C  CE2 . TYR A 1 110 ? 15.105  3.172   5.637   1.00 33.13 ? 111  TYR A CE2 1 
ATOM   841  C  CZ  . TYR A 1 110 ? 14.056  2.315   5.378   1.00 34.32 ? 111  TYR A CZ  1 
ATOM   842  O  OH  . TYR A 1 110 ? 14.000  1.064   5.938   1.00 33.37 ? 111  TYR A OH  1 
ATOM   843  N  N   . ASN A 1 111 ? 12.466  6.697   6.458   1.00 33.49 ? 112  ASN A N   1 
ATOM   844  C  CA  . ASN A 1 111 ? 12.637  6.647   7.900   1.00 33.39 ? 112  ASN A CA  1 
ATOM   845  C  C   . ASN A 1 111 ? 12.742  8.010   8.569   1.00 32.55 ? 112  ASN A C   1 
ATOM   846  O  O   . ASN A 1 111 ? 13.700  8.278   9.288   1.00 32.01 ? 112  ASN A O   1 
ATOM   847  C  CB  . ASN A 1 111 ? 13.888  5.833   8.206   1.00 34.17 ? 112  ASN A CB  1 
ATOM   848  C  CG  . ASN A 1 111 ? 14.116  5.638   9.691   1.00 35.48 ? 112  ASN A CG  1 
ATOM   849  O  OD1 . ASN A 1 111 ? 15.156  5.156   10.087  1.00 38.10 ? 112  ASN A OD1 1 
ATOM   850  N  ND2 . ASN A 1 111 ? 13.142  6.010   10.510  1.00 38.86 ? 112  ASN A ND2 1 
ATOM   851  N  N   . ILE A 1 112 ? 11.750  8.862   8.334   1.00 31.97 ? 113  ILE A N   1 
ATOM   852  C  CA  . ILE A 1 112 ? 11.723  10.202  8.921   1.00 31.41 ? 113  ILE A CA  1 
ATOM   853  C  C   . ILE A 1 112 ? 11.055  10.170  10.285  1.00 30.94 ? 113  ILE A C   1 
ATOM   854  O  O   . ILE A 1 112 ? 10.215  9.331   10.544  1.00 30.63 ? 113  ILE A O   1 
ATOM   855  C  CB  . ILE A 1 112 ? 10.976  11.192  8.006   1.00 31.31 ? 113  ILE A CB  1 
ATOM   856  C  CG1 . ILE A 1 112 ? 9.472   10.886  7.972   1.00 31.01 ? 113  ILE A CG1 1 
ATOM   857  C  CG2 . ILE A 1 112 ? 11.571  11.165  6.613   1.00 31.11 ? 113  ILE A CG2 1 
ATOM   858  C  CD1 . ILE A 1 112 ? 8.635   12.001  7.366   1.00 30.14 ? 113  ILE A CD1 1 
ATOM   859  N  N   . ASP A 1 113 ? 11.433  11.105  11.142  1.00 30.78 ? 114  ASP A N   1 
ATOM   860  C  CA  . ASP A 1 113 ? 10.897  11.217  12.493  1.00 30.65 ? 114  ASP A CA  1 
ATOM   861  C  C   . ASP A 1 113 ? 9.391   11.545  12.551  1.00 30.46 ? 114  ASP A C   1 
ATOM   862  O  O   . ASP A 1 113 ? 8.987   12.697  12.498  1.00 30.88 ? 114  ASP A O   1 
ATOM   863  C  CB  . ASP A 1 113 ? 11.691  12.313  13.203  1.00 30.89 ? 114  ASP A CB  1 
ATOM   864  C  CG  . ASP A 1 113 ? 11.506  12.293  14.670  1.00 30.48 ? 114  ASP A CG  1 
ATOM   865  O  OD1 . ASP A 1 113 ? 10.625  11.531  15.135  1.00 31.95 ? 114  ASP A OD1 1 
ATOM   866  O  OD2 . ASP A 1 113 ? 12.196  13.007  15.423  1.00 28.57 ? 114  ASP A OD2 1 
ATOM   867  N  N   . LEU A 1 114 ? 8.561   10.533  12.692  1.00 30.36 ? 115  LEU A N   1 
ATOM   868  C  CA  . LEU A 1 114 ? 7.132   10.752  12.737  1.00 30.49 ? 115  LEU A CA  1 
ATOM   869  C  C   . LEU A 1 114 ? 6.683   11.662  13.866  1.00 30.27 ? 115  LEU A C   1 
ATOM   870  O  O   . LEU A 1 114 ? 5.826   12.509  13.663  1.00 29.81 ? 115  LEU A O   1 
ATOM   871  C  CB  . LEU A 1 114 ? 6.394   9.417   12.852  1.00 30.59 ? 115  LEU A CB  1 
ATOM   872  C  CG  . LEU A 1 114 ? 6.518   8.500   11.644  1.00 32.80 ? 115  LEU A CG  1 
ATOM   873  C  CD1 . LEU A 1 114 ? 5.661   7.259   11.821  1.00 32.95 ? 115  LEU A CD1 1 
ATOM   874  C  CD2 . LEU A 1 114 ? 6.124   9.237   10.353  1.00 34.40 ? 115  LEU A CD2 1 
ATOM   875  N  N   . LYS A 1 115 ? 7.226   11.475  15.057  1.00 30.39 ? 116  LYS A N   1 
ATOM   876  C  CA  . LYS A 1 115 ? 6.767   12.267  16.189  1.00 31.59 ? 116  LYS A CA  1 
ATOM   877  C  C   . LYS A 1 115 ? 6.925   13.746  15.949  1.00 30.70 ? 116  LYS A C   1 
ATOM   878  O  O   . LYS A 1 115 ? 6.088   14.507  16.418  1.00 30.31 ? 116  LYS A O   1 
ATOM   879  C  CB  . LYS A 1 115 ? 7.480   11.902  17.500  1.00 32.41 ? 116  LYS A CB  1 
ATOM   880  C  CG  . LYS A 1 115 ? 7.299   10.444  17.862  1.00 37.12 ? 116  LYS A CG  1 
ATOM   881  C  CD  . LYS A 1 115 ? 7.954   10.088  19.157  1.00 42.25 ? 116  LYS A CD  1 
ATOM   882  C  CE  . LYS A 1 115 ? 7.789   8.604   19.465  1.00 44.72 ? 116  LYS A CE  1 
ATOM   883  N  NZ  . LYS A 1 115 ? 8.349   8.257   20.837  1.00 47.27 ? 116  LYS A NZ  1 
ATOM   884  N  N   . ALA A 1 116 ? 7.984   14.148  15.242  1.00 29.88 ? 117  ALA A N   1 
ATOM   885  C  CA  . ALA A 1 116 ? 8.257   15.569  15.022  1.00 29.72 ? 117  ALA A CA  1 
ATOM   886  C  C   . ALA A 1 116 ? 7.833   16.132  13.658  1.00 29.71 ? 117  ALA A C   1 
ATOM   887  O  O   . ALA A 1 116 ? 7.577   17.339  13.537  1.00 28.97 ? 117  ALA A O   1 
ATOM   888  C  CB  . ALA A 1 116 ? 9.719   15.836  15.232  1.00 29.67 ? 117  ALA A CB  1 
ATOM   889  N  N   . ARG A 1 117 ? 7.762   15.283  12.633  1.00 29.36 ? 118  ARG A N   1 
ATOM   890  C  CA  . ARG A 1 117 ? 7.459   15.781  11.302  1.00 29.57 ? 118  ARG A CA  1 
ATOM   891  C  C   . ARG A 1 117 ? 6.087   15.418  10.728  1.00 29.21 ? 118  ARG A C   1 
ATOM   892  O  O   . ARG A 1 117 ? 5.745   15.856  9.653   1.00 27.69 ? 118  ARG A O   1 
ATOM   893  C  CB  . ARG A 1 117 ? 8.545   15.328  10.352  1.00 29.95 ? 118  ARG A CB  1 
ATOM   894  C  CG  . ARG A 1 117 ? 9.878   15.900  10.696  1.00 32.04 ? 118  ARG A CG  1 
ATOM   895  C  CD  . ARG A 1 117 ? 11.008  15.296  9.912   1.00 34.74 ? 118  ARG A CD  1 
ATOM   896  N  NE  . ARG A 1 117 ? 10.887  15.606  8.503   1.00 37.56 ? 118  ARG A NE  1 
ATOM   897  C  CZ  . ARG A 1 117 ? 11.753  15.208  7.590   1.00 40.37 ? 118  ARG A CZ  1 
ATOM   898  N  NH1 . ARG A 1 117 ? 12.805  14.478  7.955   1.00 38.05 ? 118  ARG A NH1 1 
ATOM   899  N  NH2 . ARG A 1 117 ? 11.564  15.556  6.313   1.00 41.91 ? 118  ARG A NH2 1 
ATOM   900  N  N   . CYS A 1 118 ? 5.305   14.607  11.414  1.00 29.30 ? 119  CYS A N   1 
ATOM   901  C  CA  . CYS A 1 118 ? 3.994   14.317  10.894  1.00 30.11 ? 119  CYS A CA  1 
ATOM   902  C  C   . CYS A 1 118 ? 2.994   14.703  11.993  1.00 32.04 ? 119  CYS A C   1 
ATOM   903  O  O   . CYS A 1 118 ? 1.950   14.092  12.119  1.00 31.82 ? 119  CYS A O   1 
ATOM   904  C  CB  . CYS A 1 118 ? 3.906   12.855  10.431  1.00 30.07 ? 119  CYS A CB  1 
ATOM   905  S  SG  . CYS A 1 118 ? 5.264   12.316  9.304   1.00 27.03 ? 119  CYS A SG  1 
ATOM   906  N  N   . ASN A 1 119 ? 3.369   15.744  12.763  1.00 34.69 ? 120  ASN A N   1 
ATOM   907  C  CA  . ASN A 1 119 ? 2.648   16.340  13.927  1.00 36.45 ? 120  ASN A CA  1 
ATOM   908  C  C   . ASN A 1 119 ? 2.167   15.428  15.075  1.00 38.03 ? 120  ASN A C   1 
ATOM   909  O  O   . ASN A 1 119 ? 2.499   15.719  16.241  1.00 38.99 ? 120  ASN A O   1 
ATOM   910  C  CB  . ASN A 1 119 ? 1.541   17.287  13.484  1.00 36.45 ? 120  ASN A CB  1 
ATOM   911  C  CG  . ASN A 1 119 ? 0.846   16.835  12.232  1.00 37.34 ? 120  ASN A CG  1 
ATOM   912  O  OD1 . ASN A 1 119 ? 1.345   17.032  11.118  1.00 34.15 ? 120  ASN A OD1 1 
ATOM   913  N  ND2 . ASN A 1 119 ? -0.337  16.242  12.401  1.00 39.39 ? 120  ASN A ND2 1 
ATOM   914  O  OXT . ASN A 1 119 ? 1.448   14.411  14.939  1.00 39.28 ? 120  ASN A OXT 1 
HETATM 915  CA CA  . CA  B 2 .   ? 0.257   3.691   7.484   1.00 5.14  ? 1001 CA  A CA  1 
HETATM 916  F  F3  . NFL C 3 .   ? 5.729   -5.413  8.190   1.00 84.55 ? 2001 NFL A F3  1 
HETATM 917  C  C15 . NFL C 3 .   ? 4.887   -4.865  9.067   1.00 83.99 ? 2001 NFL A C15 1 
HETATM 918  F  F1  . NFL C 3 .   ? 5.624   -4.284  10.011  1.00 85.52 ? 2001 NFL A F1  1 
HETATM 919  F  F2  . NFL C 3 .   ? 4.144   -5.753  9.726   1.00 85.05 ? 2001 NFL A F2  1 
HETATM 920  C  C9  . NFL C 3 .   ? 4.133   -3.703  8.455   1.00 81.51 ? 2001 NFL A C9  1 
HETATM 921  C  C10 . NFL C 3 .   ? 4.310   -3.217  7.134   1.00 79.80 ? 2001 NFL A C10 1 
HETATM 922  C  C11 . NFL C 3 .   ? 3.590   -2.085  6.677   1.00 78.60 ? 2001 NFL A C11 1 
HETATM 923  C  C12 . NFL C 3 .   ? 2.730   -1.473  7.587   1.00 78.80 ? 2001 NFL A C12 1 
HETATM 924  C  C13 . NFL C 3 .   ? 2.574   -1.941  8.888   1.00 79.37 ? 2001 NFL A C13 1 
HETATM 925  C  C14 . NFL C 3 .   ? 3.274   -3.050  9.325   1.00 80.03 ? 2001 NFL A C14 1 
HETATM 926  N  N2  . NFL C 3 .   ? 3.620   -1.486  5.424   1.00 77.08 ? 2001 NFL A N2  1 
HETATM 927  C  C1  . NFL C 3 .   ? 4.324   -1.776  4.266   1.00 75.21 ? 2001 NFL A C1  1 
HETATM 928  N  N1  . NFL C 3 .   ? 5.165   -2.835  4.231   1.00 74.46 ? 2001 NFL A N1  1 
HETATM 929  C  C2  . NFL C 3 .   ? 4.202   -0.959  2.990   1.00 74.64 ? 2001 NFL A C2  1 
HETATM 930  C  C6  . NFL C 3 .   ? 3.318   0.274   2.798   1.00 75.27 ? 2001 NFL A C6  1 
HETATM 931  O  O8  . NFL C 3 .   ? 2.611   0.708   3.700   1.00 75.87 ? 2001 NFL A O8  1 
HETATM 932  O  O7  . NFL C 3 .   ? 3.294   0.875   1.721   1.00 74.42 ? 2001 NFL A O7  1 
HETATM 933  C  C3  . NFL C 3 .   ? 4.972   -1.347  1.887   1.00 73.60 ? 2001 NFL A C3  1 
HETATM 934  C  C4  . NFL C 3 .   ? 5.808   -2.454  1.971   1.00 73.10 ? 2001 NFL A C4  1 
HETATM 935  C  C5  . NFL C 3 .   ? 5.882   -3.174  3.150   1.00 73.18 ? 2001 NFL A C5  1 
HETATM 936  O  O   . HOH D 4 .   ? -11.399 -3.682  12.795  1.00 43.15 ? 2002 HOH A O   1 
HETATM 937  O  O   . HOH D 4 .   ? -17.154 -6.530  -4.333  1.00 23.45 ? 2003 HOH A O   1 
HETATM 938  O  O   . HOH D 4 .   ? 5.192   16.320  6.616   1.00 30.67 ? 2004 HOH A O   1 
HETATM 939  O  O   . HOH D 4 .   ? 2.910   15.443  -3.295  1.00 39.36 ? 2005 HOH A O   1 
HETATM 940  O  O   . HOH D 4 .   ? -9.457  -4.609  -8.168  1.00 26.55 ? 2006 HOH A O   1 
HETATM 941  O  O   . HOH D 4 .   ? -5.837  6.635   7.070   1.00 28.83 ? 2007 HOH A O   1 
HETATM 942  O  O   . HOH D 4 .   ? 14.447  16.009  0.477   1.00 52.46 ? 2008 HOH A O   1 
HETATM 943  O  O   . HOH D 4 .   ? -4.710  2.156   -2.585  1.00 18.68 ? 2009 HOH A O   1 
HETATM 944  O  O   . HOH D 4 .   ? 16.495  8.783   5.100   1.00 41.24 ? 2010 HOH A O   1 
HETATM 945  O  O   . HOH D 4 .   ? -11.128 -5.724  -6.506  1.00 20.87 ? 2011 HOH A O   1 
HETATM 946  O  O   . HOH D 4 .   ? -5.767  -4.540  9.450   1.00 23.69 ? 2012 HOH A O   1 
HETATM 947  O  O   . HOH D 4 .   ? 13.268  14.210  4.739   1.00 29.61 ? 2013 HOH A O   1 
HETATM 948  O  O   . HOH D 4 .   ? -15.875 -4.699  -2.700  1.00 21.17 ? 2014 HOH A O   1 
HETATM 949  O  O   . HOH D 4 .   ? -10.549 -15.054 -2.158  1.00 44.68 ? 2015 HOH A O   1 
HETATM 950  O  O   . HOH D 4 .   ? 17.651  6.920   6.339   1.00 26.48 ? 2016 HOH A O   1 
HETATM 951  O  O   . HOH D 4 .   ? 18.656  10.517  8.868   1.00 54.46 ? 2017 HOH A O   1 
HETATM 952  O  O   . HOH D 4 .   ? -16.326 -15.478 -4.987  1.00 34.33 ? 2018 HOH A O   1 
HETATM 953  O  O   . HOH D 4 .   ? 5.990   6.311   7.741   1.00 31.96 ? 2019 HOH A O   1 
HETATM 954  O  O   . HOH D 4 .   ? -2.818  4.158   -3.461  1.00 28.29 ? 2020 HOH A O   1 
HETATM 955  O  O   . HOH D 4 .   ? 10.283  6.694   10.394  1.00 48.07 ? 2021 HOH A O   1 
HETATM 956  O  O   . HOH D 4 .   ? -13.542 -12.473 9.288   1.00 40.08 ? 2022 HOH A O   1 
HETATM 957  O  O   . HOH D 4 .   ? -2.454  -10.236 -14.038 1.00 40.91 ? 2023 HOH A O   1 
HETATM 958  O  O   . HOH D 4 .   ? 2.355   -1.311  -12.657 1.00 25.62 ? 2024 HOH A O   1 
HETATM 959  O  O   . HOH D 4 .   ? -11.660 -8.555  -6.524  1.00 34.28 ? 2025 HOH A O   1 
HETATM 960  O  O   . HOH D 4 .   ? -11.687 0.349   0.660   1.00 31.22 ? 2026 HOH A O   1 
HETATM 961  O  O   . HOH D 4 .   ? -12.944 -4.650  10.737  1.00 40.48 ? 2027 HOH A O   1 
HETATM 962  O  O   . HOH D 4 .   ? -5.807  -16.629 -2.814  1.00 38.46 ? 2028 HOH A O   1 
HETATM 963  O  O   . HOH D 4 .   ? -0.845  3.338   9.528   1.00 49.38 ? 2029 HOH A O   1 
HETATM 964  O  O   . HOH D 4 .   ? 16.859  0.559   -5.954  1.00 39.09 ? 2030 HOH A O   1 
HETATM 965  O  O   . HOH D 4 .   ? 9.420   7.575   7.276   1.00 15.63 ? 2031 HOH A O   1 
HETATM 966  O  O   . HOH D 4 .   ? 1.963   19.943  7.398   1.00 37.11 ? 2032 HOH A O   1 
HETATM 967  O  O   . HOH D 4 .   ? -13.206 -15.288 1.729   1.00 24.57 ? 2033 HOH A O   1 
HETATM 968  O  O   . HOH D 4 .   ? -7.358  -4.286  -12.909 1.00 25.80 ? 2034 HOH A O   1 
HETATM 969  O  O   . HOH D 4 .   ? 1.895   9.476   10.524  1.00 35.48 ? 2035 HOH A O   1 
HETATM 970  O  O   . HOH D 4 .   ? -3.833  -15.102 -5.270  1.00 15.81 ? 2036 HOH A O   1 
HETATM 971  O  O   . HOH D 4 .   ? -8.959  -17.559 -3.991  1.00 42.44 ? 2037 HOH A O   1 
HETATM 972  O  O   . HOH D 4 .   ? -7.196  3.225   -3.586  1.00 26.84 ? 2038 HOH A O   1 
HETATM 973  O  O   . HOH D 4 .   ? -12.706 0.016   -6.486  1.00 37.30 ? 2039 HOH A O   1 
HETATM 974  O  O   . HOH D 4 .   ? 0.196   -14.835 3.990   1.00 43.88 ? 2040 HOH A O   1 
HETATM 975  O  O   . HOH D 4 .   ? -4.796  -3.388  -12.836 1.00 12.72 ? 2041 HOH A O   1 
HETATM 976  O  O   . HOH D 4 .   ? -14.531 -15.253 -2.299  1.00 38.90 ? 2042 HOH A O   1 
HETATM 977  O  O   . HOH D 4 .   ? 14.201  -5.507  2.011   1.00 36.90 ? 2043 HOH A O   1 
HETATM 978  O  O   . HOH D 4 .   ? -12.604 2.490   9.968   1.00 51.76 ? 2044 HOH A O   1 
HETATM 979  O  O   . HOH D 4 .   ? -17.063 4.981   5.456   1.00 27.65 ? 2045 HOH A O   1 
HETATM 980  O  O   . HOH D 4 .   ? 15.752  9.860   8.551   1.00 45.80 ? 2046 HOH A O   1 
HETATM 981  O  O   . HOH D 4 .   ? -16.805 1.194   3.057   1.00 46.64 ? 2047 HOH A O   1 
HETATM 982  O  O   . HOH D 4 .   ? -18.447 -13.003 -3.967  1.00 35.57 ? 2048 HOH A O   1 
HETATM 983  O  O   . HOH D 4 .   ? -5.655  -0.727  8.842   1.00 54.64 ? 2049 HOH A O   1 
HETATM 984  O  O   . HOH D 4 .   ? 5.038   -1.955  -13.213 1.00 40.38 ? 2050 HOH A O   1 
HETATM 985  O  O   . HOH D 4 .   ? 15.938  3.097   0.357   1.00 44.51 ? 2051 HOH A O   1 
HETATM 986  O  O   . HOH D 4 .   ? -0.886  13.838  14.441  1.00 40.99 ? 2052 HOH A O   1 
HETATM 987  O  O   . HOH D 4 .   ? 9.260   9.486   15.702  1.00 48.41 ? 2053 HOH A O   1 
HETATM 988  O  O   . HOH D 4 .   ? -3.361  5.872   -5.590  1.00 31.95 ? 2054 HOH A O   1 
HETATM 989  O  O   . HOH D 4 .   ? 15.770  13.894  -3.045  1.00 42.83 ? 2055 HOH A O   1 
HETATM 990  O  O   . HOH D 4 .   ? 17.767  4.402   9.076   1.00 39.56 ? 2056 HOH A O   1 
HETATM 991  O  O   . HOH D 4 .   ? 2.014   7.690   -8.774  1.00 41.44 ? 2057 HOH A O   1 
HETATM 992  O  O   . HOH D 4 .   ? -3.509  3.247   -8.623  1.00 64.43 ? 2058 HOH A O   1 
HETATM 993  O  O   . HOH D 4 .   ? 16.547  5.167   12.163  1.00 38.42 ? 2059 HOH A O   1 
HETATM 994  O  O   . HOH D 4 .   ? 8.647   4.620   -6.197  1.00 27.99 ? 2060 HOH A O   1 
HETATM 995  O  O   . HOH D 4 .   ? 5.540   3.915   -13.305 1.00 38.55 ? 2061 HOH A O   1 
HETATM 996  O  O   . HOH D 4 .   ? 11.512  3.218   -11.589 1.00 32.14 ? 2062 HOH A O   1 
HETATM 997  O  O   . HOH D 4 .   ? 0.488   2.539   2.612   1.00 51.18 ? 2063 HOH A O   1 
HETATM 998  O  O   . HOH D 4 .   ? 12.345  0.972   -13.239 1.00 28.10 ? 2064 HOH A O   1 
HETATM 999  O  O   . HOH D 4 .   ? 17.230  7.699   -4.455  1.00 49.85 ? 2065 HOH A O   1 
HETATM 1000 O  O   . HOH D 4 .   ? 8.248   0.027   10.916  1.00 44.22 ? 2066 HOH A O   1 
HETATM 1001 O  O   . HOH D 4 .   ? 10.363  2.532   11.543  1.00 64.92 ? 2067 HOH A O   1 
HETATM 1002 O  O   . HOH D 4 .   ? -3.343  5.587   8.007   1.00 42.45 ? 2068 HOH A O   1 
HETATM 1003 O  O   . HOH D 4 .   ? -10.683 -12.844 -12.094 1.00 64.88 ? 2069 HOH A O   1 
HETATM 1004 O  O   . HOH D 4 .   ? -10.409 -15.242 -12.598 1.00 38.68 ? 2070 HOH A O   1 
HETATM 1005 O  O   . HOH D 4 .   ? -13.189 -19.685 -5.651  1.00 45.94 ? 2071 HOH A O   1 
HETATM 1006 O  O   . HOH D 4 .   ? -10.546 -20.193 -6.127  1.00 54.81 ? 2072 HOH A O   1 
HETATM 1007 O  O   . HOH D 4 .   ? -13.585 -13.878 -0.234  1.00 24.91 ? 2073 HOH A O   1 
HETATM 1008 O  O   . HOH D 4 .   ? -13.345 -1.044  -3.170  1.00 36.23 ? 2074 HOH A O   1 
HETATM 1009 O  O   . HOH D 4 .   ? -10.864 -0.488  -1.861  1.00 23.08 ? 2075 HOH A O   1 
HETATM 1010 O  O   . HOH D 4 .   ? -1.398  7.674   -8.503  1.00 40.93 ? 2076 HOH A O   1 
HETATM 1011 O  O   . HOH D 4 .   ? 10.746  3.212   -7.380  1.00 33.01 ? 2077 HOH A O   1 
HETATM 1012 O  O   . HOH D 4 .   ? 17.674  4.039   -1.402  1.00 58.66 ? 2078 HOH A O   1 
HETATM 1013 O  O   . HOH D 4 .   ? 6.681   18.560  8.973   1.00 20.09 ? 2079 HOH A O   1 
HETATM 1014 O  O   . HOH D 4 .   ? 6.639   13.898  -5.228  1.00 45.11 ? 2080 HOH A O   1 
HETATM 1015 O  O   . HOH D 4 .   ? 12.286  6.263   -8.527  1.00 52.97 ? 2081 HOH A O   1 
HETATM 1016 O  O   . HOH D 4 .   ? -3.093  15.315  3.703   1.00 47.30 ? 2082 HOH A O   1 
HETATM 1017 O  O   . HOH D 4 .   ? -15.741 7.844   4.540   1.00 37.58 ? 2083 HOH A O   1 
HETATM 1018 O  O   . HOH D 4 .   ? -18.265 7.119   3.848   1.00 45.21 ? 2084 HOH A O   1 
HETATM 1019 O  O   . HOH D 4 .   ? -4.469  2.289   7.719   1.00 38.82 ? 2085 HOH A O   1 
HETATM 1020 O  O   . HOH D 4 .   ? -18.316 -3.855  10.464  1.00 70.60 ? 2086 HOH A O   1 
HETATM 1021 O  O   . HOH D 4 .   ? -18.544 -0.532  10.322  1.00 31.67 ? 2087 HOH A O   1 
HETATM 1022 O  O   . HOH D 4 .   ? -10.812 -9.765  6.924   1.00 19.63 ? 2088 HOH A O   1 
HETATM 1023 O  O   . HOH D 4 .   ? -20.779 -4.722  6.614   1.00 39.79 ? 2089 HOH A O   1 
HETATM 1024 O  O   . HOH D 4 .   ? -12.293 -7.959  12.215  1.00 24.87 ? 2090 HOH A O   1 
HETATM 1025 O  O   . HOH D 4 .   ? -13.334 -13.714 12.051  1.00 42.29 ? 2091 HOH A O   1 
HETATM 1026 O  O   . HOH D 4 .   ? 4.891   -8.324  -13.803 1.00 42.08 ? 2092 HOH A O   1 
HETATM 1027 O  O   . HOH D 4 .   ? -2.424  -11.262 -17.287 1.00 46.38 ? 2093 HOH A O   1 
HETATM 1028 O  O   . HOH D 4 .   ? 0.832   -3.455  -13.411 1.00 35.02 ? 2094 HOH A O   1 
HETATM 1029 O  O   . HOH D 4 .   ? -11.880 -7.706  -10.422 1.00 35.58 ? 2095 HOH A O   1 
HETATM 1030 O  O   . HOH D 4 .   ? -16.834 -15.722 -8.120  1.00 47.01 ? 2096 HOH A O   1 
HETATM 1031 O  O   . HOH D 4 .   ? -16.879 -8.700  -4.809  1.00 41.46 ? 2097 HOH A O   1 
HETATM 1032 O  O   . HOH D 4 .   ? 0.705   0.874   5.709   1.00 32.12 ? 2098 HOH A O   1 
HETATM 1033 O  O   . HOH D 4 .   ? 3.657   -8.047  11.227  1.00 54.49 ? 2099 HOH A O   1 
HETATM 1034 O  O   . HOH D 4 .   ? 7.064   -6.260  11.725  1.00 36.35 ? 2100 HOH A O   1 
HETATM 1035 O  O   . HOH D 4 .   ? 9.228   -8.299  12.770  1.00 48.35 ? 2101 HOH A O   1 
HETATM 1036 O  O   . HOH D 4 .   ? -3.846  -6.513  2.036   1.00 13.62 ? 2102 HOH A O   1 
# 
